data_7WMU
# 
_entry.id   7WMU 
# 
_audit_conform.dict_name       mmcif_pdbx.dic 
_audit_conform.dict_version    5.380 
_audit_conform.dict_location   http://mmcif.pdb.org/dictionaries/ascii/mmcif_pdbx.dic 
# 
loop_
_database_2.database_id 
_database_2.database_code 
_database_2.pdbx_database_accession 
_database_2.pdbx_DOI 
PDB   7WMU         pdb_00007wmu 10.2210/pdb7wmu/pdb 
WWPDB D_1300027036 ?            ?                   
# 
_pdbx_database_status.status_code                     REL 
_pdbx_database_status.status_code_sf                  REL 
_pdbx_database_status.status_code_mr                  ? 
_pdbx_database_status.entry_id                        7WMU 
_pdbx_database_status.recvd_initial_deposition_date   2022-01-17 
_pdbx_database_status.SG_entry                        N 
_pdbx_database_status.deposit_site                    PDBJ 
_pdbx_database_status.process_site                    PDBJ 
_pdbx_database_status.status_code_cs                  ? 
_pdbx_database_status.status_code_nmr_data            ? 
_pdbx_database_status.methods_development_category    ? 
_pdbx_database_status.pdb_format_compatible           Y 
# 
loop_
_audit_author.name 
_audit_author.pdbx_ordinal 
_audit_author.identifier_ORCID 
'Li, J.'     1 ? 
'Zhang, C.'  2 ? 
'Xu, H.'     3 ? 
'Zhuang, X.' 4 ? 
'Wu, X.'     5 ? 
'Zhang, Y.'  6 ? 
'Xu, Y.'     7 ? 
# 
_citation.abstract                  ? 
_citation.abstract_id_CAS           ? 
_citation.book_id_ISBN              ? 
_citation.book_publisher            ? 
_citation.book_publisher_city       ? 
_citation.book_title                ? 
_citation.coordinate_linkage        ? 
_citation.country                   US 
_citation.database_id_Medline       ? 
_citation.details                   ? 
_citation.id                        primary 
_citation.journal_abbrev            J.Med.Chem. 
_citation.journal_id_ASTM           JMCMAR 
_citation.journal_id_CSD            0151 
_citation.journal_id_ISSN           0022-2623 
_citation.journal_full              ? 
_citation.journal_issue             ? 
_citation.journal_volume            65 
_citation.language                  ? 
_citation.page_first                5760 
_citation.page_last                 5799 
_citation.title                     
;Structure-Based Discovery and Optimization of Furo[3,2- c ]pyridin-4(5 H )-one Derivatives as Potent and Second Bromodomain (BD2)-Selective Bromo and Extra Terminal Domain (BET) Inhibitors.
;
_citation.year                      2022 
_citation.database_id_CSD           ? 
_citation.pdbx_database_id_DOI      10.1021/acs.jmedchem.2c00100 
_citation.pdbx_database_id_PubMed   35333526 
_citation.pdbx_database_id_patent   ? 
_citation.unpublished_flag          ? 
# 
loop_
_citation_author.citation_id 
_citation_author.name 
_citation_author.ordinal 
_citation_author.identifier_ORCID 
primary 'Li, J.'       1  ?                   
primary 'Zhang, C.'    2  ?                   
primary 'Xu, H.'       3  ?                   
primary 'Wang, C.'     4  ?                   
primary 'Dong, R.'     5  ?                   
primary 'Shen, H.'     6  ?                   
primary 'Zhuang, X.'   7  ?                   
primary 'Chen, X.'     8  ?                   
primary 'Li, Q.'       9  ?                   
primary 'Lu, J.'       10 ?                   
primary 'Zhang, M.'    11 ?                   
primary 'Wu, X.'       12 ?                   
primary 'Loomes, K.M.' 13 0000-0002-7562-3216 
primary 'Zhou, Y.'     14 ?                   
primary 'Zhang, Y.'    15 ?                   
primary 'Liu, J.'      16 0000-0003-2317-0558 
primary 'Xu, Y.'       17 ?                   
# 
_cell.angle_alpha                  90.000 
_cell.angle_alpha_esd              ? 
_cell.angle_beta                   96.510 
_cell.angle_beta_esd               ? 
_cell.angle_gamma                  90.000 
_cell.angle_gamma_esd              ? 
_cell.entry_id                     7WMU 
_cell.details                      ? 
_cell.formula_units_Z              ? 
_cell.length_a                     48.410 
_cell.length_a_esd                 ? 
_cell.length_b                     35.570 
_cell.length_b_esd                 ? 
_cell.length_c                     73.563 
_cell.length_c_esd                 ? 
_cell.volume                       ? 
_cell.volume_esd                   ? 
_cell.Z_PDB                        4 
_cell.reciprocal_angle_alpha       ? 
_cell.reciprocal_angle_beta        ? 
_cell.reciprocal_angle_gamma       ? 
_cell.reciprocal_angle_alpha_esd   ? 
_cell.reciprocal_angle_beta_esd    ? 
_cell.reciprocal_angle_gamma_esd   ? 
_cell.reciprocal_length_a          ? 
_cell.reciprocal_length_b          ? 
_cell.reciprocal_length_c          ? 
_cell.reciprocal_length_a_esd      ? 
_cell.reciprocal_length_b_esd      ? 
_cell.reciprocal_length_c_esd      ? 
_cell.pdbx_unique_axis             ? 
# 
_symmetry.entry_id                         7WMU 
_symmetry.cell_setting                     ? 
_symmetry.Int_Tables_number                5 
_symmetry.space_group_name_Hall            ? 
_symmetry.space_group_name_H-M             'I 1 2 1' 
_symmetry.pdbx_full_space_group_name_H-M   ? 
# 
loop_
_entity.id 
_entity.type 
_entity.src_method 
_entity.pdbx_description 
_entity.formula_weight 
_entity.pdbx_number_of_molecules 
_entity.pdbx_ec 
_entity.pdbx_mutation 
_entity.pdbx_fragment 
_entity.details 
1 polymer     man 'Isoform 4 of Bromodomain-containing protein 2' 15981.218 1   ? ? ? 
'BRD2_HUMAN, P25440, sequence from 320-343 are tags. EGDIHMKKGHHHHHHENLYFQGGS' 
2 non-polymer syn 
;~{N}-[4-[2,4-bis(fluoranyl)phenoxy]-3-[2-(2-cyclobutyl-1~{H}-imidazol-5-yl)-5-methyl-4-oxidanylidene-furo[3,2-c]pyridin-7-yl]phenyl]ethanesulfonamide
;
580.602   1   ? ? ? ?                                                                              
3 non-polymer syn 1,2-ETHANEDIOL 62.068    1   ? ? ? ? 
4 water       nat water 18.015    112 ? ? ? ?                                                                              
# 
_entity_name_com.entity_id   1 
_entity_name_com.name        'O27.1.1,Really interesting new gene 3 protein' 
# 
_entity_poly.entity_id                      1 
_entity_poly.type                           'polypeptide(L)' 
_entity_poly.nstd_linkage                   no 
_entity_poly.nstd_monomer                   no 
_entity_poly.pdbx_seq_one_letter_code       
;EGDIHMKKGHHHHHHENLYFQGGSGKLSEQLKHCNGILKELLSKKHAAYAWPFYKPVDASALGLHDYHDIIKHPMDLSTV
KRKMENRDYRDAQEFAADVRLMFSNCYKYNPPDHDVVAMARKLQDVFEFRYAKMPD
;
_entity_poly.pdbx_seq_one_letter_code_can   
;EGDIHMKKGHHHHHHENLYFQGGSGKLSEQLKHCNGILKELLSKKHAAYAWPFYKPVDASALGLHDYHDIIKHPMDLSTV
KRKMENRDYRDAQEFAADVRLMFSNCYKYNPPDHDVVAMARKLQDVFEFRYAKMPD
;
_entity_poly.pdbx_strand_id                 A 
_entity_poly.pdbx_target_identifier         ? 
# 
loop_
_entity_poly_seq.entity_id 
_entity_poly_seq.num 
_entity_poly_seq.mon_id 
_entity_poly_seq.hetero 
1 1   GLU n 
1 2   GLY n 
1 3   ASP n 
1 4   ILE n 
1 5   HIS n 
1 6   MET n 
1 7   LYS n 
1 8   LYS n 
1 9   GLY n 
1 10  HIS n 
1 11  HIS n 
1 12  HIS n 
1 13  HIS n 
1 14  HIS n 
1 15  HIS n 
1 16  GLU n 
1 17  ASN n 
1 18  LEU n 
1 19  TYR n 
1 20  PHE n 
1 21  GLN n 
1 22  GLY n 
1 23  GLY n 
1 24  SER n 
1 25  GLY n 
1 26  LYS n 
1 27  LEU n 
1 28  SER n 
1 29  GLU n 
1 30  GLN n 
1 31  LEU n 
1 32  LYS n 
1 33  HIS n 
1 34  CYS n 
1 35  ASN n 
1 36  GLY n 
1 37  ILE n 
1 38  LEU n 
1 39  LYS n 
1 40  GLU n 
1 41  LEU n 
1 42  LEU n 
1 43  SER n 
1 44  LYS n 
1 45  LYS n 
1 46  HIS n 
1 47  ALA n 
1 48  ALA n 
1 49  TYR n 
1 50  ALA n 
1 51  TRP n 
1 52  PRO n 
1 53  PHE n 
1 54  TYR n 
1 55  LYS n 
1 56  PRO n 
1 57  VAL n 
1 58  ASP n 
1 59  ALA n 
1 60  SER n 
1 61  ALA n 
1 62  LEU n 
1 63  GLY n 
1 64  LEU n 
1 65  HIS n 
1 66  ASP n 
1 67  TYR n 
1 68  HIS n 
1 69  ASP n 
1 70  ILE n 
1 71  ILE n 
1 72  LYS n 
1 73  HIS n 
1 74  PRO n 
1 75  MET n 
1 76  ASP n 
1 77  LEU n 
1 78  SER n 
1 79  THR n 
1 80  VAL n 
1 81  LYS n 
1 82  ARG n 
1 83  LYS n 
1 84  MET n 
1 85  GLU n 
1 86  ASN n 
1 87  ARG n 
1 88  ASP n 
1 89  TYR n 
1 90  ARG n 
1 91  ASP n 
1 92  ALA n 
1 93  GLN n 
1 94  GLU n 
1 95  PHE n 
1 96  ALA n 
1 97  ALA n 
1 98  ASP n 
1 99  VAL n 
1 100 ARG n 
1 101 LEU n 
1 102 MET n 
1 103 PHE n 
1 104 SER n 
1 105 ASN n 
1 106 CYS n 
1 107 TYR n 
1 108 LYS n 
1 109 TYR n 
1 110 ASN n 
1 111 PRO n 
1 112 PRO n 
1 113 ASP n 
1 114 HIS n 
1 115 ASP n 
1 116 VAL n 
1 117 VAL n 
1 118 ALA n 
1 119 MET n 
1 120 ALA n 
1 121 ARG n 
1 122 LYS n 
1 123 LEU n 
1 124 GLN n 
1 125 ASP n 
1 126 VAL n 
1 127 PHE n 
1 128 GLU n 
1 129 PHE n 
1 130 ARG n 
1 131 TYR n 
1 132 ALA n 
1 133 LYS n 
1 134 MET n 
1 135 PRO n 
1 136 ASP n 
# 
_entity_src_gen.entity_id                          1 
_entity_src_gen.pdbx_src_id                        1 
_entity_src_gen.pdbx_alt_source_flag               sample 
_entity_src_gen.pdbx_seq_type                      'Biological sequence' 
_entity_src_gen.pdbx_beg_seq_num                   1 
_entity_src_gen.pdbx_end_seq_num                   136 
_entity_src_gen.gene_src_common_name               human 
_entity_src_gen.gene_src_genus                     ? 
_entity_src_gen.pdbx_gene_src_gene                 'BRD2, KIAA9001, RING3' 
_entity_src_gen.gene_src_species                   ? 
_entity_src_gen.gene_src_strain                    ? 
_entity_src_gen.gene_src_tissue                    ? 
_entity_src_gen.gene_src_tissue_fraction           ? 
_entity_src_gen.gene_src_details                   ? 
_entity_src_gen.pdbx_gene_src_fragment             ? 
_entity_src_gen.pdbx_gene_src_scientific_name      'Homo sapiens' 
_entity_src_gen.pdbx_gene_src_ncbi_taxonomy_id     9606 
_entity_src_gen.pdbx_gene_src_variant              ? 
_entity_src_gen.pdbx_gene_src_cell_line            ? 
_entity_src_gen.pdbx_gene_src_atcc                 ? 
_entity_src_gen.pdbx_gene_src_organ                ? 
_entity_src_gen.pdbx_gene_src_organelle            ? 
_entity_src_gen.pdbx_gene_src_cell                 ? 
_entity_src_gen.pdbx_gene_src_cellular_location    ? 
_entity_src_gen.host_org_common_name               ? 
_entity_src_gen.pdbx_host_org_scientific_name      'Escherichia coli' 
_entity_src_gen.pdbx_host_org_ncbi_taxonomy_id     562 
_entity_src_gen.host_org_genus                     ? 
_entity_src_gen.pdbx_host_org_gene                 ? 
_entity_src_gen.pdbx_host_org_organ                ? 
_entity_src_gen.host_org_species                   ? 
_entity_src_gen.pdbx_host_org_tissue               ? 
_entity_src_gen.pdbx_host_org_tissue_fraction      ? 
_entity_src_gen.pdbx_host_org_strain               ? 
_entity_src_gen.pdbx_host_org_variant              ? 
_entity_src_gen.pdbx_host_org_cell_line            ? 
_entity_src_gen.pdbx_host_org_atcc                 ? 
_entity_src_gen.pdbx_host_org_culture_collection   ? 
_entity_src_gen.pdbx_host_org_cell                 ? 
_entity_src_gen.pdbx_host_org_organelle            ? 
_entity_src_gen.pdbx_host_org_cellular_location    ? 
_entity_src_gen.pdbx_host_org_vector_type          ? 
_entity_src_gen.pdbx_host_org_vector               ? 
_entity_src_gen.host_org_details                   ? 
_entity_src_gen.expression_system_id               ? 
_entity_src_gen.plasmid_name                       ? 
_entity_src_gen.plasmid_details                    ? 
_entity_src_gen.pdbx_description                   ? 
# 
_struct_ref.id                         1 
_struct_ref.db_name                    UNP 
_struct_ref.db_code                    BRD2_HUMAN 
_struct_ref.pdbx_db_accession          P25440 
_struct_ref.pdbx_db_isoform            P25440-4 
_struct_ref.entity_id                  1 
_struct_ref.pdbx_seq_one_letter_code   
;GKLSEQLKHCNGILKELLSKKHAAYAWPFYKPVDASALGLHDYHDIIKHPMDLSTVKRKMENRDYRDAQEFAADVRLMFS
NCYKYNPPDHDVVAMARKLQDVFEFRYAKMPD
;
_struct_ref.pdbx_align_begin           224 
# 
_struct_ref_seq.align_id                      1 
_struct_ref_seq.ref_id                        1 
_struct_ref_seq.pdbx_PDB_id_code              7WMU 
_struct_ref_seq.pdbx_strand_id                A 
_struct_ref_seq.seq_align_beg                 25 
_struct_ref_seq.pdbx_seq_align_beg_ins_code   ? 
_struct_ref_seq.seq_align_end                 136 
_struct_ref_seq.pdbx_seq_align_end_ins_code   ? 
_struct_ref_seq.pdbx_db_accession             P25440 
_struct_ref_seq.db_align_beg                  224 
_struct_ref_seq.pdbx_db_align_beg_ins_code    ? 
_struct_ref_seq.db_align_end                  335 
_struct_ref_seq.pdbx_db_align_end_ins_code    ? 
_struct_ref_seq.pdbx_auth_seq_align_beg       344 
_struct_ref_seq.pdbx_auth_seq_align_end       455 
# 
loop_
_struct_ref_seq_dif.align_id 
_struct_ref_seq_dif.pdbx_pdb_id_code 
_struct_ref_seq_dif.mon_id 
_struct_ref_seq_dif.pdbx_pdb_strand_id 
_struct_ref_seq_dif.seq_num 
_struct_ref_seq_dif.pdbx_pdb_ins_code 
_struct_ref_seq_dif.pdbx_seq_db_name 
_struct_ref_seq_dif.pdbx_seq_db_accession_code 
_struct_ref_seq_dif.db_mon_id 
_struct_ref_seq_dif.pdbx_seq_db_seq_num 
_struct_ref_seq_dif.details 
_struct_ref_seq_dif.pdbx_auth_seq_num 
_struct_ref_seq_dif.pdbx_ordinal 
1 7WMU GLU A 1  ? UNP P25440 ? ? 'expression tag' 320 1  
1 7WMU GLY A 2  ? UNP P25440 ? ? 'expression tag' 321 2  
1 7WMU ASP A 3  ? UNP P25440 ? ? 'expression tag' 322 3  
1 7WMU ILE A 4  ? UNP P25440 ? ? 'expression tag' 323 4  
1 7WMU HIS A 5  ? UNP P25440 ? ? 'expression tag' 324 5  
1 7WMU MET A 6  ? UNP P25440 ? ? 'expression tag' 325 6  
1 7WMU LYS A 7  ? UNP P25440 ? ? 'expression tag' 326 7  
1 7WMU LYS A 8  ? UNP P25440 ? ? 'expression tag' 327 8  
1 7WMU GLY A 9  ? UNP P25440 ? ? 'expression tag' 328 9  
1 7WMU HIS A 10 ? UNP P25440 ? ? 'expression tag' 329 10 
1 7WMU HIS A 11 ? UNP P25440 ? ? 'expression tag' 330 11 
1 7WMU HIS A 12 ? UNP P25440 ? ? 'expression tag' 331 12 
1 7WMU HIS A 13 ? UNP P25440 ? ? 'expression tag' 332 13 
1 7WMU HIS A 14 ? UNP P25440 ? ? 'expression tag' 333 14 
1 7WMU HIS A 15 ? UNP P25440 ? ? 'expression tag' 334 15 
1 7WMU GLU A 16 ? UNP P25440 ? ? 'expression tag' 335 16 
1 7WMU ASN A 17 ? UNP P25440 ? ? 'expression tag' 336 17 
1 7WMU LEU A 18 ? UNP P25440 ? ? 'expression tag' 337 18 
1 7WMU TYR A 19 ? UNP P25440 ? ? 'expression tag' 338 19 
1 7WMU PHE A 20 ? UNP P25440 ? ? 'expression tag' 339 20 
1 7WMU GLN A 21 ? UNP P25440 ? ? 'expression tag' 340 21 
1 7WMU GLY A 22 ? UNP P25440 ? ? 'expression tag' 341 22 
1 7WMU GLY A 23 ? UNP P25440 ? ? 'expression tag' 342 23 
1 7WMU SER A 24 ? UNP P25440 ? ? 'expression tag' 343 24 
# 
loop_
_chem_comp.id 
_chem_comp.type 
_chem_comp.mon_nstd_flag 
_chem_comp.name 
_chem_comp.pdbx_synonyms 
_chem_comp.formula 
_chem_comp.formula_weight 
ALA 'L-peptide linking' y ALANINE ?                 'C3 H7 N O2'         89.093  
ARG 'L-peptide linking' y ARGININE ?                 'C6 H15 N4 O2 1'     175.209 
ASN 'L-peptide linking' y ASPARAGINE ?                 'C4 H8 N2 O3'        132.118 
ASP 'L-peptide linking' y 'ASPARTIC ACID' ?                 'C4 H7 N O4'         133.103 
CYS 'L-peptide linking' y CYSTEINE ?                 'C3 H7 N O2 S'       121.158 
EDO non-polymer         . 1,2-ETHANEDIOL 'ETHYLENE GLYCOL' 'C2 H6 O2'           62.068  
GLN 'L-peptide linking' y GLUTAMINE ?                 'C5 H10 N2 O3'       146.144 
GLU 'L-peptide linking' y 'GLUTAMIC ACID' ?                 'C5 H9 N O4'         147.129 
GLY 'peptide linking'   y GLYCINE ?                 'C2 H5 N O2'         75.067  
HIS 'L-peptide linking' y HISTIDINE ?                 'C6 H10 N3 O2 1'     156.162 
HOH non-polymer         . WATER ?                 'H2 O'               18.015  
ILE 'L-peptide linking' y ISOLEUCINE ?                 'C6 H13 N O2'        131.173 
JGF non-polymer         . 
;~{N}-[4-[2,4-bis(fluoranyl)phenoxy]-3-[2-(2-cyclobutyl-1~{H}-imidazol-5-yl)-5-methyl-4-oxidanylidene-furo[3,2-c]pyridin-7-yl]phenyl]ethanesulfonamide
;
?                 'C29 H26 F2 N4 O5 S' 580.602 
LEU 'L-peptide linking' y LEUCINE ?                 'C6 H13 N O2'        131.173 
LYS 'L-peptide linking' y LYSINE ?                 'C6 H15 N2 O2 1'     147.195 
MET 'L-peptide linking' y METHIONINE ?                 'C5 H11 N O2 S'      149.211 
PHE 'L-peptide linking' y PHENYLALANINE ?                 'C9 H11 N O2'        165.189 
PRO 'L-peptide linking' y PROLINE ?                 'C5 H9 N O2'         115.130 
SER 'L-peptide linking' y SERINE ?                 'C3 H7 N O3'         105.093 
THR 'L-peptide linking' y THREONINE ?                 'C4 H9 N O3'         119.119 
TRP 'L-peptide linking' y TRYPTOPHAN ?                 'C11 H12 N2 O2'      204.225 
TYR 'L-peptide linking' y TYROSINE ?                 'C9 H11 N O3'        181.189 
VAL 'L-peptide linking' y VALINE ?                 'C5 H11 N O2'        117.146 
# 
_exptl.absorpt_coefficient_mu     ? 
_exptl.absorpt_correction_T_max   ? 
_exptl.absorpt_correction_T_min   ? 
_exptl.absorpt_correction_type    ? 
_exptl.absorpt_process_details    ? 
_exptl.entry_id                   7WMU 
_exptl.crystals_number            1 
_exptl.details                    ? 
_exptl.method                     'X-RAY DIFFRACTION' 
_exptl.method_details             ? 
# 
_exptl_crystal.colour                      ? 
_exptl_crystal.density_diffrn              ? 
_exptl_crystal.density_Matthews            1.97 
_exptl_crystal.density_method              ? 
_exptl_crystal.density_percent_sol         37.53 
_exptl_crystal.description                 ? 
_exptl_crystal.F_000                       ? 
_exptl_crystal.id                          1 
_exptl_crystal.preparation                 ? 
_exptl_crystal.size_max                    ? 
_exptl_crystal.size_mid                    ? 
_exptl_crystal.size_min                    ? 
_exptl_crystal.size_rad                    ? 
_exptl_crystal.colour_lustre               ? 
_exptl_crystal.colour_modifier             ? 
_exptl_crystal.colour_primary              ? 
_exptl_crystal.density_meas                ? 
_exptl_crystal.density_meas_esd            ? 
_exptl_crystal.density_meas_gt             ? 
_exptl_crystal.density_meas_lt             ? 
_exptl_crystal.density_meas_temp           ? 
_exptl_crystal.density_meas_temp_esd       ? 
_exptl_crystal.density_meas_temp_gt        ? 
_exptl_crystal.density_meas_temp_lt        ? 
_exptl_crystal.pdbx_crystal_image_url      ? 
_exptl_crystal.pdbx_crystal_image_format   ? 
_exptl_crystal.pdbx_mosaicity              ? 
_exptl_crystal.pdbx_mosaicity_esd          ? 
# 
_exptl_crystal_grow.apparatus       ? 
_exptl_crystal_grow.atmosphere      ? 
_exptl_crystal_grow.crystal_id      1 
_exptl_crystal_grow.details         ? 
_exptl_crystal_grow.method          'VAPOR DIFFUSION, SITTING DROP' 
_exptl_crystal_grow.method_ref      ? 
_exptl_crystal_grow.pH              ? 
_exptl_crystal_grow.pressure        ? 
_exptl_crystal_grow.pressure_esd    ? 
_exptl_crystal_grow.seeding         ? 
_exptl_crystal_grow.seeding_ref     ? 
_exptl_crystal_grow.temp            277 
_exptl_crystal_grow.temp_details    ? 
_exptl_crystal_grow.temp_esd        ? 
_exptl_crystal_grow.time            ? 
_exptl_crystal_grow.pdbx_details    '0.2 M Sodium chloride, 0.1 M BIS-TRIS pH 5.5, 25% w/v Polyethylene glycol 3,350' 
_exptl_crystal_grow.pdbx_pH_range   ? 
# 
_diffrn.ambient_environment              ? 
_diffrn.ambient_temp                     197 
_diffrn.ambient_temp_details             ? 
_diffrn.ambient_temp_esd                 ? 
_diffrn.crystal_id                       1 
_diffrn.crystal_support                  ? 
_diffrn.crystal_treatment                ? 
_diffrn.details                          ? 
_diffrn.id                               1 
_diffrn.ambient_pressure                 ? 
_diffrn.ambient_pressure_esd             ? 
_diffrn.ambient_pressure_gt              ? 
_diffrn.ambient_pressure_lt              ? 
_diffrn.ambient_temp_gt                  ? 
_diffrn.ambient_temp_lt                  ? 
_diffrn.pdbx_serial_crystal_experiment   N 
# 
_diffrn_detector.details                      ? 
_diffrn_detector.detector                     PIXEL 
_diffrn_detector.diffrn_id                    1 
_diffrn_detector.type                         'DECTRIS PILATUS 6M' 
_diffrn_detector.area_resol_mean              ? 
_diffrn_detector.dtime                        ? 
_diffrn_detector.pdbx_frames_total            ? 
_diffrn_detector.pdbx_collection_time_total   ? 
_diffrn_detector.pdbx_collection_date         2021-05-08 
_diffrn_detector.pdbx_frequency               ? 
# 
_diffrn_radiation.collimation                      ? 
_diffrn_radiation.diffrn_id                        1 
_diffrn_radiation.filter_edge                      ? 
_diffrn_radiation.inhomogeneity                    ? 
_diffrn_radiation.monochromator                    ? 
_diffrn_radiation.polarisn_norm                    ? 
_diffrn_radiation.polarisn_ratio                   ? 
_diffrn_radiation.probe                            ? 
_diffrn_radiation.type                             ? 
_diffrn_radiation.xray_symbol                      ? 
_diffrn_radiation.wavelength_id                    1 
_diffrn_radiation.pdbx_monochromatic_or_laue_m_l   M 
_diffrn_radiation.pdbx_wavelength_list             ? 
_diffrn_radiation.pdbx_wavelength                  ? 
_diffrn_radiation.pdbx_diffrn_protocol             'SINGLE WAVELENGTH' 
_diffrn_radiation.pdbx_analyzer                    ? 
_diffrn_radiation.pdbx_scattering_type             x-ray 
# 
_diffrn_radiation_wavelength.id           1 
_diffrn_radiation_wavelength.wavelength   0.97915 
_diffrn_radiation_wavelength.wt           1.0 
# 
_diffrn_source.current                     ? 
_diffrn_source.details                     ? 
_diffrn_source.diffrn_id                   1 
_diffrn_source.power                       ? 
_diffrn_source.size                        ? 
_diffrn_source.source                      SYNCHROTRON 
_diffrn_source.target                      ? 
_diffrn_source.type                        'SSRF BEAMLINE BL18U1' 
_diffrn_source.voltage                     ? 
_diffrn_source.take-off_angle              ? 
_diffrn_source.pdbx_wavelength_list        0.97915 
_diffrn_source.pdbx_wavelength             ? 
_diffrn_source.pdbx_synchrotron_beamline   BL18U1 
_diffrn_source.pdbx_synchrotron_site       SSRF 
# 
_reflns.B_iso_Wilson_estimate                          ? 
_reflns.entry_id                                       7WMU 
_reflns.data_reduction_details                         ? 
_reflns.data_reduction_method                          ? 
_reflns.d_resolution_high                              1.730 
_reflns.d_resolution_low                               42.45 
_reflns.details                                        ? 
_reflns.limit_h_max                                    ? 
_reflns.limit_h_min                                    ? 
_reflns.limit_k_max                                    ? 
_reflns.limit_k_min                                    ? 
_reflns.limit_l_max                                    ? 
_reflns.limit_l_min                                    ? 
_reflns.number_all                                     ? 
_reflns.number_obs                                     13041 
_reflns.observed_criterion                             ? 
_reflns.observed_criterion_F_max                       ? 
_reflns.observed_criterion_F_min                       ? 
_reflns.observed_criterion_I_max                       ? 
_reflns.observed_criterion_I_min                       ? 
_reflns.observed_criterion_sigma_F                     ? 
_reflns.observed_criterion_sigma_I                     ? 
_reflns.percent_possible_obs                           99.100 
_reflns.R_free_details                                 ? 
_reflns.Rmerge_F_all                                   ? 
_reflns.Rmerge_F_obs                                   ? 
_reflns.Friedel_coverage                               ? 
_reflns.number_gt                                      ? 
_reflns.threshold_expression                           ? 
_reflns.pdbx_redundancy                                5.600 
_reflns.pdbx_Rmerge_I_obs                              0.114 
_reflns.pdbx_Rmerge_I_all                              ? 
_reflns.pdbx_Rsym_value                                ? 
_reflns.pdbx_netI_over_av_sigmaI                       ? 
_reflns.pdbx_netI_over_sigmaI                          13.500 
_reflns.pdbx_res_netI_over_av_sigmaI_2                 ? 
_reflns.pdbx_res_netI_over_sigmaI_2                    ? 
_reflns.pdbx_chi_squared                               ? 
_reflns.pdbx_scaling_rejects                           ? 
_reflns.pdbx_d_res_high_opt                            ? 
_reflns.pdbx_d_res_low_opt                             ? 
_reflns.pdbx_d_res_opt_method                          ? 
_reflns.phase_calculation_details                      ? 
_reflns.pdbx_Rrim_I_all                                0.126 
_reflns.pdbx_Rpim_I_all                                0.052 
_reflns.pdbx_d_opt                                     ? 
_reflns.pdbx_number_measured_all                       ? 
_reflns.pdbx_diffrn_id                                 1 
_reflns.pdbx_ordinal                                   1 
_reflns.pdbx_CC_half                                   0.992 
_reflns.pdbx_CC_star                                   ? 
_reflns.pdbx_R_split                                   ? 
_reflns.pdbx_aniso_diffraction_limit_axis_1_ortho[1]   ? 
_reflns.pdbx_aniso_diffraction_limit_axis_1_ortho[2]   ? 
_reflns.pdbx_aniso_diffraction_limit_axis_1_ortho[3]   ? 
_reflns.pdbx_aniso_diffraction_limit_axis_2_ortho[1]   ? 
_reflns.pdbx_aniso_diffraction_limit_axis_2_ortho[2]   ? 
_reflns.pdbx_aniso_diffraction_limit_axis_2_ortho[3]   ? 
_reflns.pdbx_aniso_diffraction_limit_axis_3_ortho[1]   ? 
_reflns.pdbx_aniso_diffraction_limit_axis_3_ortho[2]   ? 
_reflns.pdbx_aniso_diffraction_limit_axis_3_ortho[3]   ? 
_reflns.pdbx_aniso_diffraction_limit_1                 ? 
_reflns.pdbx_aniso_diffraction_limit_2                 ? 
_reflns.pdbx_aniso_diffraction_limit_3                 ? 
_reflns.pdbx_aniso_B_tensor_eigenvector_1_ortho[1]     ? 
_reflns.pdbx_aniso_B_tensor_eigenvector_1_ortho[2]     ? 
_reflns.pdbx_aniso_B_tensor_eigenvector_1_ortho[3]     ? 
_reflns.pdbx_aniso_B_tensor_eigenvector_2_ortho[1]     ? 
_reflns.pdbx_aniso_B_tensor_eigenvector_2_ortho[2]     ? 
_reflns.pdbx_aniso_B_tensor_eigenvector_2_ortho[3]     ? 
_reflns.pdbx_aniso_B_tensor_eigenvector_3_ortho[1]     ? 
_reflns.pdbx_aniso_B_tensor_eigenvector_3_ortho[2]     ? 
_reflns.pdbx_aniso_B_tensor_eigenvector_3_ortho[3]     ? 
_reflns.pdbx_aniso_B_tensor_eigenvalue_1               ? 
_reflns.pdbx_aniso_B_tensor_eigenvalue_2               ? 
_reflns.pdbx_aniso_B_tensor_eigenvalue_3               ? 
_reflns.pdbx_orthogonalization_convention              ? 
_reflns.pdbx_percent_possible_ellipsoidal              ? 
_reflns.pdbx_percent_possible_spherical                ? 
_reflns.pdbx_percent_possible_ellipsoidal_anomalous    ? 
_reflns.pdbx_percent_possible_spherical_anomalous      ? 
_reflns.pdbx_redundancy_anomalous                      ? 
_reflns.pdbx_CC_half_anomalous                         ? 
_reflns.pdbx_absDiff_over_sigma_anomalous              ? 
_reflns.pdbx_percent_possible_anomalous                ? 
_reflns.pdbx_observed_signal_threshold                 ? 
_reflns.pdbx_signal_type                               ? 
_reflns.pdbx_signal_details                            ? 
_reflns.pdbx_signal_software_id                        ? 
# 
loop_
_reflns_shell.d_res_high 
_reflns_shell.d_res_low 
_reflns_shell.meanI_over_sigI_all 
_reflns_shell.meanI_over_sigI_obs 
_reflns_shell.number_measured_all 
_reflns_shell.number_measured_obs 
_reflns_shell.number_possible 
_reflns_shell.number_unique_all 
_reflns_shell.number_unique_obs 
_reflns_shell.percent_possible_all 
_reflns_shell.percent_possible_obs 
_reflns_shell.Rmerge_F_all 
_reflns_shell.Rmerge_F_obs 
_reflns_shell.Rmerge_I_all 
_reflns_shell.Rmerge_I_obs 
_reflns_shell.meanI_over_sigI_gt 
_reflns_shell.meanI_over_uI_all 
_reflns_shell.meanI_over_uI_gt 
_reflns_shell.number_measured_gt 
_reflns_shell.number_unique_gt 
_reflns_shell.percent_possible_gt 
_reflns_shell.Rmerge_F_gt 
_reflns_shell.Rmerge_I_gt 
_reflns_shell.pdbx_redundancy 
_reflns_shell.pdbx_Rsym_value 
_reflns_shell.pdbx_chi_squared 
_reflns_shell.pdbx_netI_over_sigmaI_all 
_reflns_shell.pdbx_netI_over_sigmaI_obs 
_reflns_shell.pdbx_Rrim_I_all 
_reflns_shell.pdbx_Rpim_I_all 
_reflns_shell.pdbx_rejects 
_reflns_shell.pdbx_ordinal 
_reflns_shell.pdbx_diffrn_id 
_reflns_shell.pdbx_CC_half 
_reflns_shell.pdbx_CC_star 
_reflns_shell.pdbx_R_split 
_reflns_shell.pdbx_percent_possible_ellipsoidal 
_reflns_shell.pdbx_percent_possible_spherical 
_reflns_shell.pdbx_percent_possible_ellipsoidal_anomalous 
_reflns_shell.pdbx_percent_possible_spherical_anomalous 
_reflns_shell.pdbx_redundancy_anomalous 
_reflns_shell.pdbx_CC_half_anomalous 
_reflns_shell.pdbx_absDiff_over_sigma_anomalous 
_reflns_shell.pdbx_percent_possible_anomalous 
1.730 1.760  ? ? 3966 ? ? ? 710 98.100 ? ? ? ? 0.819 ? ? ? ? ? ? ? ? 5.600 ? ? ? 3.800  0.905 0.377 ? 1 1 0.772 ? ? ? ? ? ? ? ? ? 
? 
8.990 38.240 ? ? 632  ? ? ? 106 98.900 ? ? ? ? 0.044 ? ? ? ? ? ? ? ? 6.000 ? ? ? 29.200 0.052 0.025 ? 2 1 0.915 ? ? ? ? ? ? ? ? ? 
? 
# 
_refine.aniso_B[1][1]                            0.7800 
_refine.aniso_B[1][2]                            0.0000 
_refine.aniso_B[1][3]                            -0.2900 
_refine.aniso_B[2][2]                            -0.3500 
_refine.aniso_B[2][3]                            -0.0000 
_refine.aniso_B[3][3]                            -0.3600 
_refine.B_iso_max                                68.580 
_refine.B_iso_mean                               16.5340 
_refine.B_iso_min                                8.320 
_refine.correlation_coeff_Fo_to_Fc               0.9640 
_refine.correlation_coeff_Fo_to_Fc_free          0.9550 
_refine.details                                  
'HYDROGENS HAVE BEEN ADDED IN THE RIDING POSITIONS U VALUES      : REFINED INDIVIDUALLY' 
_refine.diff_density_max                         ? 
_refine.diff_density_max_esd                     ? 
_refine.diff_density_min                         ? 
_refine.diff_density_min_esd                     ? 
_refine.diff_density_rms                         ? 
_refine.diff_density_rms_esd                     ? 
_refine.entry_id                                 7WMU 
_refine.pdbx_refine_id                           'X-RAY DIFFRACTION' 
_refine.ls_abs_structure_details                 ? 
_refine.ls_abs_structure_Flack                   ? 
_refine.ls_abs_structure_Flack_esd               ? 
_refine.ls_abs_structure_Rogers                  ? 
_refine.ls_abs_structure_Rogers_esd              ? 
_refine.ls_d_res_high                            1.7300 
_refine.ls_d_res_low                             42.4500 
_refine.ls_extinction_coef                       ? 
_refine.ls_extinction_coef_esd                   ? 
_refine.ls_extinction_expression                 ? 
_refine.ls_extinction_method                     ? 
_refine.ls_goodness_of_fit_all                   ? 
_refine.ls_goodness_of_fit_all_esd               ? 
_refine.ls_goodness_of_fit_obs                   ? 
_refine.ls_goodness_of_fit_obs_esd               ? 
_refine.ls_hydrogen_treatment                    ? 
_refine.ls_matrix_type                           ? 
_refine.ls_number_constraints                    ? 
_refine.ls_number_parameters                     ? 
_refine.ls_number_reflns_all                     ? 
_refine.ls_number_reflns_obs                     12375 
_refine.ls_number_reflns_R_free                  656 
_refine.ls_number_reflns_R_work                  ? 
_refine.ls_number_restraints                     ? 
_refine.ls_percent_reflns_obs                    98.7000 
_refine.ls_percent_reflns_R_free                 5.0000 
_refine.ls_R_factor_all                          ? 
_refine.ls_R_factor_obs                          0.1518 
_refine.ls_R_factor_R_free                       0.1847 
_refine.ls_R_factor_R_free_error                 ? 
_refine.ls_R_factor_R_free_error_details         ? 
_refine.ls_R_factor_R_work                       0.1501 
_refine.ls_R_Fsqd_factor_obs                     ? 
_refine.ls_R_I_factor_obs                        ? 
_refine.ls_redundancy_reflns_all                 ? 
_refine.ls_redundancy_reflns_obs                 ? 
_refine.ls_restrained_S_all                      ? 
_refine.ls_restrained_S_obs                      ? 
_refine.ls_shift_over_esd_max                    ? 
_refine.ls_shift_over_esd_mean                   ? 
_refine.ls_structure_factor_coef                 ? 
_refine.ls_weighting_details                     ? 
_refine.ls_weighting_scheme                      ? 
_refine.ls_wR_factor_all                         ? 
_refine.ls_wR_factor_obs                         ? 
_refine.ls_wR_factor_R_free                      ? 
_refine.ls_wR_factor_R_work                      ? 
_refine.occupancy_max                            ? 
_refine.occupancy_min                            ? 
_refine.solvent_model_details                    MASK 
_refine.solvent_model_param_bsol                 ? 
_refine.solvent_model_param_ksol                 ? 
_refine.pdbx_R_complete                          ? 
_refine.ls_R_factor_gt                           ? 
_refine.ls_goodness_of_fit_gt                    ? 
_refine.ls_goodness_of_fit_ref                   ? 
_refine.ls_shift_over_su_max                     ? 
_refine.ls_shift_over_su_max_lt                  ? 
_refine.ls_shift_over_su_mean                    ? 
_refine.ls_shift_over_su_mean_lt                 ? 
_refine.pdbx_ls_sigma_I                          ? 
_refine.pdbx_ls_sigma_F                          0.000 
_refine.pdbx_ls_sigma_Fsqd                       ? 
_refine.pdbx_data_cutoff_high_absF               ? 
_refine.pdbx_data_cutoff_high_rms_absF           ? 
_refine.pdbx_data_cutoff_low_absF                ? 
_refine.pdbx_isotropic_thermal_model             ? 
_refine.pdbx_ls_cross_valid_method               THROUGHOUT 
_refine.pdbx_method_to_determine_struct          'MOLECULAR REPLACEMENT' 
_refine.pdbx_starting_model                      4QEW 
_refine.pdbx_stereochemistry_target_values       'MAXIMUM LIKELIHOOD' 
_refine.pdbx_R_Free_selection_details            RANDOM 
_refine.pdbx_stereochem_target_val_spec_case     ? 
_refine.pdbx_overall_ESU_R                       0.1020 
_refine.pdbx_overall_ESU_R_Free                  0.0990 
_refine.pdbx_solvent_vdw_probe_radii             1.2000 
_refine.pdbx_solvent_ion_probe_radii             0.8000 
_refine.pdbx_solvent_shrinkage_radii             0.8000 
_refine.pdbx_real_space_R                        ? 
_refine.pdbx_density_correlation                 ? 
_refine.pdbx_pd_number_of_powder_patterns        ? 
_refine.pdbx_pd_number_of_points                 ? 
_refine.pdbx_pd_meas_number_of_points            ? 
_refine.pdbx_pd_proc_ls_prof_R_factor            ? 
_refine.pdbx_pd_proc_ls_prof_wR_factor           ? 
_refine.pdbx_pd_Marquardt_correlation_coeff      ? 
_refine.pdbx_pd_Fsqrd_R_factor                   ? 
_refine.pdbx_pd_ls_matrix_band_width             ? 
_refine.pdbx_overall_phase_error                 ? 
_refine.pdbx_overall_SU_R_free_Cruickshank_DPI   ? 
_refine.pdbx_overall_SU_R_free_Blow_DPI          ? 
_refine.pdbx_overall_SU_R_Blow_DPI               ? 
_refine.pdbx_TLS_residual_ADP_flag               ? 
_refine.pdbx_diffrn_id                           1 
_refine.overall_SU_B                             1.9570 
_refine.overall_SU_ML                            0.0640 
_refine.overall_SU_R_Cruickshank_DPI             ? 
_refine.overall_SU_R_free                        ? 
_refine.overall_FOM_free_R_set                   ? 
_refine.overall_FOM_work_R_set                   ? 
_refine.pdbx_average_fsc_overall                 ? 
_refine.pdbx_average_fsc_work                    ? 
_refine.pdbx_average_fsc_free                    ? 
# 
_refine_hist.pdbx_refine_id                   'X-RAY DIFFRACTION' 
_refine_hist.cycle_id                         final 
_refine_hist.details                          ? 
_refine_hist.d_res_high                       1.7300 
_refine_hist.d_res_low                        42.4500 
_refine_hist.number_atoms_solvent             112 
_refine_hist.number_atoms_total               1119 
_refine_hist.number_reflns_all                ? 
_refine_hist.number_reflns_obs                ? 
_refine_hist.number_reflns_R_free             ? 
_refine_hist.number_reflns_R_work             ? 
_refine_hist.R_factor_all                     ? 
_refine_hist.R_factor_obs                     ? 
_refine_hist.R_factor_R_free                  ? 
_refine_hist.R_factor_R_work                  ? 
_refine_hist.pdbx_number_residues_total       112 
_refine_hist.pdbx_B_iso_mean_ligand           14.50 
_refine_hist.pdbx_B_iso_mean_solvent          25.96 
_refine_hist.pdbx_number_atoms_protein        921 
_refine_hist.pdbx_number_atoms_nucleic_acid   0 
_refine_hist.pdbx_number_atoms_ligand         86 
_refine_hist.pdbx_number_atoms_lipid          ? 
_refine_hist.pdbx_number_atoms_carb           ? 
_refine_hist.pdbx_pseudo_atom_details         ? 
# 
loop_
_refine_ls_restr.pdbx_refine_id 
_refine_ls_restr.criterion 
_refine_ls_restr.dev_ideal 
_refine_ls_restr.dev_ideal_target 
_refine_ls_restr.number 
_refine_ls_restr.rejects 
_refine_ls_restr.type 
_refine_ls_restr.weight 
_refine_ls_restr.pdbx_restraint_function 
'X-RAY DIFFRACTION' ? 0.017  0.020  1075 ? r_bond_refined_d       ? ? 
'X-RAY DIFFRACTION' ? 0.003  0.020  960  ? r_bond_other_d         ? ? 
'X-RAY DIFFRACTION' ? 1.782  2.055  1464 ? r_angle_refined_deg    ? ? 
'X-RAY DIFFRACTION' ? 1.252  3.015  2234 ? r_angle_other_deg      ? ? 
'X-RAY DIFFRACTION' ? 4.694  5.000  119  ? r_dihedral_angle_1_deg ? ? 
'X-RAY DIFFRACTION' ? 31.510 23.830 47   ? r_dihedral_angle_2_deg ? ? 
'X-RAY DIFFRACTION' ? 13.127 15.000 181  ? r_dihedral_angle_3_deg ? ? 
'X-RAY DIFFRACTION' ? 23.670 15.000 5    ? r_dihedral_angle_4_deg ? ? 
'X-RAY DIFFRACTION' ? 0.092  0.200  137  ? r_chiral_restr         ? ? 
'X-RAY DIFFRACTION' ? 0.009  0.021  1179 ? r_gen_planes_refined   ? ? 
'X-RAY DIFFRACTION' ? 0.002  0.020  226  ? r_gen_planes_other     ? ? 
# 
_refine_ls_shell.pdbx_refine_id                   'X-RAY DIFFRACTION' 
_refine_ls_shell.d_res_high                       1.7300 
_refine_ls_shell.d_res_low                        1.7750 
_refine_ls_shell.number_reflns_all                960 
_refine_ls_shell.number_reflns_obs                ? 
_refine_ls_shell.number_reflns_R_free             47 
_refine_ls_shell.number_reflns_R_work             913 
_refine_ls_shell.percent_reflns_obs               97.5600 
_refine_ls_shell.percent_reflns_R_free            ? 
_refine_ls_shell.R_factor_all                     ? 
_refine_ls_shell.R_factor_obs                     ? 
_refine_ls_shell.R_factor_R_free                  0.2540 
_refine_ls_shell.R_factor_R_free_error            0.0000 
_refine_ls_shell.R_factor_R_work                  0.1930 
_refine_ls_shell.redundancy_reflns_all            ? 
_refine_ls_shell.redundancy_reflns_obs            ? 
_refine_ls_shell.wR_factor_all                    ? 
_refine_ls_shell.wR_factor_obs                    ? 
_refine_ls_shell.wR_factor_R_free                 ? 
_refine_ls_shell.wR_factor_R_work                 ? 
_refine_ls_shell.pdbx_R_complete                  ? 
_refine_ls_shell.pdbx_total_number_of_bins_used   20 
_refine_ls_shell.pdbx_phase_error                 ? 
_refine_ls_shell.pdbx_fsc_work                    ? 
_refine_ls_shell.pdbx_fsc_free                    ? 
# 
_struct.entry_id                     7WMU 
_struct.title                        
'Crystal Structure of the second bromodomain of human BRD2 in complex with the inhibitor Y13146' 
_struct.pdbx_model_details           ? 
_struct.pdbx_formula_weight          ? 
_struct.pdbx_formula_weight_method   ? 
_struct.pdbx_model_type_details      ? 
_struct.pdbx_CASP_flag               N 
# 
_struct_keywords.entry_id        7WMU 
_struct_keywords.text            'BRD2-BD2, Bromodomain, Inhibitor, PROTEIN BINDING' 
_struct_keywords.pdbx_keywords   'PROTEIN BINDING' 
# 
loop_
_struct_asym.id 
_struct_asym.pdbx_blank_PDB_chainid_flag 
_struct_asym.pdbx_modified 
_struct_asym.entity_id 
_struct_asym.details 
A N N 1 ? 
B N N 2 ? 
C N N 3 ? 
D N N 4 ? 
# 
loop_
_struct_conf.conf_type_id 
_struct_conf.id 
_struct_conf.pdbx_PDB_helix_id 
_struct_conf.beg_label_comp_id 
_struct_conf.beg_label_asym_id 
_struct_conf.beg_label_seq_id 
_struct_conf.pdbx_beg_PDB_ins_code 
_struct_conf.end_label_comp_id 
_struct_conf.end_label_asym_id 
_struct_conf.end_label_seq_id 
_struct_conf.pdbx_end_PDB_ins_code 
_struct_conf.beg_auth_comp_id 
_struct_conf.beg_auth_asym_id 
_struct_conf.beg_auth_seq_id 
_struct_conf.end_auth_comp_id 
_struct_conf.end_auth_asym_id 
_struct_conf.end_auth_seq_id 
_struct_conf.pdbx_PDB_helix_class 
_struct_conf.details 
_struct_conf.pdbx_PDB_helix_length 
HELX_P HELX_P1 AA1 SER A 28  ? LEU A 42  ? SER A 347 LEU A 361 1 ? 15 
HELX_P HELX_P2 AA2 SER A 43  ? LYS A 45  ? SER A 362 LYS A 364 5 ? 3  
HELX_P HELX_P3 AA3 HIS A 46  ? TRP A 51  ? HIS A 365 TRP A 370 1 ? 6  
HELX_P HELX_P4 AA4 PRO A 52  ? TYR A 54  ? PRO A 371 TYR A 373 5 ? 3  
HELX_P HELX_P5 AA5 ASP A 58  ? GLY A 63  ? ASP A 377 GLY A 382 1 ? 6  
HELX_P HELX_P6 AA6 ASP A 66  ? ILE A 71  ? ASP A 385 ILE A 390 1 ? 6  
HELX_P HELX_P7 AA7 ASP A 76  ? ASN A 86  ? ASP A 395 ASN A 405 1 ? 11 
HELX_P HELX_P8 AA8 ASP A 91  ? ASN A 110 ? ASP A 410 ASN A 429 1 ? 20 
HELX_P HELX_P9 AA9 HIS A 114 ? LYS A 133 ? HIS A 433 LYS A 452 1 ? 20 
# 
_struct_conf_type.id          HELX_P 
_struct_conf_type.criteria    ? 
_struct_conf_type.reference   ? 
# 
_atom_sites.entry_id                    7WMU 
_atom_sites.Cartn_transf_matrix[1][1]   ? 
_atom_sites.Cartn_transf_matrix[1][2]   ? 
_atom_sites.Cartn_transf_matrix[1][3]   ? 
_atom_sites.Cartn_transf_matrix[2][1]   ? 
_atom_sites.Cartn_transf_matrix[2][2]   ? 
_atom_sites.Cartn_transf_matrix[2][3]   ? 
_atom_sites.Cartn_transf_matrix[3][1]   ? 
_atom_sites.Cartn_transf_matrix[3][2]   ? 
_atom_sites.Cartn_transf_matrix[3][3]   ? 
_atom_sites.Cartn_transf_vector[1]      ? 
_atom_sites.Cartn_transf_vector[2]      ? 
_atom_sites.Cartn_transf_vector[3]      ? 
_atom_sites.fract_transf_matrix[1][1]   -0.00072349 
_atom_sites.fract_transf_matrix[1][2]   -0.01830227 
_atom_sites.fract_transf_matrix[1][3]   -0.00983769 
_atom_sites.fract_transf_matrix[2][1]   -0.01310685 
_atom_sites.fract_transf_matrix[2][2]   -0.01137164 
_atom_sites.fract_transf_matrix[2][3]   0.02211998 
_atom_sites.fract_transf_matrix[3][1]   -0.01207071 
_atom_sites.fract_transf_matrix[3][2]   0.00200428 
_atom_sites.fract_transf_matrix[3][3]   -0.00612193 
_atom_sites.fract_transf_vector[1]      -0.200238 
_atom_sites.fract_transf_vector[2]      -0.496529 
_atom_sites.fract_transf_vector[3]      -0.085637 
_atom_sites.solution_primary            ? 
_atom_sites.solution_secondary          ? 
_atom_sites.solution_hydrogens          ? 
_atom_sites.special_details             ? 
# 
loop_
_atom_type.symbol 
C 
F 
N 
O 
S 
# 
loop_
_atom_site.group_PDB 
_atom_site.id 
_atom_site.type_symbol 
_atom_site.label_atom_id 
_atom_site.label_alt_id 
_atom_site.label_comp_id 
_atom_site.label_asym_id 
_atom_site.label_entity_id 
_atom_site.label_seq_id 
_atom_site.pdbx_PDB_ins_code 
_atom_site.Cartn_x 
_atom_site.Cartn_y 
_atom_site.Cartn_z 
_atom_site.occupancy 
_atom_site.B_iso_or_equiv 
_atom_site.pdbx_formal_charge 
_atom_site.auth_seq_id 
_atom_site.auth_comp_id 
_atom_site.auth_asym_id 
_atom_site.auth_atom_id 
_atom_site.pdbx_PDB_model_num 
ATOM   1    N N   . GLY A 1 25  ? -1.423  21.397  -9.679  1.00 31.94 ? 344 GLY A N   1 
ATOM   2    C CA  . GLY A 1 25  ? -1.815  20.589  -8.499  1.00 27.49 ? 344 GLY A CA  1 
ATOM   3    C C   . GLY A 1 25  ? -3.241  20.072  -8.442  1.00 26.06 ? 344 GLY A C   1 
ATOM   4    O O   . GLY A 1 25  ? -3.632  19.476  -7.441  1.00 21.73 ? 344 GLY A O   1 
ATOM   5    N N   . LYS A 1 26  ? -4.040  20.300  -9.492  1.00 24.26 ? 345 LYS A N   1 
ATOM   6    C CA  . LYS A 1 26  ? -5.379  19.740  -9.552  1.00 26.76 ? 345 LYS A CA  1 
ATOM   7    C C   . LYS A 1 26  ? -5.346  18.274  -10.034 1.00 25.98 ? 345 LYS A C   1 
ATOM   8    O O   . LYS A 1 26  ? -4.879  17.989  -11.125 1.00 25.56 ? 345 LYS A O   1 
ATOM   9    C CB  . LYS A 1 26  ? -6.327  20.552  -10.457 1.00 28.87 ? 345 LYS A CB  1 
ATOM   10   C CG  . LYS A 1 26  ? -7.720  19.940  -10.442 1.00 31.46 ? 345 LYS A CG  1 
ATOM   11   C CD  . LYS A 1 26  ? -8.798  20.831  -10.982 1.00 35.27 ? 345 LYS A CD  1 
ATOM   12   C CE  . LYS A 1 26  ? -10.131 20.134  -10.765 1.00 38.22 ? 345 LYS A CE  1 
ATOM   13   N NZ  . LYS A 1 26  ? -11.226 21.081  -11.081 1.00 43.70 ? 345 LYS A NZ  1 
ATOM   14   N N   . LEU A 1 27  ? -5.831  17.364  -9.197  1.00 23.08 ? 346 LEU A N   1 
ATOM   15   C CA  . LEU A 1 27  ? -5.918  15.963  -9.544  1.00 23.12 ? 346 LEU A CA  1 
ATOM   16   C C   . LEU A 1 27  ? -6.987  15.729  -10.633 1.00 23.07 ? 346 LEU A C   1 
ATOM   17   O O   . LEU A 1 27  ? -8.020  16.396  -10.646 1.00 22.98 ? 346 LEU A O   1 
ATOM   18   C CB  . LEU A 1 27  ? -6.245  15.163  -8.275  1.00 21.65 ? 346 LEU A CB  1 
ATOM   19   C CG  . LEU A 1 27  ? -5.174  15.104  -7.176  1.00 22.32 ? 346 LEU A CG  1 
ATOM   20   C CD1 . LEU A 1 27  ? -5.700  14.403  -5.938  1.00 22.81 ? 346 LEU A CD1 1 
ATOM   21   C CD2 . LEU A 1 27  ? -3.949  14.374  -7.662  1.00 23.27 ? 346 LEU A CD2 1 
ATOM   22   N N   . SER A 1 28  ? -6.768  14.766  -11.527 1.00 21.33 ? 347 SER A N   1 
ATOM   23   C CA  . SER A 1 28  ? -7.866  14.319  -12.403 1.00 20.91 ? 347 SER A CA  1 
ATOM   24   C C   . SER A 1 28  ? -8.970  13.707  -11.556 1.00 19.33 ? 347 SER A C   1 
ATOM   25   O O   . SER A 1 28  ? -8.760  13.404  -10.381 1.00 20.02 ? 347 SER A O   1 
ATOM   26   C CB  . SER A 1 28  ? -7.372  13.262  -13.368 1.00 21.44 ? 347 SER A CB  1 
ATOM   27   O OG  . SER A 1 28  ? -6.929  12.131  -12.635 1.00 19.97 ? 347 SER A OG  1 
ATOM   28   N N   . GLU A 1 29  ? -10.134 13.489  -12.138 1.00 20.53 ? 348 GLU A N   1 
ATOM   29   C CA  . GLU A 1 29  ? -11.218 12.842  -11.424 1.00 22.71 ? 348 GLU A CA  1 
ATOM   30   C C   . GLU A 1 29  ? -10.829 11.416  -10.923 1.00 18.78 ? 348 GLU A C   1 
ATOM   31   O O   . GLU A 1 29  ? -11.121 11.033  -9.809  1.00 20.04 ? 348 GLU A O   1 
ATOM   32   C CB  . GLU A 1 29  ? -12.493 12.815  -12.313 1.00 28.27 ? 348 GLU A CB  1 
ATOM   33   C CG  . GLU A 1 29  ? -13.828 13.005  -11.580 1.00 37.09 ? 348 GLU A CG  1 
ATOM   34   C CD  . GLU A 1 29  ? -13.919 14.249  -10.673 1.00 40.53 ? 348 GLU A CD  1 
ATOM   35   O OE1 . GLU A 1 29  ? -14.622 14.180  -9.648  1.00 48.37 ? 348 GLU A OE1 1 
ATOM   36   O OE2 . GLU A 1 29  ? -13.288 15.292  -10.944 1.00 48.15 ? 348 GLU A OE2 1 
ATOM   37   N N   . GLN A 1 30  ? -10.132 10.669  -11.750 1.00 19.04 ? 349 GLN A N   1 
ATOM   38   C CA  . GLN A 1 30  ? -9.654  9.329   -11.342 1.00 17.74 ? 349 GLN A CA  1 
ATOM   39   C C   . GLN A 1 30  ? -8.634  9.420   -10.196 1.00 15.25 ? 349 GLN A C   1 
ATOM   40   O O   . GLN A 1 30  ? -8.689  8.648   -9.253  1.00 14.43 ? 349 GLN A O   1 
ATOM   41   C CB  . GLN A 1 30  ? -9.053  8.584   -12.523 1.00 18.33 ? 349 GLN A CB  1 
ATOM   42   C CG  . GLN A 1 30  ? -10.120 8.096   -13.528 1.00 20.74 ? 349 GLN A CG  1 
ATOM   43   C CD  . GLN A 1 30  ? -9.644  6.907   -14.346 1.00 23.05 ? 349 GLN A CD  1 
ATOM   44   O OE1 . GLN A 1 30  ? -8.447  6.736   -14.582 1.00 26.10 ? 349 GLN A OE1 1 
ATOM   45   N NE2 . GLN A 1 30  ? -10.589 6.036   -14.723 1.00 26.20 ? 349 GLN A NE2 1 
ATOM   46   N N   . LEU A 1 31  ? -7.708  10.353  -10.278 1.00 14.57 ? 350 LEU A N   1 
ATOM   47   C CA  . LEU A 1 31  ? -6.735  10.459  -9.163  1.00 14.50 ? 350 LEU A CA  1 
ATOM   48   C C   . LEU A 1 31  ? -7.351  11.079  -7.882  1.00 14.40 ? 350 LEU A C   1 
ATOM   49   O O   . LEU A 1 31  ? -6.934  10.796  -6.768  1.00 12.91 ? 350 LEU A O   1 
ATOM   50   C CB  . LEU A 1 31  ? -5.455  11.148  -9.614  1.00 16.22 ? 350 LEU A CB  1 
ATOM   51   C CG  . LEU A 1 31  ? -4.493  10.224  -10.385 1.00 17.46 ? 350 LEU A CG  1 
ATOM   52   C CD1 . LEU A 1 31  ? -3.367  11.006  -11.048 1.00 17.94 ? 350 LEU A CD1 1 
ATOM   53   C CD2 . LEU A 1 31  ? -3.937  9.136   -9.461  1.00 19.12 ? 350 LEU A CD2 1 
ATOM   54   N N   . LYS A 1 32  ? -8.417  11.860  -8.014  1.00 14.11 ? 351 LYS A N   1 
ATOM   55   C CA  . LYS A 1 32  ? -9.120  12.324  -6.825  1.00 15.37 ? 351 LYS A CA  1 
ATOM   56   C C   . LYS A 1 32  ? -9.778  11.142  -6.128  1.00 14.01 ? 351 LYS A C   1 
ATOM   57   O O   . LYS A 1 32  ? -9.785  11.029  -4.913  1.00 15.39 ? 351 LYS A O   1 
ATOM   58   C CB  . LYS A 1 32  ? -10.170 13.378  -7.207  1.00 18.19 ? 351 LYS A CB  1 
ATOM   59   C CG  . LYS A 1 32  ? -10.723 14.156  -6.040  1.00 24.40 ? 351 LYS A CG  1 
ATOM   60   C CD  . LYS A 1 32  ? -11.667 15.294  -6.485  1.00 29.60 ? 351 LYS A CD  1 
ATOM   61   C CE  . LYS A 1 32  ? -12.325 15.928  -5.242  1.00 34.08 ? 351 LYS A CE  1 
ATOM   62   N NZ  . LYS A 1 32  ? -13.277 17.044  -5.550  1.00 36.92 ? 351 LYS A NZ  1 
ATOM   63   N N   . HIS A 1 33  ? -10.327 10.226  -6.919  1.00 14.12 ? 352 HIS A N   1 
ATOM   64   C CA  . HIS A 1 33  ? -10.892 9.015   -6.395  1.00 14.26 ? 352 HIS A CA  1 
ATOM   65   C C   . HIS A 1 33  ? -9.848  8.228   -5.660  1.00 13.46 ? 352 HIS A C   1 
ATOM   66   O O   . HIS A 1 33  ? -10.101 7.765   -4.538  1.00 13.80 ? 352 HIS A O   1 
ATOM   67   C CB  . HIS A 1 33  ? -11.529 8.185   -7.502  1.00 16.03 ? 352 HIS A CB  1 
ATOM   68   C CG  . HIS A 1 33  ? -12.221 6.956   -7.009  1.00 16.95 ? 352 HIS A CG  1 
ATOM   69   N ND1 . HIS A 1 33  ? -13.512 6.961   -6.522  1.00 18.22 ? 352 HIS A ND1 1 
ATOM   70   C CD2 . HIS A 1 33  ? -11.799 5.669   -6.948  1.00 17.19 ? 352 HIS A CD2 1 
ATOM   71   C CE1 . HIS A 1 33  ? -13.835 5.731   -6.152  1.00 18.55 ? 352 HIS A CE1 1 
ATOM   72   N NE2 . HIS A 1 33  ? -12.817 4.932   -6.411  1.00 18.40 ? 352 HIS A NE2 1 
ATOM   73   N N   . CYS A 1 34  ? -8.681  8.078   -6.300  1.00 12.98 ? 353 CYS A N   1 
ATOM   74   C CA  . CYS A 1 34  ? -7.549  7.414   -5.670  1.00 12.96 ? 353 CYS A CA  1 
ATOM   75   C C   . CYS A 1 34  ? -7.117  8.084   -4.385  1.00 12.07 ? 353 CYS A C   1 
ATOM   76   O O   . CYS A 1 34  ? -6.793  7.415   -3.413  1.00 11.63 ? 353 CYS A O   1 
ATOM   77   C CB  . CYS A 1 34  ? -6.375  7.327   -6.628  1.00 13.09 ? 353 CYS A CB  1 
ATOM   78   S SG  . CYS A 1 34  ? -6.712  6.201   -7.981  1.00 15.85 ? 353 CYS A SG  1 
ATOM   79   N N   . ASN A 1 35  ? -7.119  9.413   -4.346  1.00 12.91 ? 354 ASN A N   1 
ATOM   80   C CA  . ASN A 1 35  ? -6.753  10.125  -3.125  1.00 12.78 ? 354 ASN A CA  1 
ATOM   81   C C   . ASN A 1 35  ? -7.745  9.775   -1.997  1.00 12.80 ? 354 ASN A C   1 
ATOM   82   O O   . ASN A 1 35  ? -7.366  9.569   -0.835  1.00 12.58 ? 354 ASN A O   1 
ATOM   83   C CB  . ASN A 1 35  ? -6.622  11.632  -3.426  1.00 13.41 ? 354 ASN A CB  1 
ATOM   84   C CG  . ASN A 1 35  ? -5.895  12.384  -2.346  1.00 14.08 ? 354 ASN A CG  1 
ATOM   85   O OD1 . ASN A 1 35  ? -5.066  11.825  -1.610  1.00 13.82 ? 354 ASN A OD1 1 
ATOM   86   N ND2 . ASN A 1 35  ? -6.201  13.693  -2.252  1.00 16.07 ? 354 ASN A ND2 1 
ATOM   87   N N   . GLY A 1 36  ? -9.033  9.710   -2.336  1.00 12.04 ? 355 GLY A N   1 
ATOM   88   C CA  . GLY A 1 36  ? -10.036 9.221   -1.424  1.00 12.30 ? 355 GLY A CA  1 
ATOM   89   C C   . GLY A 1 36  ? -9.778  7.843   -0.871  1.00 12.17 ? 355 GLY A C   1 
ATOM   90   O O   . GLY A 1 36  ? -9.985  7.589   0.320   1.00 13.22 ? 355 GLY A O   1 
ATOM   91   N N   . ILE A 1 37  ? -9.296  6.933   -1.721  1.00 11.68 ? 356 ILE A N   1 
ATOM   92   C CA  . ILE A 1 37  ? -9.001  5.589   -1.300  1.00 12.33 ? 356 ILE A CA  1 
ATOM   93   C C   . ILE A 1 37  ? -7.835  5.637   -0.318  1.00 11.43 ? 356 ILE A C   1 
ATOM   94   O O   . ILE A 1 37  ? -7.878  5.013   0.734   1.00 12.48 ? 356 ILE A O   1 
ATOM   95   C CB  . ILE A 1 37  ? -8.621  4.667   -2.471  1.00 12.64 ? 356 ILE A CB  1 
ATOM   96   C CG1 . ILE A 1 37  ? -9.806  4.498   -3.408  1.00 12.99 ? 356 ILE A CG1 1 
ATOM   97   C CG2 . ILE A 1 37  ? -8.188  3.297   -1.973  1.00 13.26 ? 356 ILE A CG2 1 
ATOM   98   C CD1 . ILE A 1 37  ? -9.517  3.788   -4.702  1.00 12.78 ? 356 ILE A CD1 1 
ATOM   99   N N   . LEU A 1 38  ? -6.809  6.385   -0.674  1.00 11.56 ? 357 LEU A N   1 
ATOM   100  C CA  . LEU A 1 38  ? -5.619  6.479   0.170   1.00 12.35 ? 357 LEU A CA  1 
ATOM   101  C C   . LEU A 1 38  ? -5.997  7.000   1.552   1.00 13.37 ? 357 LEU A C   1 
ATOM   102  O O   . LEU A 1 38  ? -5.585  6.449   2.565   1.00 12.94 ? 357 LEU A O   1 
ATOM   103  C CB  . LEU A 1 38  ? -4.545  7.374   -0.496  1.00 13.00 ? 357 LEU A CB  1 
ATOM   104  C CG  . LEU A 1 38  ? -3.295  7.662   0.326   1.00 14.42 ? 357 LEU A CG  1 
ATOM   105  C CD1 . LEU A 1 38  ? -2.560  6.347   0.632   1.00 15.13 ? 357 LEU A CD1 1 
ATOM   106  C CD2 . LEU A 1 38  ? -2.503  8.642   -0.520  1.00 15.42 ? 357 LEU A CD2 1 
ATOM   107  N N   A LYS A 1 39  ? -6.836  8.024   1.592   0.50 14.45 ? 358 LYS A N   1 
ATOM   108  N N   B LYS A 1 39  ? -6.835  8.041   1.577   0.50 14.08 ? 358 LYS A N   1 
ATOM   109  C CA  A LYS A 1 39  ? -7.258  8.574   2.873   0.50 15.95 ? 358 LYS A CA  1 
ATOM   110  C CA  B LYS A 1 39  ? -7.344  8.598   2.839   0.50 15.25 ? 358 LYS A CA  1 
ATOM   111  C C   A LYS A 1 39  ? -8.040  7.550   3.703   0.50 15.26 ? 358 LYS A C   1 
ATOM   112  C C   B LYS A 1 39  ? -8.016  7.531   3.688   0.50 14.86 ? 358 LYS A C   1 
ATOM   113  O O   A LYS A 1 39  ? -7.835  7.449   4.911   0.50 15.93 ? 358 LYS A O   1 
ATOM   114  O O   B LYS A 1 39  ? -7.750  7.409   4.883   0.50 15.41 ? 358 LYS A O   1 
ATOM   115  C CB  A LYS A 1 39  ? -7.986  9.889   2.653   0.50 17.37 ? 358 LYS A CB  1 
ATOM   116  C CB  B LYS A 1 39  ? -8.328  9.735   2.586   0.50 16.30 ? 358 LYS A CB  1 
ATOM   117  C CG  A LYS A 1 39  ? -7.043  10.936  2.095   0.50 18.79 ? 358 LYS A CG  1 
ATOM   118  C CG  B LYS A 1 39  ? -8.964  10.250  3.867   0.50 16.93 ? 358 LYS A CG  1 
ATOM   119  C CD  A LYS A 1 39  ? -7.699  12.244  1.695   0.50 21.08 ? 358 LYS A CD  1 
ATOM   120  C CD  B LYS A 1 39  ? -10.030 11.299  3.637   0.50 18.36 ? 358 LYS A CD  1 
ATOM   121  C CE  A LYS A 1 39  ? -6.609  13.280  1.464   0.50 21.90 ? 358 LYS A CE  1 
ATOM   122  C CE  B LYS A 1 39  ? -10.599 11.767  4.965   0.50 19.32 ? 358 LYS A CE  1 
ATOM   123  N NZ  A LYS A 1 39  ? -7.135  14.647  1.206   0.50 23.55 ? 358 LYS A NZ  1 
ATOM   124  N NZ  B LYS A 1 39  ? -11.444 12.974  4.778   0.50 21.25 ? 358 LYS A NZ  1 
ATOM   125  N N   . GLU A 1 40  ? -8.871  6.744   3.043   1.00 15.26 ? 359 GLU A N   1 
ATOM   126  C CA  . GLU A 1 40  ? -9.566  5.667   3.706   1.00 15.74 ? 359 GLU A CA  1 
ATOM   127  C C   . GLU A 1 40  ? -8.578  4.613   4.235   1.00 14.92 ? 359 GLU A C   1 
ATOM   128  O O   . GLU A 1 40  ? -8.662  4.230   5.399   1.00 14.74 ? 359 GLU A O   1 
ATOM   129  C CB  . GLU A 1 40  ? -10.586 5.011   2.767   1.00 16.68 ? 359 GLU A CB  1 
ATOM   130  C CG  . GLU A 1 40  ? -11.246 3.850   3.495   1.00 18.90 ? 359 GLU A CG  1 
ATOM   131  C CD  . GLU A 1 40  ? -12.513 3.312   2.884   1.00 23.05 ? 359 GLU A CD  1 
ATOM   132  O OE1 . GLU A 1 40  ? -12.947 3.770   1.807   1.00 25.95 ? 359 GLU A OE1 1 
ATOM   133  O OE2 . GLU A 1 40  ? -13.062 2.416   3.555   1.00 22.61 ? 359 GLU A OE2 1 
ATOM   134  N N   . LEU A 1 41  ? -7.589  4.218   3.419   1.00 13.38 ? 360 LEU A N   1 
ATOM   135  C CA  . LEU A 1 41  ? -6.586  3.222   3.892   1.00 13.26 ? 360 LEU A CA  1 
ATOM   136  C C   . LEU A 1 41  ? -5.782  3.702   5.129   1.00 14.03 ? 360 LEU A C   1 
ATOM   137  O O   . LEU A 1 41  ? -5.328  2.882   5.913   1.00 12.99 ? 360 LEU A O   1 
ATOM   138  C CB  . LEU A 1 41  ? -5.603  2.822   2.795   1.00 14.13 ? 360 LEU A CB  1 
ATOM   139  C CG  . LEU A 1 41  ? -6.197  2.265   1.509   1.00 14.53 ? 360 LEU A CG  1 
ATOM   140  C CD1 . LEU A 1 41  ? -5.088  1.934   0.522   1.00 15.82 ? 360 LEU A CD1 1 
ATOM   141  C CD2 . LEU A 1 41  ? -7.039  1.023   1.762   1.00 15.55 ? 360 LEU A CD2 1 
ATOM   142  N N   . LEU A 1 42  ? -5.605  5.030   5.263   1.00 13.98 ? 361 LEU A N   1 
ATOM   143  C CA  . LEU A 1 42  ? -4.882  5.623   6.352   1.00 14.79 ? 361 LEU A CA  1 
ATOM   144  C C   . LEU A 1 42  ? -5.767  6.001   7.541   1.00 15.26 ? 361 LEU A C   1 
ATOM   145  O O   . LEU A 1 42  ? -5.248  6.526   8.540   1.00 14.53 ? 361 LEU A O   1 
ATOM   146  C CB  . LEU A 1 42  ? -4.129  6.847   5.830   1.00 15.26 ? 361 LEU A CB  1 
ATOM   147  C CG  . LEU A 1 42  ? -2.875  6.524   4.956   1.00 16.43 ? 361 LEU A CG  1 
ATOM   148  C CD1 . LEU A 1 42  ? -2.385  7.811   4.272   1.00 17.30 ? 361 LEU A CD1 1 
ATOM   149  C CD2 . LEU A 1 42  ? -1.758  5.938   5.800   1.00 17.80 ? 361 LEU A CD2 1 
ATOM   150  N N   . SER A 1 43  ? -7.067  5.766   7.438   1.00 16.62 ? 362 SER A N   1 
ATOM   151  C CA  . SER A 1 43  ? -8.040  6.266   8.417   1.00 18.76 ? 362 SER A CA  1 
ATOM   152  C C   . SER A 1 43  ? -8.139  5.342   9.621   1.00 20.50 ? 362 SER A C   1 
ATOM   153  O O   . SER A 1 43  ? -7.732  4.168   9.584   1.00 15.88 ? 362 SER A O   1 
ATOM   154  C CB  . SER A 1 43  ? -9.414  6.415   7.784   1.00 19.01 ? 362 SER A CB  1 
ATOM   155  O OG  . SER A 1 43  ? -9.984  5.162   7.469   1.00 18.54 ? 362 SER A OG  1 
ATOM   156  N N   . LYS A 1 44  ? -8.733  5.866   10.701  1.00 20.21 ? 363 LYS A N   1 
ATOM   157  C CA  . LYS A 1 44  ? -8.898  5.033   11.909  1.00 24.29 ? 363 LYS A CA  1 
ATOM   158  C C   . LYS A 1 44  ? -9.725  3.760   11.699  1.00 20.32 ? 363 LYS A C   1 
ATOM   159  O O   . LYS A 1 44  ? -9.491  2.779   12.344  1.00 21.82 ? 363 LYS A O   1 
ATOM   160  C CB  . LYS A 1 44  ? -9.499  5.882   13.060  1.00 27.90 ? 363 LYS A CB  1 
ATOM   161  C CG  . LYS A 1 44  ? -8.681  7.101   13.472  1.00 34.79 ? 363 LYS A CG  1 
ATOM   162  C CD  . LYS A 1 44  ? -7.756  6.877   14.658  1.00 41.12 ? 363 LYS A CD  1 
ATOM   163  C CE  . LYS A 1 44  ? -6.440  6.237   14.232  1.00 45.30 ? 363 LYS A CE  1 
ATOM   164  N NZ  . LYS A 1 44  ? -5.889  5.319   15.275  1.00 49.87 ? 363 LYS A NZ  1 
ATOM   165  N N   . LYS A 1 45  ? -10.651 3.787   10.748  1.00 20.18 ? 364 LYS A N   1 
ATOM   166  C CA  . LYS A 1 45  ? -11.513 2.673   10.405  1.00 22.72 ? 364 LYS A CA  1 
ATOM   167  C C   . LYS A 1 45  ? -10.740 1.404   10.083  1.00 20.14 ? 364 LYS A C   1 
ATOM   168  O O   . LYS A 1 45  ? -11.188 0.323   10.440  1.00 21.58 ? 364 LYS A O   1 
ATOM   169  C CB  . LYS A 1 45  ? -12.384 3.076   9.205   1.00 27.82 ? 364 LYS A CB  1 
ATOM   170  C CG  . LYS A 1 45  ? -13.287 1.999   8.640   1.00 31.50 ? 364 LYS A CG  1 
ATOM   171  C CD  . LYS A 1 45  ? -14.202 2.568   7.564   1.00 36.90 ? 364 LYS A CD  1 
ATOM   172  C CE  . LYS A 1 45  ? -15.318 1.582   7.227   1.00 41.63 ? 364 LYS A CE  1 
ATOM   173  N NZ  . LYS A 1 45  ? -15.808 1.798   5.834   1.00 46.45 ? 364 LYS A NZ  1 
ATOM   174  N N   . HIS A 1 46  ? -9.567  1.547   9.449   1.00 17.37 ? 365 HIS A N   1 
ATOM   175  C CA  . HIS A 1 46  ? -8.733  0.411   9.024   1.00 16.74 ? 365 HIS A CA  1 
ATOM   176  C C   . HIS A 1 46  ? -7.414  0.213   9.779   1.00 16.50 ? 365 HIS A C   1 
ATOM   177  O O   . HIS A 1 46  ? -6.670  -0.712  9.480   1.00 15.12 ? 365 HIS A O   1 
ATOM   178  C CB  . HIS A 1 46  ? -8.501  0.502   7.497   1.00 16.88 ? 365 HIS A CB  1 
ATOM   179  C CG  . HIS A 1 46  ? -9.777  0.544   6.717   1.00 16.81 ? 365 HIS A CG  1 
ATOM   180  N ND1 . HIS A 1 46  ? -10.669 -0.522  6.682   1.00 17.06 ? 365 HIS A ND1 1 
ATOM   181  C CD2 . HIS A 1 46  ? -10.314 1.509   5.937   1.00 17.02 ? 365 HIS A CD2 1 
ATOM   182  C CE1 . HIS A 1 46  ? -11.706 -0.188  5.942   1.00 16.69 ? 365 HIS A CE1 1 
ATOM   183  N NE2 . HIS A 1 46  ? -11.522 1.037   5.482   1.00 17.34 ? 365 HIS A NE2 1 
ATOM   184  N N   . ALA A 1 47  ? -7.202  0.993   10.835  1.00 16.79 ? 366 ALA A N   1 
ATOM   185  C CA  . ALA A 1 47  ? -5.906  1.090   11.533  1.00 16.36 ? 366 ALA A CA  1 
ATOM   186  C C   . ALA A 1 47  ? -5.524  -0.233  12.193  1.00 16.83 ? 366 ALA A C   1 
ATOM   187  O O   . ALA A 1 47  ? -4.342  -0.591  12.230  1.00 15.08 ? 366 ALA A O   1 
ATOM   188  C CB  . ALA A 1 47  ? -5.896  2.270   12.510  1.00 17.42 ? 366 ALA A CB  1 
ATOM   189  N N   . ALA A 1 48  ? -6.523  -1.045  12.596  1.00 17.89 ? 367 ALA A N   1 
ATOM   190  C CA  . ALA A 1 48  ? -6.212  -2.341  13.215  1.00 18.70 ? 367 ALA A CA  1 
ATOM   191  C C   . ALA A 1 48  ? -5.434  -3.297  12.309  1.00 16.85 ? 367 ALA A C   1 
ATOM   192  O O   . ALA A 1 48  ? -4.731  -4.148  12.804  1.00 16.60 ? 367 ALA A O   1 
ATOM   193  C CB  . ALA A 1 48  ? -7.467  -3.015  13.733  1.00 21.12 ? 367 ALA A CB  1 
ATOM   194  N N   . TYR A 1 49  ? -5.594  -3.190  11.002  1.00 16.10 ? 368 TYR A N   1 
ATOM   195  C CA  . TYR A 1 49  ? -4.825  -4.018  10.066  1.00 15.36 ? 368 TYR A CA  1 
ATOM   196  C C   . TYR A 1 49  ? -3.930  -3.184  9.135   1.00 14.65 ? 368 TYR A C   1 
ATOM   197  O O   . TYR A 1 49  ? -3.064  -3.755  8.503   1.00 16.36 ? 368 TYR A O   1 
ATOM   198  C CB  . TYR A 1 49  ? -5.711  -5.040  9.286   1.00 15.66 ? 368 TYR A CB  1 
ATOM   199  C CG  . TYR A 1 49  ? -7.050  -4.471  8.854   1.00 16.70 ? 368 TYR A CG  1 
ATOM   200  C CD1 . TYR A 1 49  ? -8.168  -4.555  9.709   1.00 17.80 ? 368 TYR A CD1 1 
ATOM   201  C CD2 . TYR A 1 49  ? -7.209  -3.828  7.642   1.00 16.87 ? 368 TYR A CD2 1 
ATOM   202  C CE1 . TYR A 1 49  ? -9.403  -4.026  9.351   1.00 18.34 ? 368 TYR A CE1 1 
ATOM   203  C CE2 . TYR A 1 49  ? -8.439  -3.284  7.264   1.00 16.86 ? 368 TYR A CE2 1 
ATOM   204  C CZ  . TYR A 1 49  ? -9.545  -3.405  8.124   1.00 18.50 ? 368 TYR A CZ  1 
ATOM   205  O OH  . TYR A 1 49  ? -10.778 -2.861  7.784   1.00 20.37 ? 368 TYR A OH  1 
ATOM   206  N N   . ALA A 1 50  ? -4.083  -1.847  9.066   1.00 13.81 ? 369 ALA A N   1 
ATOM   207  C CA  . ALA A 1 50  ? -3.230  -1.030  8.161   1.00 12.44 ? 369 ALA A CA  1 
ATOM   208  C C   . ALA A 1 50  ? -1.906  -0.623  8.770   1.00 11.67 ? 369 ALA A C   1 
ATOM   209  O O   . ALA A 1 50  ? -0.961  -0.251  8.064   1.00 10.14 ? 369 ALA A O   1 
ATOM   210  C CB  . ALA A 1 50  ? -3.989  0.212   7.722   1.00 12.58 ? 369 ALA A CB  1 
ATOM   211  N N   . TRP A 1 51  ? -1.805  -0.614  10.107  1.00 11.21 ? 370 TRP A N   1 
ATOM   212  C CA  . TRP A 1 51  ? -0.655  0.010   10.759  1.00 11.12 ? 370 TRP A CA  1 
ATOM   213  C C   . TRP A 1 51  ? 0.743   -0.527  10.316  1.00 10.59 ? 370 TRP A C   1 
ATOM   214  O O   . TRP A 1 51  ? 1.698   0.262   10.208  1.00 10.36 ? 370 TRP A O   1 
ATOM   215  C CB  . TRP A 1 51  ? -0.815  0.077   12.330  1.00 11.33 ? 370 TRP A CB  1 
ATOM   216  C CG  . TRP A 1 51  ? -0.720  -1.280  12.994  1.00 12.38 ? 370 TRP A CG  1 
ATOM   217  C CD1 . TRP A 1 51  ? -1.739  -2.126  13.279  1.00 13.22 ? 370 TRP A CD1 1 
ATOM   218  C CD2 . TRP A 1 51  ? 0.478   -1.969  13.347  1.00 12.94 ? 370 TRP A CD2 1 
ATOM   219  N NE1 . TRP A 1 51  ? -1.257  -3.286  13.818  1.00 13.27 ? 370 TRP A NE1 1 
ATOM   220  C CE2 . TRP A 1 51  ? 0.099   -3.225  13.873  1.00 13.38 ? 370 TRP A CE2 1 
ATOM   221  C CE3 . TRP A 1 51  ? 1.831   -1.641  13.301  1.00 13.20 ? 370 TRP A CE3 1 
ATOM   222  C CZ2 . TRP A 1 51  ? 1.030   -4.161  14.319  1.00 13.98 ? 370 TRP A CZ2 1 
ATOM   223  C CZ3 . TRP A 1 51  ? 2.748   -2.567  13.738  1.00 14.10 ? 370 TRP A CZ3 1 
ATOM   224  C CH2 . TRP A 1 51  ? 2.328   -3.820  14.244  1.00 13.76 ? 370 TRP A CH2 1 
ATOM   225  N N   . PRO A 1 52  ? 0.871   -1.829  10.005  1.00 9.98  ? 371 PRO A N   1 
ATOM   226  C CA  . PRO A 1 52  ? 2.209   -2.271  9.566   1.00 9.47  ? 371 PRO A CA  1 
ATOM   227  C C   . PRO A 1 52  ? 2.696   -1.664  8.236   1.00 9.89  ? 371 PRO A C   1 
ATOM   228  O O   . PRO A 1 52  ? 3.861   -1.856  7.881   1.00 11.05 ? 371 PRO A O   1 
ATOM   229  C CB  . PRO A 1 52  ? 2.071   -3.774  9.478   1.00 10.17 ? 371 PRO A CB  1 
ATOM   230  C CG  . PRO A 1 52  ? 0.893   -4.117  10.340  1.00 10.11 ? 371 PRO A CG  1 
ATOM   231  C CD  . PRO A 1 52  ? -0.044  -2.976  10.135  1.00 10.08 ? 371 PRO A CD  1 
ATOM   232  N N   . PHE A 1 53  ? 1.749   -1.061  7.515   1.00 9.56  ? 372 PHE A N   1 
ATOM   233  C CA  . PHE A 1 53  ? 1.955   -0.481  6.165   1.00 9.63  ? 372 PHE A CA  1 
ATOM   234  C C   . PHE A 1 53  ? 2.130   1.030   6.159   1.00 9.61  ? 372 PHE A C   1 
ATOM   235  O O   . PHE A 1 53  ? 2.308   1.606   5.116   1.00 9.55  ? 372 PHE A O   1 
ATOM   236  C CB  . PHE A 1 53  ? 0.790   -0.907  5.227   1.00 10.10 ? 372 PHE A CB  1 
ATOM   237  C CG  . PHE A 1 53  ? 0.575   -2.403  5.197   1.00 10.19 ? 372 PHE A CG  1 
ATOM   238  C CD1 . PHE A 1 53  ? 1.404   -3.221  4.438   1.00 10.74 ? 372 PHE A CD1 1 
ATOM   239  C CD2 . PHE A 1 53  ? -0.370  -3.000  6.016   1.00 10.63 ? 372 PHE A CD2 1 
ATOM   240  C CE1 . PHE A 1 53  ? 1.251   -4.611  4.474   1.00 10.86 ? 372 PHE A CE1 1 
ATOM   241  C CE2 . PHE A 1 53  ? -0.492  -4.401  6.082   1.00 10.74 ? 372 PHE A CE2 1 
ATOM   242  C CZ  . PHE A 1 53  ? 0.320   -5.190  5.303   1.00 10.85 ? 372 PHE A CZ  1 
ATOM   243  N N   . TYR A 1 54  ? 2.092   1.685   7.322   1.00 9.91  ? 373 TYR A N   1 
ATOM   244  C CA  . TYR A 1 54  ? 2.131   3.130   7.397   1.00 11.12 ? 373 TYR A CA  1 
ATOM   245  C C   . TYR A 1 54  ? 3.501   3.732   7.051   1.00 11.61 ? 373 TYR A C   1 
ATOM   246  O O   . TYR A 1 54  ? 3.535   4.895   6.667   1.00 12.02 ? 373 TYR A O   1 
ATOM   247  C CB  . TYR A 1 54  ? 1.792   3.586   8.808   1.00 11.80 ? 373 TYR A CB  1 
ATOM   248  C CG  . TYR A 1 54  ? 0.324   3.480   9.234   1.00 12.45 ? 373 TYR A CG  1 
ATOM   249  C CD1 . TYR A 1 54  ? -0.721  3.269   8.303   1.00 12.59 ? 373 TYR A CD1 1 
ATOM   250  C CD2 . TYR A 1 54  ? -0.035  3.729   10.565  1.00 12.58 ? 373 TYR A CD2 1 
ATOM   251  C CE1 . TYR A 1 54  ? -2.052  3.225   8.695   1.00 12.97 ? 373 TYR A CE1 1 
ATOM   252  C CE2 . TYR A 1 54  ? -1.358  3.706   10.946  1.00 12.43 ? 373 TYR A CE2 1 
ATOM   253  C CZ  . TYR A 1 54  ? -2.357  3.467   10.020  1.00 12.91 ? 373 TYR A CZ  1 
ATOM   254  O OH  . TYR A 1 54  ? -3.688  3.426   10.325  1.00 14.18 ? 373 TYR A OH  1 
ATOM   255  N N   . LYS A 1 55  ? 4.580   2.979   7.280   1.00 12.32 ? 374 LYS A N   1 
ATOM   256  C CA  . LYS A 1 55  ? 5.955   3.404   7.049   1.00 12.33 ? 374 LYS A CA  1 
ATOM   257  C C   . LYS A 1 55  ? 6.710   2.271   6.383   1.00 10.80 ? 374 LYS A C   1 
ATOM   258  O O   . LYS A 1 55  ? 6.253   1.123   6.420   1.00 10.30 ? 374 LYS A O   1 
ATOM   259  C CB  . LYS A 1 55  ? 6.645   3.812   8.376   1.00 14.64 ? 374 LYS A CB  1 
ATOM   260  C CG  . LYS A 1 55  ? 5.990   5.001   9.052   1.00 18.25 ? 374 LYS A CG  1 
ATOM   261  C CD  . LYS A 1 55  ? 6.214   6.266   8.223   1.00 23.01 ? 374 LYS A CD  1 
ATOM   262  C CE  . LYS A 1 55  ? 5.940   7.546   9.013   1.00 29.75 ? 374 LYS A CE  1 
ATOM   263  N NZ  . LYS A 1 55  ? 4.465   7.723   9.120   1.00 34.56 ? 374 LYS A NZ  1 
ATOM   264  N N   . PRO A 1 56  ? 7.865   2.555   5.757   1.00 9.81  ? 375 PRO A N   1 
ATOM   265  C CA  . PRO A 1 56  ? 8.626   1.483   5.156   1.00 9.83  ? 375 PRO A CA  1 
ATOM   266  C C   . PRO A 1 56  ? 8.976   0.385   6.162   1.00 10.22 ? 375 PRO A C   1 
ATOM   267  O O   . PRO A 1 56  ? 9.179   0.660   7.380   1.00 10.59 ? 375 PRO A O   1 
ATOM   268  C CB  . PRO A 1 56  ? 9.910   2.187   4.645   1.00 10.21 ? 375 PRO A CB  1 
ATOM   269  C CG  . PRO A 1 56  ? 9.490   3.610   4.505   1.00 9.41  ? 375 PRO A CG  1 
ATOM   270  C CD  . PRO A 1 56  ? 8.551   3.850   5.613   1.00 9.80  ? 375 PRO A CD  1 
ATOM   271  N N   . VAL A 1 57  ? 9.047   -0.825  5.628   1.00 10.33 ? 376 VAL A N   1 
ATOM   272  C CA  . VAL A 1 57  ? 9.436   -2.006  6.417   1.00 10.84 ? 376 VAL A CA  1 
ATOM   273  C C   . VAL A 1 57  ? 10.849  -1.726  6.905   1.00 11.19 ? 376 VAL A C   1 
ATOM   274  O O   . VAL A 1 57  ? 11.713  -1.385  6.096   1.00 11.34 ? 376 VAL A O   1 
ATOM   275  C CB  . VAL A 1 57  ? 9.416   -3.304  5.593   1.00 11.51 ? 376 VAL A CB  1 
ATOM   276  C CG1 . VAL A 1 57  ? 10.069  -4.451  6.347   1.00 12.23 ? 376 VAL A CG1 1 
ATOM   277  C CG2 . VAL A 1 57  ? 8.003   -3.681  5.144   1.00 12.40 ? 376 VAL A CG2 1 
ATOM   278  N N   . ASP A 1 58  ? 11.036  -1.782  8.221   1.00 10.72 ? 377 ASP A N   1 
ATOM   279  C CA  . ASP A 1 58  ? 12.330  -1.614  8.818   1.00 11.27 ? 377 ASP A CA  1 
ATOM   280  C C   . ASP A 1 58  ? 12.883  -3.045  9.026   1.00 10.33 ? 377 ASP A C   1 
ATOM   281  O O   . ASP A 1 58  ? 12.645  -3.690  10.025  1.00 10.44 ? 377 ASP A O   1 
ATOM   282  C CB  . ASP A 1 58  ? 12.180  -0.810  10.116  1.00 13.13 ? 377 ASP A CB  1 
ATOM   283  C CG  . ASP A 1 58  ? 13.509  -0.447  10.725  1.00 13.70 ? 377 ASP A CG  1 
ATOM   284  O OD1 . ASP A 1 58  ? 14.516  -1.103  10.409  1.00 14.08 ? 377 ASP A OD1 1 
ATOM   285  O OD2 . ASP A 1 58  ? 13.504  0.490   11.552  1.00 16.73 ? 377 ASP A OD2 1 
ATOM   286  N N   . ALA A 1 59  ? 13.669  -3.505  8.080   1.00 10.49 ? 378 ALA A N   1 
ATOM   287  C CA  . ALA A 1 59  ? 14.139  -4.906  8.095   1.00 10.75 ? 378 ALA A CA  1 
ATOM   288  C C   . ALA A 1 59  ? 15.138  -5.140  9.228   1.00 11.95 ? 378 ALA A C   1 
ATOM   289  O O   . ALA A 1 59  ? 15.142  -6.191  9.800   1.00 11.41 ? 378 ALA A O   1 
ATOM   290  C CB  . ALA A 1 59  ? 14.768  -5.280  6.773   1.00 11.13 ? 378 ALA A CB  1 
ATOM   291  N N   A SER A 1 60  ? 15.966  -4.140  9.512   0.50 11.85 ? 379 SER A N   1 
ATOM   292  N N   B SER A 1 60  ? 15.987  -4.172  9.538   0.50 12.63 ? 379 SER A N   1 
ATOM   293  C CA  A SER A 1 60  ? 16.900  -4.210  10.637  0.50 12.22 ? 379 SER A CA  1 
ATOM   294  C CA  B SER A 1 60  ? 16.928  -4.379  10.643  0.50 13.53 ? 379 SER A CA  1 
ATOM   295  C C   A SER A 1 60  ? 16.149  -4.396  11.945  0.50 11.91 ? 379 SER A C   1 
ATOM   296  C C   B SER A 1 60  ? 16.215  -4.352  12.017  0.50 12.69 ? 379 SER A C   1 
ATOM   297  O O   A SER A 1 60  ? 16.404  -5.353  12.678  0.50 12.34 ? 379 SER A O   1 
ATOM   298  O O   B SER A 1 60  ? 16.581  -5.128  12.896  0.50 13.22 ? 379 SER A O   1 
ATOM   299  C CB  A SER A 1 60  ? 17.730  -2.947  10.726  0.50 12.65 ? 379 SER A CB  1 
ATOM   300  C CB  B SER A 1 60  ? 18.103  -3.406  10.578  0.50 14.71 ? 379 SER A CB  1 
ATOM   301  O OG  A SER A 1 60  ? 18.656  -2.995  11.810  0.50 12.49 ? 379 SER A OG  1 
ATOM   302  O OG  B SER A 1 60  ? 17.654  -2.079  10.795  0.50 16.85 ? 379 SER A OG  1 
ATOM   303  N N   . ALA A 1 61  ? 15.207  -3.502  12.217  1.00 12.09 ? 380 ALA A N   1 
ATOM   304  C CA  . ALA A 1 61  ? 14.438  -3.528  13.513  1.00 12.21 ? 380 ALA A CA  1 
ATOM   305  C C   . ALA A 1 61  ? 13.693  -4.857  13.696  1.00 13.42 ? 380 ALA A C   1 
ATOM   306  O O   . ALA A 1 61  ? 13.673  -5.448  14.784  1.00 12.87 ? 380 ALA A O   1 
ATOM   307  C CB  . ALA A 1 61  ? 13.477  -2.383  13.601  1.00 13.85 ? 380 ALA A CB  1 
ATOM   308  N N   . LEU A 1 62  ? 13.089  -5.343  12.617  1.00 13.46 ? 381 LEU A N   1 
ATOM   309  C CA  . LEU A 1 62  ? 12.296  -6.580  12.647  1.00 15.29 ? 381 LEU A CA  1 
ATOM   310  C C   . LEU A 1 62  ? 13.153  -7.835  12.526  1.00 14.06 ? 381 LEU A C   1 
ATOM   311  O O   . LEU A 1 62  ? 12.644  -8.942  12.715  1.00 14.11 ? 381 LEU A O   1 
ATOM   312  C CB  . LEU A 1 62  ? 11.269  -6.570  11.500  1.00 16.58 ? 381 LEU A CB  1 
ATOM   313  C CG  . LEU A 1 62  ? 10.195  -5.476  11.530  1.00 18.01 ? 381 LEU A CG  1 
ATOM   314  C CD1 . LEU A 1 62  ? 9.594   -5.288  10.137  1.00 19.58 ? 381 LEU A CD1 1 
ATOM   315  C CD2 . LEU A 1 62  ? 9.111   -5.761  12.539  1.00 20.52 ? 381 LEU A CD2 1 
ATOM   316  N N   . GLY A 1 63  ? 14.426  -7.697  12.147  1.00 14.27 ? 382 GLY A N   1 
ATOM   317  C CA  . GLY A 1 63  ? 15.262  -8.852  11.913  1.00 14.96 ? 382 GLY A CA  1 
ATOM   318  C C   . GLY A 1 63  ? 14.797  -9.660  10.718  1.00 16.52 ? 382 GLY A C   1 
ATOM   319  O O   . GLY A 1 63  ? 14.751  -10.898 10.769  1.00 15.83 ? 382 GLY A O   1 
ATOM   320  N N   . LEU A 1 64  ? 14.387  -8.968  9.658   1.00 14.03 ? 383 LEU A N   1 
ATOM   321  C CA  . LEU A 1 64  ? 13.947  -9.668  8.444   1.00 15.26 ? 383 LEU A CA  1 
ATOM   322  C C   . LEU A 1 64  ? 15.129  -9.945  7.581   1.00 15.20 ? 383 LEU A C   1 
ATOM   323  O O   . LEU A 1 64  ? 15.583  -9.142  6.716   1.00 13.77 ? 383 LEU A O   1 
ATOM   324  C CB  . LEU A 1 64  ? 12.830  -8.968  7.701   1.00 14.67 ? 383 LEU A CB  1 
ATOM   325  C CG  . LEU A 1 64  ? 11.635  -8.532  8.538   1.00 15.01 ? 383 LEU A CG  1 
ATOM   326  C CD1 . LEU A 1 64  ? 10.600  -7.917  7.619   1.00 16.27 ? 383 LEU A CD1 1 
ATOM   327  C CD2 . LEU A 1 64  ? 10.990  -9.657  9.325   1.00 14.91 ? 383 LEU A CD2 1 
ATOM   328  N N   . HIS A 1 65  ? 15.631  -11.165 7.806   1.00 17.14 ? 384 HIS A N   1 
ATOM   329  C CA  . HIS A 1 65  ? 16.801  -11.612 7.140   1.00 17.35 ? 384 HIS A CA  1 
ATOM   330  C C   . HIS A 1 65  ? 16.559  -11.615 5.628   1.00 16.88 ? 384 HIS A C   1 
ATOM   331  O O   . HIS A 1 65  ? 15.575  -12.175 5.119   1.00 16.02 ? 384 HIS A O   1 
ATOM   332  C CB  . HIS A 1 65  ? 17.155  -13.030 7.582   1.00 19.34 ? 384 HIS A CB  1 
ATOM   333  C CG  . HIS A 1 65  ? 18.557  -13.400 7.293   1.00 20.88 ? 384 HIS A CG  1 
ATOM   334  N ND1 . HIS A 1 65  ? 19.617  -12.939 8.049   1.00 22.98 ? 384 HIS A ND1 1 
ATOM   335  C CD2 . HIS A 1 65  ? 19.085  -14.207 6.339   1.00 22.52 ? 384 HIS A CD2 1 
ATOM   336  C CE1 . HIS A 1 65  ? 20.738  -13.465 7.579   1.00 24.61 ? 384 HIS A CE1 1 
ATOM   337  N NE2 . HIS A 1 65  ? 20.447  -14.211 6.526   1.00 22.13 ? 384 HIS A NE2 1 
ATOM   338  N N   . ASP A 1 66  ? 17.490  -10.988 4.936   1.00 15.34 ? 385 ASP A N   1 
ATOM   339  C CA  . ASP A 1 66  ? 17.515  -10.956 3.470   1.00 16.80 ? 385 ASP A CA  1 
ATOM   340  C C   . ASP A 1 66  ? 16.300  -10.267 2.872   1.00 13.84 ? 385 ASP A C   1 
ATOM   341  O O   . ASP A 1 66  ? 16.067  -10.397 1.679   1.00 13.60 ? 385 ASP A O   1 
ATOM   342  C CB  . ASP A 1 66  ? 17.706  -12.326 2.832   1.00 20.08 ? 385 ASP A CB  1 
ATOM   343  C CG  . ASP A 1 66  ? 19.125  -12.897 3.054   1.00 24.73 ? 385 ASP A CG  1 
ATOM   344  O OD1 . ASP A 1 66  ? 20.086  -12.205 3.480   1.00 29.79 ? 385 ASP A OD1 1 
ATOM   345  O OD2 . ASP A 1 66  ? 19.269  -14.077 2.796   1.00 28.15 ? 385 ASP A OD2 1 
ATOM   346  N N   . TYR A 1 67  ? 15.605  -9.445  3.653   1.00 11.75 ? 386 TYR A N   1 
ATOM   347  C CA  . TYR A 1 67  ? 14.440  -8.687  3.098   1.00 10.68 ? 386 TYR A CA  1 
ATOM   348  C C   . TYR A 1 67  ? 14.800  -7.922  1.821   1.00 10.54 ? 386 TYR A C   1 
ATOM   349  O O   . TYR A 1 67  ? 14.090  -8.005  0.819   1.00 9.93  ? 386 TYR A O   1 
ATOM   350  C CB  . TYR A 1 67  ? 13.871  -7.752  4.155   1.00 10.36 ? 386 TYR A CB  1 
ATOM   351  C CG  . TYR A 1 67  ? 12.621  -7.111  3.681   1.00 10.51 ? 386 TYR A CG  1 
ATOM   352  C CD1 . TYR A 1 67  ? 11.410  -7.769  3.778   1.00 9.61  ? 386 TYR A CD1 1 
ATOM   353  C CD2 . TYR A 1 67  ? 12.650  -5.847  3.119   1.00 9.84  ? 386 TYR A CD2 1 
ATOM   354  C CE1 . TYR A 1 67  ? 10.249  -7.197  3.311   1.00 10.33 ? 386 TYR A CE1 1 
ATOM   355  C CE2 . TYR A 1 67  ? 11.483  -5.255  2.632   1.00 10.27 ? 386 TYR A CE2 1 
ATOM   356  C CZ  . TYR A 1 67  ? 10.287  -5.934  2.712   1.00 10.03 ? 386 TYR A CZ  1 
ATOM   357  O OH  . TYR A 1 67  ? 9.075   -5.375  2.251   1.00 9.65  ? 386 TYR A OH  1 
ATOM   358  N N   . HIS A 1 68  ? 15.909  -7.209  1.861   1.00 10.96 ? 387 HIS A N   1 
ATOM   359  C CA  . HIS A 1 68  ? 16.267  -6.356  0.726   1.00 12.19 ? 387 HIS A CA  1 
ATOM   360  C C   . HIS A 1 68  ? 16.946  -7.065  -0.405  1.00 13.49 ? 387 HIS A C   1 
ATOM   361  O O   . HIS A 1 68  ? 17.217  -6.423  -1.447  1.00 14.71 ? 387 HIS A O   1 
ATOM   362  C CB  . HIS A 1 68  ? 17.028  -5.129  1.176   1.00 11.95 ? 387 HIS A CB  1 
ATOM   363  C CG  . HIS A 1 68  ? 16.192  -4.230  2.037   1.00 12.05 ? 387 HIS A CG  1 
ATOM   364  N ND1 . HIS A 1 68  ? 15.155  -3.477  1.523   1.00 12.30 ? 387 HIS A ND1 1 
ATOM   365  C CD2 . HIS A 1 68  ? 16.189  -4.022  3.365   1.00 12.41 ? 387 HIS A CD2 1 
ATOM   366  C CE1 . HIS A 1 68  ? 14.551  -2.848  2.509   1.00 12.79 ? 387 HIS A CE1 1 
ATOM   367  N NE2 . HIS A 1 68  ? 15.171  -3.142  3.635   1.00 12.34 ? 387 HIS A NE2 1 
ATOM   368  N N   . ASP A 1 69  ? 17.232  -8.348  -0.225  1.00 14.55 ? 388 ASP A N   1 
ATOM   369  C CA  . ASP A 1 69  ? 17.617  -9.237  -1.353  1.00 17.36 ? 388 ASP A CA  1 
ATOM   370  C C   . ASP A 1 69  ? 16.378  -9.804  -2.064  1.00 15.76 ? 388 ASP A C   1 
ATOM   371  O O   . ASP A 1 69  ? 16.310  -9.822  -3.280  1.00 16.32 ? 388 ASP A O   1 
ATOM   372  C CB  . ASP A 1 69  ? 18.537  -10.389 -0.907  1.00 21.01 ? 388 ASP A CB  1 
ATOM   373  C CG  . ASP A 1 69  ? 19.961  -9.907  -0.548  1.00 28.63 ? 388 ASP A CG  1 
ATOM   374  O OD1 . ASP A 1 69  ? 20.542  -9.059  -1.275  1.00 34.49 ? 388 ASP A OD1 1 
ATOM   375  O OD2 . ASP A 1 69  ? 20.492  -10.380 0.482   1.00 36.63 ? 388 ASP A OD2 1 
ATOM   376  N N   . ILE A 1 70  ? 15.388  -10.184 -1.294  1.00 14.06 ? 389 ILE A N   1 
ATOM   377  C CA  . ILE A 1 70  ? 14.183  -10.788 -1.787  1.00 14.24 ? 389 ILE A CA  1 
ATOM   378  C C   . ILE A 1 70  ? 13.216  -9.768  -2.370  1.00 14.03 ? 389 ILE A C   1 
ATOM   379  O O   . ILE A 1 70  ? 12.564  -10.018 -3.417  1.00 14.72 ? 389 ILE A O   1 
ATOM   380  C CB  . ILE A 1 70  ? 13.533  -11.615 -0.663  1.00 15.06 ? 389 ILE A CB  1 
ATOM   381  C CG1 . ILE A 1 70  ? 14.464  -12.785 -0.329  1.00 16.31 ? 389 ILE A CG1 1 
ATOM   382  C CG2 . ILE A 1 70  ? 12.142  -12.117 -1.051  1.00 16.40 ? 389 ILE A CG2 1 
ATOM   383  C CD1 . ILE A 1 70  ? 14.083  -13.495 0.928   1.00 17.62 ? 389 ILE A CD1 1 
ATOM   384  N N   . ILE A 1 71  ? 13.105  -8.637  -1.703  1.00 13.47 ? 390 ILE A N   1 
ATOM   385  C CA  . ILE A 1 71  ? 12.247  -7.519  -2.107  1.00 12.77 ? 390 ILE A CA  1 
ATOM   386  C C   . ILE A 1 71  ? 13.113  -6.464  -2.776  1.00 13.96 ? 390 ILE A C   1 
ATOM   387  O O   . ILE A 1 71  ? 13.861  -5.731  -2.115  1.00 14.72 ? 390 ILE A O   1 
ATOM   388  C CB  . ILE A 1 71  ? 11.497  -6.918  -0.889  1.00 12.54 ? 390 ILE A CB  1 
ATOM   389  C CG1 . ILE A 1 71  ? 10.633  -7.989  -0.229  1.00 12.82 ? 390 ILE A CG1 1 
ATOM   390  C CG2 . ILE A 1 71  ? 10.660  -5.717  -1.316  1.00 11.66 ? 390 ILE A CG2 1 
ATOM   391  C CD1 . ILE A 1 71  ? 9.737   -8.772  -1.157  1.00 12.52 ? 390 ILE A CD1 1 
ATOM   392  N N   . LYS A 1 72  ? 12.988  -6.358  -4.102  1.00 14.84 ? 391 LYS A N   1 
ATOM   393  C CA  . LYS A 1 72  ? 13.779  -5.430  -4.896  1.00 16.75 ? 391 LYS A CA  1 
ATOM   394  C C   . LYS A 1 72  ? 13.271  -3.996  -4.845  1.00 15.26 ? 391 LYS A C   1 
ATOM   395  O O   . LYS A 1 72  ? 14.054  -3.041  -4.991  1.00 13.37 ? 391 LYS A O   1 
ATOM   396  C CB  . LYS A 1 72  ? 13.767  -5.865  -6.371  1.00 20.18 ? 391 LYS A CB  1 
ATOM   397  C CG  . LYS A 1 72  ? 14.165  -7.303  -6.687  1.00 25.83 ? 391 LYS A CG  1 
ATOM   398  C CD  . LYS A 1 72  ? 15.500  -7.665  -6.103  1.00 29.70 ? 391 LYS A CD  1 
ATOM   399  C CE  . LYS A 1 72  ? 15.920  -9.102  -6.439  1.00 34.90 ? 391 LYS A CE  1 
ATOM   400  N NZ  . LYS A 1 72  ? 17.243  -9.339  -5.785  1.00 34.19 ? 391 LYS A NZ  1 
ATOM   401  N N   . HIS A 1 73  ? 11.962  -3.852  -4.662  1.00 12.81 ? 392 HIS A N   1 
ATOM   402  C CA  . HIS A 1 73  ? 11.306  -2.537  -4.733  1.00 13.54 ? 392 HIS A CA  1 
ATOM   403  C C   . HIS A 1 73  ? 10.363  -2.377  -3.550  1.00 12.12 ? 392 HIS A C   1 
ATOM   404  O O   . HIS A 1 73  ? 9.146   -2.658  -3.665  1.00 11.19 ? 392 HIS A O   1 
ATOM   405  C CB  . HIS A 1 73  ? 10.559  -2.464  -6.067  1.00 15.72 ? 392 HIS A CB  1 
ATOM   406  C CG  . HIS A 1 73  ? 11.488  -2.582  -7.237  1.00 18.00 ? 392 HIS A CG  1 
ATOM   407  N ND1 . HIS A 1 73  ? 12.470  -1.642  -7.475  1.00 20.21 ? 392 HIS A ND1 1 
ATOM   408  C CD2 . HIS A 1 73  ? 11.644  -3.545  -8.175  1.00 21.66 ? 392 HIS A CD2 1 
ATOM   409  C CE1 . HIS A 1 73  ? 13.173  -2.003  -8.531  1.00 23.01 ? 392 HIS A CE1 1 
ATOM   410  N NE2 . HIS A 1 73  ? 12.701  -3.159  -8.973  1.00 23.96 ? 392 HIS A NE2 1 
ATOM   411  N N   . PRO A 1 74  ? 10.899  -1.933  -2.416  1.00 11.74 ? 393 PRO A N   1 
ATOM   412  C CA  . PRO A 1 74  ? 10.013  -1.746  -1.275  1.00 10.41 ? 393 PRO A CA  1 
ATOM   413  C C   . PRO A 1 74  ? 8.943   -0.672  -1.528  1.00 10.33 ? 393 PRO A C   1 
ATOM   414  O O   . PRO A 1 74  ? 9.178   0.291   -2.302  1.00 10.41 ? 393 PRO A O   1 
ATOM   415  C CB  . PRO A 1 74  ? 10.930  -1.321  -0.172  1.00 11.83 ? 393 PRO A CB  1 
ATOM   416  C CG  . PRO A 1 74  ? 12.268  -1.815  -0.561  1.00 13.06 ? 393 PRO A CG  1 
ATOM   417  C CD  . PRO A 1 74  ? 12.318  -1.681  -2.044  1.00 12.72 ? 393 PRO A CD  1 
ATOM   418  N N   . MET A 1 75  ? 7.808   -0.814  -0.868  1.00 8.88  ? 394 MET A N   1 
ATOM   419  C CA  . MET A 1 75  ? 6.724   0.171   -0.979  1.00 8.95  ? 394 MET A CA  1 
ATOM   420  C C   . MET A 1 75  ? 5.898   0.161   0.304   1.00 9.07  ? 394 MET A C   1 
ATOM   421  O O   . MET A 1 75  ? 5.752   -0.874  0.950   1.00 10.19 ? 394 MET A O   1 
ATOM   422  C CB  . MET A 1 75  ? 5.837   -0.159  -2.211  1.00 9.38  ? 394 MET A CB  1 
ATOM   423  C CG  . MET A 1 75  ? 4.769   0.888   -2.563  1.00 9.42  ? 394 MET A CG  1 
ATOM   424  S SD  . MET A 1 75  ? 5.381   2.588   -2.712  1.00 10.98 ? 394 MET A SD  1 
ATOM   425  C CE  . MET A 1 75  ? 6.581   2.331   -4.026  1.00 11.51 ? 394 MET A CE  1 
ATOM   426  N N   . ASP A 1 76  ? 5.314   1.304   0.647   1.00 9.16  ? 395 ASP A N   1 
ATOM   427  C CA  . ASP A 1 76  ? 4.488   1.452   1.821   1.00 9.84  ? 395 ASP A CA  1 
ATOM   428  C C   . ASP A 1 76  ? 3.552   2.636   1.611   1.00 9.78  ? 395 ASP A C   1 
ATOM   429  O O   . ASP A 1 76  ? 3.756   3.421   0.654   1.00 10.02 ? 395 ASP A O   1 
ATOM   430  C CB  . ASP A 1 76  ? 5.359   1.630   3.020   1.00 10.67 ? 395 ASP A CB  1 
ATOM   431  C CG  . ASP A 1 76  ? 6.005   3.029   3.045   1.00 11.85 ? 395 ASP A CG  1 
ATOM   432  O OD1 . ASP A 1 76  ? 6.884   3.275   2.179   1.00 13.17 ? 395 ASP A OD1 1 
ATOM   433  O OD2 . ASP A 1 76  ? 5.552   3.855   3.863   1.00 14.07 ? 395 ASP A OD2 1 
ATOM   434  N N   . LEU A 1 77  ? 2.580   2.801   2.509   1.00 9.69  ? 396 LEU A N   1 
ATOM   435  C CA  . LEU A 1 77  ? 1.599   3.890   2.386   1.00 10.22 ? 396 LEU A CA  1 
ATOM   436  C C   . LEU A 1 77  ? 2.186   5.307   2.562   1.00 10.50 ? 396 LEU A C   1 
ATOM   437  O O   . LEU A 1 77  ? 1.687   6.237   1.944   1.00 10.17 ? 396 LEU A O   1 
ATOM   438  C CB  . LEU A 1 77  ? 0.438   3.691   3.333   1.00 11.09 ? 396 LEU A CB  1 
ATOM   439  C CG  . LEU A 1 77  ? -0.494  2.508   3.014   1.00 12.03 ? 396 LEU A CG  1 
ATOM   440  C CD1 . LEU A 1 77  ? -1.531  2.362   4.130   1.00 12.02 ? 396 LEU A CD1 1 
ATOM   441  C CD2 . LEU A 1 77  ? -1.231  2.612   1.704   1.00 13.07 ? 396 LEU A CD2 1 
ATOM   442  N N   . SER A 1 78  ? 3.274   5.467   3.317   1.00 10.34 ? 397 SER A N   1 
ATOM   443  C CA  . SER A 1 78  ? 3.892   6.801   3.416   1.00 10.14 ? 397 SER A CA  1 
ATOM   444  C C   . SER A 1 78  ? 4.484   7.255   2.084   1.00 9.66  ? 397 SER A C   1 
ATOM   445  O O   . SER A 1 78  ? 4.508   8.460   1.759   1.00 9.02  ? 397 SER A O   1 
ATOM   446  C CB  . SER A 1 78  ? 4.944   6.895   4.515   1.00 11.25 ? 397 SER A CB  1 
ATOM   447  O OG  . SER A 1 78  ? 6.123   6.249   4.160   1.00 11.85 ? 397 SER A OG  1 
ATOM   448  N N   . THR A 1 79  ? 4.983   6.290   1.320   1.00 8.75  ? 398 THR A N   1 
ATOM   449  C CA  . THR A 1 79  ? 5.528   6.541   -0.008  1.00 9.64  ? 398 THR A CA  1 
ATOM   450  C C   . THR A 1 79  ? 4.423   6.931   -0.997  1.00 9.45  ? 398 THR A C   1 
ATOM   451  O O   . THR A 1 79  ? 4.575   7.867   -1.782  1.00 9.92  ? 398 THR A O   1 
ATOM   452  C CB  . THR A 1 79  ? 6.354   5.347   -0.488  1.00 10.02 ? 398 THR A CB  1 
ATOM   453  O OG1 . THR A 1 79  ? 7.460   5.198   0.425   1.00 11.95 ? 398 THR A OG1 1 
ATOM   454  C CG2 . THR A 1 79  ? 6.892   5.557   -1.884  1.00 10.83 ? 398 THR A CG2 1 
ATOM   455  N N   . VAL A 1 80  ? 3.337   6.172   -0.974  1.00 9.03  ? 399 VAL A N   1 
ATOM   456  C CA  . VAL A 1 80  ? 2.189   6.470   -1.819  1.00 8.93  ? 399 VAL A CA  1 
ATOM   457  C C   . VAL A 1 80  ? 1.613   7.841   -1.457  1.00 9.38  ? 399 VAL A C   1 
ATOM   458  O O   . VAL A 1 80  ? 1.251   8.628   -2.350  1.00 9.51  ? 399 VAL A O   1 
ATOM   459  C CB  . VAL A 1 80  ? 1.099   5.365   -1.617  1.00 8.64  ? 399 VAL A CB  1 
ATOM   460  C CG1 . VAL A 1 80  ? -0.158  5.700   -2.370  1.00 9.00  ? 399 VAL A CG1 1 
ATOM   461  C CG2 . VAL A 1 80  ? 1.624   4.012   -2.074  1.00 8.68  ? 399 VAL A CG2 1 
ATOM   462  N N   . LYS A 1 81  ? 1.546   8.125   -0.158  1.00 9.85  ? 400 LYS A N   1 
ATOM   463  C CA  . LYS A 1 81  ? 1.053   9.431   0.330   1.00 11.65 ? 400 LYS A CA  1 
ATOM   464  C C   . LYS A 1 81  ? 1.927   10.559  -0.176  1.00 10.29 ? 400 LYS A C   1 
ATOM   465  O O   . LYS A 1 81  ? 1.432   11.597  -0.632  1.00 9.92  ? 400 LYS A O   1 
ATOM   466  C CB  . LYS A 1 81  ? 0.993   9.448   1.861   1.00 13.48 ? 400 LYS A CB  1 
ATOM   467  C CG  . LYS A 1 81  ? 0.487   10.735  2.483   1.00 16.51 ? 400 LYS A CG  1 
ATOM   468  C CD  . LYS A 1 81  ? -0.909  11.052  2.022   1.00 20.85 ? 400 LYS A CD  1 
ATOM   469  C CE  . LYS A 1 81  ? -1.673  11.929  3.033   1.00 24.06 ? 400 LYS A CE  1 
ATOM   470  N NZ  . LYS A 1 81  ? -2.687  12.750  2.337   1.00 25.09 ? 400 LYS A NZ  1 
ATOM   471  N N   . ARG A 1 82  ? 3.242   10.380  -0.095  1.00 9.99  ? 401 ARG A N   1 
ATOM   472  C CA  . ARG A 1 82  ? 4.156   11.447  -0.569  1.00 11.23 ? 401 ARG A CA  1 
ATOM   473  C C   . ARG A 1 82  ? 3.899   11.723  -2.056  1.00 11.14 ? 401 ARG A C   1 
ATOM   474  O O   . ARG A 1 82  ? 3.771   12.907  -2.472  1.00 10.62 ? 401 ARG A O   1 
ATOM   475  C CB  . ARG A 1 82  ? 5.615   11.045  -0.313  1.00 11.51 ? 401 ARG A CB  1 
ATOM   476  C CG  . ARG A 1 82  ? 6.637   11.999  -0.905  1.00 12.97 ? 401 ARG A CG  1 
ATOM   477  C CD  . ARG A 1 82  ? 8.053   11.705  -0.458  1.00 14.17 ? 401 ARG A CD  1 
ATOM   478  N NE  . ARG A 1 82  ? 8.521   10.358  -0.725  1.00 15.16 ? 401 ARG A NE  1 
ATOM   479  C CZ  . ARG A 1 82  ? 8.602   9.373   0.175   1.00 17.36 ? 401 ARG A CZ  1 
ATOM   480  N NH1 . ARG A 1 82  ? 8.183   9.539   1.428   1.00 17.01 ? 401 ARG A NH1 1 
ATOM   481  N NH2 . ARG A 1 82  ? 9.078   8.187   -0.179  1.00 15.78 ? 401 ARG A NH2 1 
ATOM   482  N N   . LYS A 1 83  ? 3.863   10.666  -2.877  1.00 10.62 ? 402 LYS A N   1 
ATOM   483  C CA  . LYS A 1 83  ? 3.644   10.804  -4.311  1.00 11.19 ? 402 LYS A CA  1 
ATOM   484  C C   . LYS A 1 83  ? 2.324   11.514  -4.570  1.00 11.95 ? 402 LYS A C   1 
ATOM   485  O O   . LYS A 1 83  ? 2.267   12.421  -5.409  1.00 11.95 ? 402 LYS A O   1 
ATOM   486  C CB  . LYS A 1 83  ? 3.690   9.448   -5.042  1.00 11.77 ? 402 LYS A CB  1 
ATOM   487  C CG  . LYS A 1 83  ? 5.084   8.871   -5.060  1.00 13.04 ? 402 LYS A CG  1 
ATOM   488  C CD  . LYS A 1 83  ? 5.001   7.555   -5.803  1.00 13.80 ? 402 LYS A CD  1 
ATOM   489  C CE  . LYS A 1 83  ? 6.287   6.843   -5.872  1.00 14.43 ? 402 LYS A CE  1 
ATOM   490  N NZ  . LYS A 1 83  ? 6.204   5.656   -6.756  1.00 13.35 ? 402 LYS A NZ  1 
ATOM   491  N N   . MET A 1 84  ? 1.283   11.151  -3.823  1.00 12.04 ? 403 MET A N   1 
ATOM   492  C CA  . MET A 1 84  ? -0.029  11.775  -4.070  1.00 11.63 ? 403 MET A CA  1 
ATOM   493  C C   . MET A 1 84  ? -0.048  13.230  -3.631  1.00 12.49 ? 403 MET A C   1 
ATOM   494  O O   . MET A 1 84  ? -0.525  14.081  -4.380  1.00 12.61 ? 403 MET A O   1 
ATOM   495  C CB  . MET A 1 84  ? -1.140  10.983  -3.392  1.00 12.33 ? 403 MET A CB  1 
ATOM   496  C CG  . MET A 1 84  ? -2.552  11.473  -3.637  1.00 13.55 ? 403 MET A CG  1 
ATOM   497  S SD  . MET A 1 84  ? -3.078  11.178  -5.316  1.00 14.44 ? 403 MET A SD  1 
ATOM   498  C CE  . MET A 1 84  ? -3.423  9.424   -5.338  1.00 15.59 ? 403 MET A CE  1 
ATOM   499  N N   . GLU A 1 85  ? 0.479   13.524  -2.463  1.00 12.55 ? 404 GLU A N   1 
ATOM   500  C CA  . GLU A 1 85  ? 0.512   14.907  -1.946  1.00 15.31 ? 404 GLU A CA  1 
ATOM   501  C C   . GLU A 1 85  ? 1.359   15.799  -2.830  1.00 14.68 ? 404 GLU A C   1 
ATOM   502  O O   . GLU A 1 85  ? 1.015   16.975  -3.008  1.00 15.47 ? 404 GLU A O   1 
ATOM   503  C CB  . GLU A 1 85  ? 1.079   14.946  -0.536  1.00 19.36 ? 404 GLU A CB  1 
ATOM   504  C CG  . GLU A 1 85  ? 0.158   14.461  0.550   1.00 24.36 ? 404 GLU A CG  1 
ATOM   505  C CD  . GLU A 1 85  ? 0.872   14.463  1.906   1.00 31.02 ? 404 GLU A CD  1 
ATOM   506  O OE1 . GLU A 1 85  ? 2.135   14.518  1.953   1.00 38.37 ? 404 GLU A OE1 1 
ATOM   507  O OE2 . GLU A 1 85  ? 0.164   14.414  2.932   1.00 40.95 ? 404 GLU A OE2 1 
ATOM   508  N N   . ASN A 1 86  ? 2.416   15.252  -3.437  1.00 13.74 ? 405 ASN A N   1 
ATOM   509  C CA  . ASN A 1 86  ? 3.246   16.051  -4.353  1.00 14.33 ? 405 ASN A CA  1 
ATOM   510  C C   . ASN A 1 86  ? 2.719   16.076  -5.759  1.00 14.19 ? 405 ASN A C   1 
ATOM   511  O O   . ASN A 1 86  ? 3.310   16.728  -6.588  1.00 15.20 ? 405 ASN A O   1 
ATOM   512  C CB  . ASN A 1 86  ? 4.713   15.586  -4.358  1.00 16.58 ? 405 ASN A CB  1 
ATOM   513  C CG  . ASN A 1 86  ? 5.421   15.729  -3.015  1.00 17.06 ? 405 ASN A CG  1 
ATOM   514  O OD1 . ASN A 1 86  ? 6.380   14.977  -2.720  1.00 19.43 ? 405 ASN A OD1 1 
ATOM   515  N ND2 . ASN A 1 86  ? 4.997   16.661  -2.200  1.00 18.05 ? 405 ASN A ND2 1 
ATOM   516  N N   . ARG A 1 87  ? 1.606   15.388  -6.041  1.00 13.97 ? 406 ARG A N   1 
ATOM   517  C CA  . ARG A 1 87  ? 0.918   15.367  -7.326  1.00 15.11 ? 406 ARG A CA  1 
ATOM   518  C C   . ARG A 1 87  ? 1.809   14.688  -8.380  1.00 15.68 ? 406 ARG A C   1 
ATOM   519  O O   . ARG A 1 87  ? 1.880   15.122  -9.528  1.00 18.89 ? 406 ARG A O   1 
ATOM   520  C CB  . ARG A 1 87  ? 0.454   16.812  -7.733  1.00 17.31 ? 406 ARG A CB  1 
ATOM   521  C CG  . ARG A 1 87  ? -0.396  17.514  -6.672  1.00 16.70 ? 406 ARG A CG  1 
ATOM   522  C CD  . ARG A 1 87  ? -1.709  16.805  -6.537  1.00 17.16 ? 406 ARG A CD  1 
ATOM   523  N NE  . ARG A 1 87  ? -2.713  17.455  -5.674  1.00 16.58 ? 406 ARG A NE  1 
ATOM   524  C CZ  . ARG A 1 87  ? -3.185  16.994  -4.513  1.00 14.77 ? 406 ARG A CZ  1 
ATOM   525  N NH1 . ARG A 1 87  ? -2.742  15.858  -3.953  1.00 14.34 ? 406 ARG A NH1 1 
ATOM   526  N NH2 . ARG A 1 87  ? -4.144  17.685  -3.873  1.00 16.31 ? 406 ARG A NH2 1 
ATOM   527  N N   . ASP A 1 88  ? 2.543   13.663  -7.947  1.00 14.23 ? 407 ASP A N   1 
ATOM   528  C CA  . ASP A 1 88  ? 3.485   12.947  -8.812  1.00 15.56 ? 407 ASP A CA  1 
ATOM   529  C C   . ASP A 1 88  ? 2.927   11.737  -9.547  1.00 14.57 ? 407 ASP A C   1 
ATOM   530  O O   . ASP A 1 88  ? 3.593   11.245  -10.485 1.00 17.06 ? 407 ASP A O   1 
ATOM   531  C CB  . ASP A 1 88  ? 4.782   12.620  -8.036  1.00 16.29 ? 407 ASP A CB  1 
ATOM   532  C CG  . ASP A 1 88  ? 5.716   13.837  -7.876  1.00 18.83 ? 407 ASP A CG  1 
ATOM   533  O OD1 . ASP A 1 88  ? 5.540   14.876  -8.610  1.00 21.93 ? 407 ASP A OD1 1 
ATOM   534  O OD2 . ASP A 1 88  ? 6.604   13.801  -6.992  1.00 20.56 ? 407 ASP A OD2 1 
ATOM   535  N N   . TYR A 1 89  ? 1.709   11.260  -9.233  1.00 13.81 ? 408 TYR A N   1 
ATOM   536  C CA  . TYR A 1 89  ? 1.150   10.167  -9.988  1.00 13.45 ? 408 TYR A CA  1 
ATOM   537  C C   . TYR A 1 89  ? 0.620   10.665  -11.342 1.00 16.58 ? 408 TYR A C   1 
ATOM   538  O O   . TYR A 1 89  ? -0.071  11.688  -11.370 1.00 18.06 ? 408 TYR A O   1 
ATOM   539  C CB  . TYR A 1 89  ? 0.042   9.451   -9.219  1.00 12.82 ? 408 TYR A CB  1 
ATOM   540  C CG  . TYR A 1 89  ? 0.541   8.509   -8.167  1.00 10.99 ? 408 TYR A CG  1 
ATOM   541  C CD1 . TYR A 1 89  ? 1.293   7.388   -8.508  1.00 11.64 ? 408 TYR A CD1 1 
ATOM   542  C CD2 . TYR A 1 89  ? 0.256   8.706   -6.811  1.00 10.98 ? 408 TYR A CD2 1 
ATOM   543  C CE1 . TYR A 1 89  ? 1.773   6.528   -7.538  1.00 10.35 ? 408 TYR A CE1 1 
ATOM   544  C CE2 . TYR A 1 89  ? 0.724   7.824   -5.838  1.00 10.83 ? 408 TYR A CE2 1 
ATOM   545  C CZ  . TYR A 1 89  ? 1.450   6.747   -6.194  1.00 10.46 ? 408 TYR A CZ  1 
ATOM   546  O OH  . TYR A 1 89  ? 1.945   5.881   -5.231  1.00 9.10  ? 408 TYR A OH  1 
ATOM   547  N N   . ARG A 1 90  ? 1.026   10.031  -12.435 1.00 17.95 ? 409 ARG A N   1 
ATOM   548  C CA  . ARG A 1 90  ? 0.535   10.403  -13.790 1.00 20.53 ? 409 ARG A CA  1 
ATOM   549  C C   . ARG A 1 90  ? -0.880  9.932   -14.044 1.00 20.43 ? 409 ARG A C   1 
ATOM   550  O O   . ARG A 1 90  ? -1.638  10.567  -14.763 1.00 21.78 ? 409 ARG A O   1 
ATOM   551  C CB  . ARG A 1 90  ? 1.448   9.838   -14.897 1.00 24.44 ? 409 ARG A CB  1 
ATOM   552  C CG  . ARG A 1 90  ? 2.824   10.463  -15.013 1.00 29.32 ? 409 ARG A CG  1 
ATOM   553  C CD  . ARG A 1 90  ? 3.476   10.225  -16.408 1.00 32.05 ? 409 ARG A CD  1 
ATOM   554  N NE  . ARG A 1 90  ? 4.099   11.436  -16.984 1.00 35.60 ? 409 ARG A NE  1 
ATOM   555  N N   . ASP A 1 91  ? -1.271  8.820   -13.427 1.00 16.01 ? 410 ASP A N   1 
ATOM   556  C CA  . ASP A 1 91  ? -2.576  8.223   -13.662 1.00 17.31 ? 410 ASP A CA  1 
ATOM   557  C C   . ASP A 1 91  ? -2.891  7.246   -12.574 1.00 15.37 ? 410 ASP A C   1 
ATOM   558  O O   . ASP A 1 91  ? -2.026  6.921   -11.753 1.00 13.86 ? 410 ASP A O   1 
ATOM   559  C CB  . ASP A 1 91  ? -2.659  7.557   -15.021 1.00 18.84 ? 410 ASP A CB  1 
ATOM   560  C CG  . ASP A 1 91  ? -1.564  6.570   -15.266 1.00 22.52 ? 410 ASP A CG  1 
ATOM   561  O OD1 . ASP A 1 91  ? -1.279  5.725   -14.403 1.00 23.51 ? 410 ASP A OD1 1 
ATOM   562  O OD2 . ASP A 1 91  ? -0.983  6.630   -16.373 1.00 25.84 ? 410 ASP A OD2 1 
ATOM   563  N N   . ALA A 1 92  ? -4.133  6.804   -12.567 1.00 15.80 ? 411 ALA A N   1 
ATOM   564  C CA  . ALA A 1 92  ? -4.608  5.919   -11.503 1.00 15.53 ? 411 ALA A CA  1 
ATOM   565  C C   . ALA A 1 92  ? -3.894  4.562   -11.525 1.00 14.78 ? 411 ALA A C   1 
ATOM   566  O O   . ALA A 1 92  ? -3.658  3.967   -10.468 1.00 12.65 ? 411 ALA A O   1 
ATOM   567  C CB  . ALA A 1 92  ? -6.095  5.698   -11.633 1.00 15.23 ? 411 ALA A CB  1 
ATOM   568  N N   . GLN A 1 93  ? -3.554  4.068   -12.711 1.00 14.83 ? 412 GLN A N   1 
ATOM   569  C CA  . GLN A 1 93  ? -2.884  2.759   -12.808 1.00 15.89 ? 412 GLN A CA  1 
ATOM   570  C C   . GLN A 1 93  ? -1.513  2.809   -12.080 1.00 13.72 ? 412 GLN A C   1 
ATOM   571  O O   . GLN A 1 93  ? -1.080  1.822   -11.493 1.00 12.61 ? 412 GLN A O   1 
ATOM   572  C CB  . GLN A 1 93  ? -2.728  2.311   -14.265 1.00 19.11 ? 412 GLN A CB  1 
ATOM   573  C CG  . GLN A 1 93  ? -4.024  2.455   -15.087 1.00 24.04 ? 412 GLN A CG  1 
ATOM   574  C CD  . GLN A 1 93  ? -4.081  3.796   -15.854 1.00 28.77 ? 412 GLN A CD  1 
ATOM   575  O OE1 . GLN A 1 93  ? -4.635  4.802   -15.378 1.00 26.25 ? 412 GLN A OE1 1 
ATOM   576  N NE2 . GLN A 1 93  ? -3.430  3.827   -17.038 1.00 40.64 ? 412 GLN A NE2 1 
ATOM   577  N N   . GLU A 1 94  ? -0.837  3.943   -12.097 1.00 13.45 ? 413 GLU A N   1 
ATOM   578  C CA  . GLU A 1 94  ? 0.394   4.074   -11.332 1.00 14.20 ? 413 GLU A CA  1 
ATOM   579  C C   . GLU A 1 94  ? 0.202   3.951   -9.844  1.00 12.18 ? 413 GLU A C   1 
ATOM   580  O O   . GLU A 1 94  ? 1.013   3.333   -9.163  1.00 12.74 ? 413 GLU A O   1 
ATOM   581  C CB  . GLU A 1 94  ? 1.081   5.429   -11.586 1.00 16.85 ? 413 GLU A CB  1 
ATOM   582  C CG  . GLU A 1 94  ? 1.666   5.551   -12.958 1.00 20.58 ? 413 GLU A CG  1 
ATOM   583  C CD  . GLU A 1 94  ? 2.499   6.810   -13.137 1.00 24.73 ? 413 GLU A CD  1 
ATOM   584  O OE1 . GLU A 1 94  ? 3.141   6.903   -14.221 1.00 30.66 ? 413 GLU A OE1 1 
ATOM   585  O OE2 . GLU A 1 94  ? 2.581   7.672   -12.187 1.00 23.93 ? 413 GLU A OE2 1 
ATOM   586  N N   . PHE A 1 95  ? -0.850  4.578   -9.339  1.00 10.77 ? 414 PHE A N   1 
ATOM   587  C CA  . PHE A 1 95  ? -1.260  4.456   -7.938  1.00 11.08 ? 414 PHE A CA  1 
ATOM   588  C C   . PHE A 1 95  ? -1.570  3.014   -7.580  1.00 10.65 ? 414 PHE A C   1 
ATOM   589  O O   . PHE A 1 95  ? -1.069  2.455   -6.549  1.00 10.78 ? 414 PHE A O   1 
ATOM   590  C CB  . PHE A 1 95  ? -2.460  5.404   -7.673  1.00 11.35 ? 414 PHE A CB  1 
ATOM   591  C CG  . PHE A 1 95  ? -3.116  5.223   -6.345  1.00 11.04 ? 414 PHE A CG  1 
ATOM   592  C CD1 . PHE A 1 95  ? -2.625  5.869   -5.191  1.00 11.66 ? 414 PHE A CD1 1 
ATOM   593  C CD2 . PHE A 1 95  ? -4.283  4.426   -6.228  1.00 11.53 ? 414 PHE A CD2 1 
ATOM   594  C CE1 . PHE A 1 95  ? -3.276  5.675   -3.982  1.00 11.93 ? 414 PHE A CE1 1 
ATOM   595  C CE2 . PHE A 1 95  ? -4.910  4.245   -5.019  1.00 11.73 ? 414 PHE A CE2 1 
ATOM   596  C CZ  . PHE A 1 95  ? -4.403  4.870   -3.904  1.00 11.95 ? 414 PHE A CZ  1 
ATOM   597  N N   . ALA A 1 96  ? -2.377  2.360   -8.418  1.00 10.67 ? 415 ALA A N   1 
ATOM   598  C CA  . ALA A 1 96  ? -2.741  0.975   -8.160  1.00 10.96 ? 415 ALA A CA  1 
ATOM   599  C C   . ALA A 1 96  ? -1.526  0.050   -8.183  1.00 10.48 ? 415 ALA A C   1 
ATOM   600  O O   . ALA A 1 96  ? -1.451  -0.894  -7.397  1.00 11.26 ? 415 ALA A O   1 
ATOM   601  C CB  . ALA A 1 96  ? -3.798  0.470   -9.167  1.00 11.52 ? 415 ALA A CB  1 
ATOM   602  N N   . ALA A 1 97  ? -0.574  0.320   -9.063  1.00 10.27 ? 416 ALA A N   1 
ATOM   603  C CA  . ALA A 1 97  ? 0.611   -0.513  -9.169  1.00 10.48 ? 416 ALA A CA  1 
ATOM   604  C C   . ALA A 1 97  ? 1.428   -0.394  -7.872  1.00 9.78  ? 416 ALA A C   1 
ATOM   605  O O   . ALA A 1 97  ? 1.942   -1.408  -7.386  1.00 9.65  ? 416 ALA A O   1 
ATOM   606  C CB  . ALA A 1 97  ? 1.444   -0.109  -10.377 1.00 11.01 ? 416 ALA A CB  1 
ATOM   607  N N   . ASP A 1 98  ? 1.551   0.806   -7.327  1.00 8.73  ? 417 ASP A N   1 
ATOM   608  C CA  . ASP A 1 98  ? 2.290   1.015   -6.042  1.00 8.97  ? 417 ASP A CA  1 
ATOM   609  C C   . ASP A 1 98  ? 1.573   0.295   -4.889  1.00 9.57  ? 417 ASP A C   1 
ATOM   610  O O   . ASP A 1 98  ? 2.211   -0.358  -4.059  1.00 9.79  ? 417 ASP A O   1 
ATOM   611  C CB  . ASP A 1 98  ? 2.441   2.498   -5.702  1.00 8.98  ? 417 ASP A CB  1 
ATOM   612  C CG  . ASP A 1 98  ? 3.672   3.141   -6.321  1.00 10.20 ? 417 ASP A CG  1 
ATOM   613  O OD1 . ASP A 1 98  ? 4.472   2.413   -6.966  1.00 11.44 ? 417 ASP A OD1 1 
ATOM   614  O OD2 . ASP A 1 98  ? 3.833   4.367   -6.168  1.00 10.72 ? 417 ASP A OD2 1 
ATOM   615  N N   . VAL A 1 99  ? 0.245   0.476   -4.781  1.00 8.87  ? 418 VAL A N   1 
ATOM   616  C CA  . VAL A 1 99  ? -0.469  -0.174  -3.672  1.00 9.47  ? 418 VAL A CA  1 
ATOM   617  C C   . VAL A 1 99  ? -0.375  -1.725  -3.826  1.00 9.66  ? 418 VAL A C   1 
ATOM   618  O O   . VAL A 1 99  ? -0.104  -2.433  -2.840  1.00 8.77  ? 418 VAL A O   1 
ATOM   619  C CB  . VAL A 1 99  ? -1.948  0.297   -3.605  1.00 9.62  ? 418 VAL A CB  1 
ATOM   620  C CG1 . VAL A 1 99  ? -2.730  -0.515  -2.585  1.00 10.13 ? 418 VAL A CG1 1 
ATOM   621  C CG2 . VAL A 1 99  ? -2.035  1.800   -3.344  1.00 10.46 ? 418 VAL A CG2 1 
ATOM   622  N N   . ARG A 1 100 ? -0.485  -2.253  -5.046  1.00 9.28  ? 419 ARG A N   1 
ATOM   623  C CA  . ARG A 1 100 ? -0.349  -3.683  -5.266  1.00 10.39 ? 419 ARG A CA  1 
ATOM   624  C C   . ARG A 1 100 ? 1.055   -4.194  -5.000  1.00 9.93  ? 419 ARG A C   1 
ATOM   625  O O   . ARG A 1 100 ? 1.225   -5.289  -4.429  1.00 10.76 ? 419 ARG A O   1 
ATOM   626  C CB  . ARG A 1 100 ? -0.834  -4.131  -6.632  1.00 10.89 ? 419 ARG A CB  1 
ATOM   627  C CG  . ARG A 1 100 ? -2.338  -4.029  -6.730  1.00 11.91 ? 419 ARG A CG  1 
ATOM   628  C CD  . ARG A 1 100 ? -2.791  -4.233  -8.128  1.00 13.07 ? 419 ARG A CD  1 
ATOM   629  N NE  . ARG A 1 100 ? -4.259  -4.238  -8.210  1.00 14.50 ? 419 ARG A NE  1 
ATOM   630  C CZ  . ARG A 1 100 ? -4.949  -3.834  -9.261  1.00 14.33 ? 419 ARG A CZ  1 
ATOM   631  N NH1 . ARG A 1 100 ? -4.318  -3.360  -10.314 1.00 14.25 ? 419 ARG A NH1 1 
ATOM   632  N NH2 . ARG A 1 100 ? -6.302  -3.873  -9.247  1.00 14.35 ? 419 ARG A NH2 1 
ATOM   633  N N   . LEU A 1 101 ? 2.033   -3.369  -5.307  1.00 9.25  ? 420 LEU A N   1 
ATOM   634  C CA  . LEU A 1 101 ? 3.409   -3.725  -4.990  1.00 9.46  ? 420 LEU A CA  1 
ATOM   635  C C   . LEU A 1 101 ? 3.623   -3.862  -3.477  1.00 8.98  ? 420 LEU A C   1 
ATOM   636  O O   . LEU A 1 101 ? 4.285   -4.807  -3.006  1.00 9.04  ? 420 LEU A O   1 
ATOM   637  C CB  . LEU A 1 101 ? 4.347   -2.699  -5.577  1.00 9.82  ? 420 LEU A CB  1 
ATOM   638  C CG  . LEU A 1 101 ? 5.827   -2.784  -5.222  1.00 10.42 ? 420 LEU A CG  1 
ATOM   639  C CD1 . LEU A 1 101 ? 6.412   -4.115  -5.659  1.00 10.97 ? 420 LEU A CD1 1 
ATOM   640  C CD2 . LEU A 1 101 ? 6.561   -1.592  -5.768  1.00 10.64 ? 420 LEU A CD2 1 
ATOM   641  N N   . MET A 1 102 ? 3.077   -2.915  -2.726  1.00 8.67  ? 421 MET A N   1 
ATOM   642  C CA  . MET A 1 102 ? 3.154   -2.976  -1.252  1.00 8.98  ? 421 MET A CA  1 
ATOM   643  C C   . MET A 1 102 ? 2.597   -4.321  -0.763  1.00 8.92  ? 421 MET A C   1 
ATOM   644  O O   . MET A 1 102 ? 3.249   -5.013  0.049   1.00 10.02 ? 421 MET A O   1 
ATOM   645  C CB  . MET A 1 102 ? 2.367   -1.800  -0.671  1.00 9.17  ? 421 MET A CB  1 
ATOM   646  C CG  . MET A 1 102 ? 2.288   -1.795  0.803   1.00 9.59  ? 421 MET A CG  1 
ATOM   647  S SD  . MET A 1 102 ? 1.298   -0.448  1.424   1.00 10.66 ? 421 MET A SD  1 
ATOM   648  C CE  . MET A 1 102 ? -0.350  -1.110  1.224   1.00 11.30 ? 421 MET A CE  1 
ATOM   649  N N   . PHE A 1 103 ? 1.425   -4.711  -1.257  1.00 8.89  ? 422 PHE A N   1 
ATOM   650  C CA  . PHE A 1 103 ? 0.830   -5.976  -0.782  1.00 9.26  ? 422 PHE A CA  1 
ATOM   651  C C   . PHE A 1 103 ? 1.633   -7.157  -1.299  1.00 9.70  ? 422 PHE A C   1 
ATOM   652  O O   . PHE A 1 103 ? 1.912   -8.067  -0.545  1.00 9.87  ? 422 PHE A O   1 
ATOM   653  C CB  . PHE A 1 103 ? -0.627  -6.098  -1.212  1.00 9.51  ? 422 PHE A CB  1 
ATOM   654  C CG  . PHE A 1 103 ? -1.527  -5.068  -0.583  1.00 10.39 ? 422 PHE A CG  1 
ATOM   655  C CD1 . PHE A 1 103 ? -1.545  -4.931  0.802   1.00 10.81 ? 422 PHE A CD1 1 
ATOM   656  C CD2 . PHE A 1 103 ? -2.368  -4.271  -1.354  1.00 10.87 ? 422 PHE A CD2 1 
ATOM   657  C CE1 . PHE A 1 103 ? -2.343  -3.998  1.422   1.00 11.23 ? 422 PHE A CE1 1 
ATOM   658  C CE2 . PHE A 1 103 ? -3.200  -3.328  -0.706  1.00 11.07 ? 422 PHE A CE2 1 
ATOM   659  C CZ  . PHE A 1 103 ? -3.191  -3.232  0.651   1.00 11.21 ? 422 PHE A CZ  1 
ATOM   660  N N   A SER A 1 104 ? 2.019   -7.144  -2.574  0.50 9.82  ? 423 SER A N   1 
ATOM   661  N N   B SER A 1 104 ? 2.008   -7.113  -2.586  0.50 9.53  ? 423 SER A N   1 
ATOM   662  C CA  A SER A 1 104 ? 2.767   -8.277  -3.139  0.50 10.27 ? 423 SER A CA  1 
ATOM   663  C CA  B SER A 1 104 ? 2.815   -8.176  -3.219  0.50 9.81  ? 423 SER A CA  1 
ATOM   664  C C   A SER A 1 104 ? 4.130   -8.496  -2.460  0.50 9.99  ? 423 SER A C   1 
ATOM   665  C C   B SER A 1 104 ? 4.078   -8.476  -2.421  0.50 9.72  ? 423 SER A C   1 
ATOM   666  O O   A SER A 1 104 ? 4.568   -9.648  -2.283  0.50 10.40 ? 423 SER A O   1 
ATOM   667  O O   B SER A 1 104 ? 4.376   -9.647  -2.112  0.50 10.09 ? 423 SER A O   1 
ATOM   668  C CB  A SER A 1 104 ? 2.949   -8.080  -4.639  0.50 10.53 ? 423 SER A CB  1 
ATOM   669  C CB  B SER A 1 104 ? 3.229   -7.786  -4.647  0.50 9.76  ? 423 SER A CB  1 
ATOM   670  O OG  A SER A 1 104 ? 1.704   -8.138  -5.301  0.50 11.19 ? 423 SER A OG  1 
ATOM   671  O OG  B SER A 1 104 ? 4.127   -8.772  -5.181  0.50 9.68  ? 423 SER A OG  1 
ATOM   672  N N   . ASN A 1 105 ? 4.788   -7.411  -2.051  1.00 9.62  ? 424 ASN A N   1 
ATOM   673  C CA  . ASN A 1 105 ? 6.021   -7.558  -1.267  1.00 9.86  ? 424 ASN A CA  1 
ATOM   674  C C   . ASN A 1 105 ? 5.752   -8.331  0.014   1.00 9.60  ? 424 ASN A C   1 
ATOM   675  O O   . ASN A 1 105 ? 6.523   -9.227  0.389   1.00 9.62  ? 424 ASN A O   1 
ATOM   676  C CB  . ASN A 1 105 ? 6.664   -6.229  -0.926  1.00 9.32  ? 424 ASN A CB  1 
ATOM   677  C CG  . ASN A 1 105 ? 7.290   -5.547  -2.114  1.00 9.27  ? 424 ASN A CG  1 
ATOM   678  O OD1 . ASN A 1 105 ? 7.572   -6.177  -3.166  1.00 8.92  ? 424 ASN A OD1 1 
ATOM   679  N ND2 . ASN A 1 105 ? 7.500   -4.222  -1.974  1.00 10.06 ? 424 ASN A ND2 1 
ATOM   680  N N   . CYS A 1 106 ? 4.658   -7.987  0.671   1.00 8.96  ? 425 CYS A N   1 
ATOM   681  C CA  . CYS A 1 106 ? 4.294   -8.647  1.922   1.00 9.79  ? 425 CYS A CA  1 
ATOM   682  C C   . CYS A 1 106 ? 4.001   -10.137 1.699   1.00 9.68  ? 425 CYS A C   1 
ATOM   683  O O   . CYS A 1 106 ? 4.492   -11.002 2.433   1.00 9.91  ? 425 CYS A O   1 
ATOM   684  C CB  . CYS A 1 106 ? 3.134   -7.876  2.564   1.00 9.78  ? 425 CYS A CB  1 
ATOM   685  S SG  . CYS A 1 106 ? 2.531   -8.525  4.126   1.00 10.70 ? 425 CYS A SG  1 
ATOM   686  N N   . TYR A 1 107 ? 3.224   -10.459 0.670   1.00 10.33 ? 426 TYR A N   1 
ATOM   687  C CA  . TYR A 1 107 ? 2.952   -11.872 0.390   1.00 10.65 ? 426 TYR A CA  1 
ATOM   688  C C   . TYR A 1 107 ? 4.237   -12.630 -0.042  1.00 10.97 ? 426 TYR A C   1 
ATOM   689  O O   . TYR A 1 107 ? 4.442   -13.765 0.356   1.00 11.68 ? 426 TYR A O   1 
ATOM   690  C CB  . TYR A 1 107 ? 1.892   -12.022 -0.714  1.00 10.85 ? 426 TYR A CB  1 
ATOM   691  C CG  . TYR A 1 107 ? 0.621   -11.255 -0.466  1.00 11.60 ? 426 TYR A CG  1 
ATOM   692  C CD1 . TYR A 1 107 ? 0.046   -11.179 0.810   1.00 11.92 ? 426 TYR A CD1 1 
ATOM   693  C CD2 . TYR A 1 107 ? -0.035  -10.649 -1.513  1.00 11.22 ? 426 TYR A CD2 1 
ATOM   694  C CE1 . TYR A 1 107 ? -1.146  -10.495 1.028   1.00 12.41 ? 426 TYR A CE1 1 
ATOM   695  C CE2 . TYR A 1 107 ? -1.203  -9.947  -1.310  1.00 11.85 ? 426 TYR A CE2 1 
ATOM   696  C CZ  . TYR A 1 107 ? -1.768  -9.887  -0.047  1.00 12.24 ? 426 TYR A CZ  1 
ATOM   697  O OH  . TYR A 1 107 ? -2.923  -9.175  0.176   1.00 13.33 ? 426 TYR A OH  1 
ATOM   698  N N   A LYS A 1 108 ? 5.099   -11.976 -0.826  0.50 10.89 ? 427 LYS A N   1 
ATOM   699  N N   B LYS A 1 108 ? 5.082   -11.965 -0.821  0.50 11.19 ? 427 LYS A N   1 
ATOM   700  C CA  A LYS A 1 108 ? 6.312   -12.602 -1.356  0.50 11.42 ? 427 LYS A CA  1 
ATOM   701  C CA  B LYS A 1 108 ? 6.301   -12.549 -1.337  0.50 11.91 ? 427 LYS A CA  1 
ATOM   702  C C   A LYS A 1 108 ? 7.293   -12.965 -0.239  0.50 11.48 ? 427 LYS A C   1 
ATOM   703  C C   B LYS A 1 108 ? 7.237   -12.980 -0.207  0.50 11.76 ? 427 LYS A C   1 
ATOM   704  O O   A LYS A 1 108 ? 7.874   -14.067 -0.252  0.50 10.90 ? 427 LYS A O   1 
ATOM   705  O O   B LYS A 1 108 ? 7.713   -14.132 -0.167  0.50 11.03 ? 427 LYS A O   1 
ATOM   706  C CB  A LYS A 1 108 ? 7.006   -11.695 -2.377  0.50 12.10 ? 427 LYS A CB  1 
ATOM   707  C CB  B LYS A 1 108 ? 7.019   -11.541 -2.217  0.50 13.04 ? 427 LYS A CB  1 
ATOM   708  C CG  A LYS A 1 108 ? 8.225   -12.309 -3.053  0.50 12.53 ? 427 LYS A CG  1 
ATOM   709  C CG  B LYS A 1 108 ? 8.315   -12.084 -2.760  0.50 13.95 ? 427 LYS A CG  1 
ATOM   710  C CD  A LYS A 1 108 ? 8.881   -11.359 -4.068  0.50 13.11 ? 427 LYS A CD  1 
ATOM   711  C CD  B LYS A 1 108 ? 8.922   -11.170 -3.799  0.50 14.99 ? 427 LYS A CD  1 
ATOM   712  C CE  A LYS A 1 108 ? 8.084   -11.178 -5.361  0.50 13.44 ? 427 LYS A CE  1 
ATOM   713  C CE  B LYS A 1 108 ? 9.707   -12.012 -4.775  0.50 16.03 ? 427 LYS A CE  1 
ATOM   714  N NZ  A LYS A 1 108 ? 8.065   -12.373 -6.275  0.50 14.14 ? 427 LYS A NZ  1 
ATOM   715  N NZ  B LYS A 1 108 ? 10.979  -11.338 -5.032  0.50 17.62 ? 427 LYS A NZ  1 
ATOM   716  N N   . TYR A 1 109 ? 7.445   -12.073 0.740   1.00 10.98 ? 428 TYR A N   1 
ATOM   717  C CA  . TYR A 1 109 ? 8.427   -12.314 1.811   1.00 11.13 ? 428 TYR A CA  1 
ATOM   718  C C   . TYR A 1 109 ? 7.974   -13.310 2.843   1.00 11.67 ? 428 TYR A C   1 
ATOM   719  O O   . TYR A 1 109 ? 8.805   -14.130 3.325   1.00 10.63 ? 428 TYR A O   1 
ATOM   720  C CB  . TYR A 1 109 ? 8.843   -11.006 2.465   1.00 11.33 ? 428 TYR A CB  1 
ATOM   721  C CG  . TYR A 1 109 ? 9.980   -11.215 3.433   1.00 11.55 ? 428 TYR A CG  1 
ATOM   722  C CD1 . TYR A 1 109 ? 11.268  -11.467 2.963   1.00 12.28 ? 428 TYR A CD1 1 
ATOM   723  C CD2 . TYR A 1 109 ? 9.745   -11.282 4.769   1.00 11.96 ? 428 TYR A CD2 1 
ATOM   724  C CE1 . TYR A 1 109 ? 12.323  -11.695 3.850   1.00 12.55 ? 428 TYR A CE1 1 
ATOM   725  C CE2 . TYR A 1 109 ? 10.789  -11.509 5.660   1.00 12.85 ? 428 TYR A CE2 1 
ATOM   726  C CZ  . TYR A 1 109 ? 12.058  -11.722 5.203   1.00 13.03 ? 428 TYR A CZ  1 
ATOM   727  O OH  . TYR A 1 109 ? 13.079  -11.973 6.126   1.00 13.43 ? 428 TYR A OH  1 
ATOM   728  N N   . ASN A 1 110 ? 6.694   -13.246 3.207   1.00 11.21 ? 429 ASN A N   1 
ATOM   729  C CA  . ASN A 1 110 ? 6.214   -13.874 4.428   1.00 12.61 ? 429 ASN A CA  1 
ATOM   730  C C   . ASN A 1 110 ? 5.567   -15.222 4.183   1.00 13.96 ? 429 ASN A C   1 
ATOM   731  O O   . ASN A 1 110 ? 5.003   -15.456 3.098   1.00 13.19 ? 429 ASN A O   1 
ATOM   732  C CB  . ASN A 1 110 ? 5.236   -12.936 5.115   1.00 12.51 ? 429 ASN A CB  1 
ATOM   733  C CG  . ASN A 1 110 ? 5.935   -11.684 5.610   1.00 12.38 ? 429 ASN A CG  1 
ATOM   734  O OD1 . ASN A 1 110 ? 6.768   -11.763 6.553   1.00 12.73 ? 429 ASN A OD1 1 
ATOM   735  N ND2 . ASN A 1 110 ? 5.691   -10.556 4.957   1.00 11.36 ? 429 ASN A ND2 1 
ATOM   736  N N   . PRO A 1 111 ? 5.573   -16.078 5.215   1.00 15.63 ? 430 PRO A N   1 
ATOM   737  C CA  . PRO A 1 111 ? 4.813   -17.328 5.168   1.00 17.12 ? 430 PRO A CA  1 
ATOM   738  C C   . PRO A 1 111 ? 3.331   -17.067 5.210   1.00 17.38 ? 430 PRO A C   1 
ATOM   739  O O   . PRO A 1 111 ? 2.879   -16.039 5.779   1.00 16.55 ? 430 PRO A O   1 
ATOM   740  C CB  . PRO A 1 111 ? 5.286   -18.086 6.425   1.00 18.47 ? 430 PRO A CB  1 
ATOM   741  C CG  . PRO A 1 111 ? 5.826   -17.076 7.314   1.00 19.53 ? 430 PRO A CG  1 
ATOM   742  C CD  . PRO A 1 111 ? 6.329   -15.942 6.474   1.00 18.18 ? 430 PRO A CD  1 
ATOM   743  N N   . PRO A 1 112 ? 2.550   -17.966 4.598   1.00 18.98 ? 431 PRO A N   1 
ATOM   744  C CA  . PRO A 1 112 ? 1.115   -17.747 4.453   1.00 20.48 ? 431 PRO A CA  1 
ATOM   745  C C   . PRO A 1 112 ? 0.349   -17.581 5.749   1.00 19.92 ? 431 PRO A C   1 
ATOM   746  O O   . PRO A 1 112 ? -0.693  -16.911 5.764   1.00 20.60 ? 431 PRO A O   1 
ATOM   747  C CB  . PRO A 1 112 ? 0.643   -18.988 3.693   1.00 21.38 ? 431 PRO A CB  1 
ATOM   748  C CG  . PRO A 1 112 ? 1.705   -20.016 3.923   1.00 20.58 ? 431 PRO A CG  1 
ATOM   749  C CD  . PRO A 1 112 ? 2.983   -19.211 3.928   1.00 20.64 ? 431 PRO A CD  1 
ATOM   750  N N   . ASP A 1 113 ? 0.882   -18.126 6.841   1.00 21.76 ? 432 ASP A N   1 
ATOM   751  C CA  . ASP A 1 113 ? 0.165   -18.088 8.110   1.00 23.15 ? 432 ASP A CA  1 
ATOM   752  C C   . ASP A 1 113 ? 0.562   -16.906 9.005   1.00 21.95 ? 432 ASP A C   1 
ATOM   753  O O   . ASP A 1 113 ? 0.053   -16.796 10.105  1.00 21.75 ? 432 ASP A O   1 
ATOM   754  C CB  . ASP A 1 113 ? 0.312   -19.419 8.845   1.00 27.23 ? 432 ASP A CB  1 
ATOM   755  C CG  . ASP A 1 113 ? 1.727   -19.676 9.310   1.00 32.86 ? 432 ASP A CG  1 
ATOM   756  O OD1 . ASP A 1 113 ? 2.690   -19.110 8.716   1.00 38.77 ? 432 ASP A OD1 1 
ATOM   757  O OD2 . ASP A 1 113 ? 1.899   -20.473 10.259  1.00 43.05 ? 432 ASP A OD2 1 
ATOM   758  N N   . HIS A 1 114 ? 1.370   -15.958 8.510   1.00 18.34 ? 433 HIS A N   1 
ATOM   759  C CA  . HIS A 1 114 ? 1.850   -14.877 9.366   1.00 17.53 ? 433 HIS A CA  1 
ATOM   760  C C   . HIS A 1 114 ? 0.715   -13.850 9.534   1.00 14.87 ? 433 HIS A C   1 
ATOM   761  O O   . HIS A 1 114 ? -0.031  -13.580 8.600   1.00 14.63 ? 433 HIS A O   1 
ATOM   762  C CB  . HIS A 1 114 ? 3.134   -14.224 8.824   1.00 17.27 ? 433 HIS A CB  1 
ATOM   763  C CG  . HIS A 1 114 ? 3.828   -13.371 9.847   1.00 17.49 ? 433 HIS A CG  1 
ATOM   764  N ND1 . HIS A 1 114 ? 3.423   -12.093 10.134  1.00 16.14 ? 433 HIS A ND1 1 
ATOM   765  C CD2 . HIS A 1 114 ? 4.864   -13.630 10.673  1.00 16.87 ? 433 HIS A CD2 1 
ATOM   766  C CE1 . HIS A 1 114 ? 4.180   -11.598 11.089  1.00 17.22 ? 433 HIS A CE1 1 
ATOM   767  N NE2 . HIS A 1 114 ? 5.082   -12.509 11.417  1.00 17.52 ? 433 HIS A NE2 1 
ATOM   768  N N   . ASP A 1 115 ? 0.604   -13.272 10.727  1.00 14.87 ? 434 ASP A N   1 
ATOM   769  C CA  . ASP A 1 115 ? -0.422  -12.242 11.028  1.00 14.62 ? 434 ASP A CA  1 
ATOM   770  C C   . ASP A 1 115 ? -0.407  -11.090 10.014  1.00 13.63 ? 434 ASP A C   1 
ATOM   771  O O   . ASP A 1 115 ? -1.458  -10.559 9.673   1.00 12.92 ? 434 ASP A O   1 
ATOM   772  C CB  . ASP A 1 115 ? -0.265  -11.656 12.422  1.00 16.77 ? 434 ASP A CB  1 
ATOM   773  C CG  . ASP A 1 115 ? -0.735  -12.593 13.530  1.00 19.29 ? 434 ASP A CG  1 
ATOM   774  O OD1 . ASP A 1 115 ? -1.299  -13.660 13.232  1.00 19.54 ? 434 ASP A OD1 1 
ATOM   775  O OD2 . ASP A 1 115 ? -0.475  -12.250 14.710  1.00 20.11 ? 434 ASP A OD2 1 
ATOM   776  N N   . VAL A 1 116 ? 0.779   -10.701 9.541   1.00 13.18 ? 435 VAL A N   1 
ATOM   777  C CA  . VAL A 1 116 ? 0.872   -9.532  8.648   1.00 11.59 ? 435 VAL A CA  1 
ATOM   778  C C   . VAL A 1 116 ? 0.235   -9.855  7.277   1.00 11.59 ? 435 VAL A C   1 
ATOM   779  O O   . VAL A 1 116 ? -0.320  -8.984  6.644   1.00 11.43 ? 435 VAL A O   1 
ATOM   780  C CB  . VAL A 1 116 ? 2.316   -9.023  8.527   1.00 12.29 ? 435 VAL A CB  1 
ATOM   781  C CG1 . VAL A 1 116 ? 3.223   -9.896  7.650   1.00 11.45 ? 435 VAL A CG1 1 
ATOM   782  C CG2 . VAL A 1 116 ? 2.301   -7.603  8.055   1.00 11.88 ? 435 VAL A CG2 1 
ATOM   783  N N   . VAL A 1 117 ? 0.264   -11.121 6.862   1.00 12.37 ? 436 VAL A N   1 
ATOM   784  C CA  . VAL A 1 117 ? -0.344  -11.541 5.582   1.00 13.02 ? 436 VAL A CA  1 
ATOM   785  C C   . VAL A 1 117 ? -1.865  -11.417 5.674   1.00 12.86 ? 436 VAL A C   1 
ATOM   786  O O   . VAL A 1 117 ? -2.534  -10.907 4.750   1.00 12.29 ? 436 VAL A O   1 
ATOM   787  C CB  . VAL A 1 117 ? 0.163   -12.947 5.162   1.00 13.42 ? 436 VAL A CB  1 
ATOM   788  C CG1 . VAL A 1 117 ? -0.662  -13.538 4.033   1.00 14.37 ? 436 VAL A CG1 1 
ATOM   789  C CG2 . VAL A 1 117 ? 1.667   -12.875 4.838   1.00 13.74 ? 436 VAL A CG2 1 
ATOM   790  N N   . ALA A 1 118 ? -2.415  -11.841 6.810   1.00 13.46 ? 437 ALA A N   1 
ATOM   791  C CA  . ALA A 1 118 ? -3.839  -11.636 7.099   1.00 13.46 ? 437 ALA A CA  1 
ATOM   792  C C   . ALA A 1 118 ? -4.274  -10.156 7.087   1.00 12.37 ? 437 ALA A C   1 
ATOM   793  O O   . ALA A 1 118 ? -5.344  -9.820  6.544   1.00 13.67 ? 437 ALA A O   1 
ATOM   794  C CB  . ALA A 1 118 ? -4.198  -12.275 8.441   1.00 14.20 ? 437 ALA A CB  1 
ATOM   795  N N   . MET A 1 119 ? -3.434  -9.297  7.649   1.00 11.75 ? 438 MET A N   1 
ATOM   796  C CA  . MET A 1 119 ? -3.671  -7.866  7.671   1.00 13.22 ? 438 MET A CA  1 
ATOM   797  C C   . MET A 1 119 ? -3.593  -7.272  6.294   1.00 12.27 ? 438 MET A C   1 
ATOM   798  O O   . MET A 1 119 ? -4.430  -6.446  5.939   1.00 12.99 ? 438 MET A O   1 
ATOM   799  C CB  . MET A 1 119 ? -2.658  -7.207  8.597   1.00 14.37 ? 438 MET A CB  1 
ATOM   800  C CG  . MET A 1 119 ? -2.897  -7.627  10.039  1.00 17.53 ? 438 MET A CG  1 
ATOM   801  S SD  . MET A 1 119 ? -1.466  -7.281  11.083  1.00 25.31 ? 438 MET A SD  1 
ATOM   802  C CE  . MET A 1 119 ? -1.932  -5.749  11.499  1.00 18.92 ? 438 MET A CE  1 
ATOM   803  N N   . ALA A 1 120 ? -2.582  -7.674  5.528   1.00 12.26 ? 439 ALA A N   1 
ATOM   804  C CA  . ALA A 1 120 ? -2.473  -7.242  4.122   1.00 11.87 ? 439 ALA A CA  1 
ATOM   805  C C   . ALA A 1 120 ? -3.727  -7.590  3.354   1.00 12.80 ? 439 ALA A C   1 
ATOM   806  O O   . ALA A 1 120 ? -4.279  -6.760  2.598   1.00 11.73 ? 439 ALA A O   1 
ATOM   807  C CB  . ALA A 1 120 ? -1.265  -7.877  3.431   1.00 11.61 ? 439 ALA A CB  1 
ATOM   808  N N   . ARG A 1 121 ? -4.203  -8.820  3.530   1.00 13.23 ? 440 ARG A N   1 
ATOM   809  C CA  . ARG A 1 121 ? -5.410  -9.239  2.807   1.00 15.07 ? 440 ARG A CA  1 
ATOM   810  C C   . ARG A 1 121 ? -6.625  -8.424  3.127   1.00 14.79 ? 440 ARG A C   1 
ATOM   811  O O   . ARG A 1 121 ? -7.381  -8.067  2.215   1.00 14.39 ? 440 ARG A O   1 
ATOM   812  C CB  . ARG A 1 121 ? -5.713  -10.709 3.094   1.00 17.78 ? 440 ARG A CB  1 
ATOM   813  C CG  . ARG A 1 121 ? -4.824  -11.603 2.335   1.00 22.17 ? 440 ARG A CG  1 
ATOM   814  C CD  . ARG A 1 121 ? -5.182  -13.038 2.628   1.00 25.92 ? 440 ARG A CD  1 
ATOM   815  N NE  . ARG A 1 121 ? -4.196  -13.927 2.027   1.00 30.74 ? 440 ARG A NE  1 
ATOM   816  C CZ  . ARG A 1 121 ? -3.817  -15.092 2.542   1.00 33.25 ? 440 ARG A CZ  1 
ATOM   817  N NH1 . ARG A 1 121 ? -4.305  -15.523 3.712   1.00 36.00 ? 440 ARG A NH1 1 
ATOM   818  N NH2 . ARG A 1 121 ? -2.914  -15.823 1.905   1.00 34.55 ? 440 ARG A NH2 1 
ATOM   819  N N   . LYS A 1 122 ? -6.821  -8.107  4.412   1.00 14.56 ? 441 LYS A N   1 
ATOM   820  C CA  . LYS A 1 122 ? -7.933  -7.287  4.830   1.00 15.71 ? 441 LYS A CA  1 
ATOM   821  C C   . LYS A 1 122 ? -7.855  -5.899  4.215   1.00 15.06 ? 441 LYS A C   1 
ATOM   822  O O   . LYS A 1 122 ? -8.862  -5.380  3.712   1.00 14.91 ? 441 LYS A O   1 
ATOM   823  C CB  . LYS A 1 122 ? -7.996  -7.210  6.352   1.00 18.93 ? 441 LYS A CB  1 
ATOM   824  C CG  . LYS A 1 122 ? -8.403  -8.531  6.977   1.00 22.62 ? 441 LYS A CG  1 
ATOM   825  C CD  . LYS A 1 122 ? -8.581  -8.396  8.484   1.00 26.18 ? 441 LYS A CD  1 
ATOM   826  C CE  . LYS A 1 122 ? -8.768  -9.756  9.133   1.00 30.26 ? 441 LYS A CE  1 
ATOM   827  N NZ  . LYS A 1 122 ? -8.653  -9.583  10.609  1.00 33.00 ? 441 LYS A NZ  1 
ATOM   828  N N   . LEU A 1 123 ? -6.654  -5.302  4.234   1.00 12.71 ? 442 LEU A N   1 
ATOM   829  C CA  . LEU A 1 123 ? -6.494  -3.989  3.658   1.00 12.33 ? 442 LEU A CA  1 
ATOM   830  C C   . LEU A 1 123 ? -6.638  -4.030  2.126   1.00 11.28 ? 442 LEU A C   1 
ATOM   831  O O   . LEU A 1 123 ? -7.165  -3.096  1.512   1.00 12.51 ? 442 LEU A O   1 
ATOM   832  C CB  . LEU A 1 123 ? -5.138  -3.365  4.060   1.00 11.75 ? 442 LEU A CB  1 
ATOM   833  C CG  . LEU A 1 123 ? -5.030  -1.869  3.877   1.00 12.60 ? 442 LEU A CG  1 
ATOM   834  C CD1 . LEU A 1 123 ? -6.068  -1.150  4.756   1.00 12.16 ? 442 LEU A CD1 1 
ATOM   835  C CD2 . LEU A 1 123 ? -3.643  -1.364  4.245   1.00 12.30 ? 442 LEU A CD2 1 
ATOM   836  N N   . GLN A 1 124 ? -6.154  -5.097  1.494   1.00 11.94 ? 443 GLN A N   1 
ATOM   837  C CA  . GLN A 1 124 ? -6.209  -5.167  0.042   1.00 12.74 ? 443 GLN A CA  1 
ATOM   838  C C   . GLN A 1 124 ? -7.666  -5.299  -0.441  1.00 14.05 ? 443 GLN A C   1 
ATOM   839  O O   . GLN A 1 124 ? -8.026  -4.771  -1.471  1.00 13.81 ? 443 GLN A O   1 
ATOM   840  C CB  . GLN A 1 124 ? -5.331  -6.287  -0.518  1.00 13.39 ? 443 GLN A CB  1 
ATOM   841  C CG  . GLN A 1 124 ? -5.371  -6.356  -2.054  1.00 14.98 ? 443 GLN A CG  1 
ATOM   842  C CD  . GLN A 1 124 ? -4.258  -7.123  -2.697  1.00 15.14 ? 443 GLN A CD  1 
ATOM   843  O OE1 . GLN A 1 124 ? -3.646  -7.986  -2.071  1.00 16.18 ? 443 GLN A OE1 1 
ATOM   844  N NE2 . GLN A 1 124 ? -3.985  -6.827  -3.987  1.00 15.69 ? 443 GLN A NE2 1 
ATOM   845  N N   . ASP A 1 125 ? -8.482  -6.047  0.305   1.00 15.49 ? 444 ASP A N   1 
ATOM   846  C CA  . ASP A 1 125 ? -9.902  -6.154  -0.017  1.00 17.73 ? 444 ASP A CA  1 
ATOM   847  C C   . ASP A 1 125 ? -10.584 -4.791  -0.035  1.00 16.37 ? 444 ASP A C   1 
ATOM   848  O O   . ASP A 1 125 ? -11.416 -4.538  -0.922  1.00 15.42 ? 444 ASP A O   1 
ATOM   849  C CB  . ASP A 1 125 ? -10.612 -7.082  0.962   1.00 20.87 ? 444 ASP A CB  1 
ATOM   850  C CG  . ASP A 1 125 ? -10.359 -8.557  0.635   1.00 25.15 ? 444 ASP A CG  1 
ATOM   851  O OD1 . ASP A 1 125 ? -9.792  -8.891  -0.446  1.00 33.61 ? 444 ASP A OD1 1 
ATOM   852  O OD2 . ASP A 1 125 ? -10.722 -9.373  1.470   1.00 31.92 ? 444 ASP A OD2 1 
ATOM   853  N N   . VAL A 1 126 ? -10.217 -3.920  0.910   1.00 15.45 ? 445 VAL A N   1 
ATOM   854  C CA  . VAL A 1 126 ? -10.712 -2.557  0.934   1.00 15.68 ? 445 VAL A CA  1 
ATOM   855  C C   . VAL A 1 126 ? -10.259 -1.814  -0.297  1.00 14.07 ? 445 VAL A C   1 
ATOM   856  O O   . VAL A 1 126 ? -11.057 -1.168  -0.985  1.00 15.01 ? 445 VAL A O   1 
ATOM   857  C CB  . VAL A 1 126 ? -10.264 -1.751  2.196   1.00 16.59 ? 445 VAL A CB  1 
ATOM   858  C CG1 . VAL A 1 126 ? -10.773 -0.332  2.147   1.00 18.28 ? 445 VAL A CG1 1 
ATOM   859  C CG2 . VAL A 1 126 ? -10.726 -2.428  3.460   1.00 18.12 ? 445 VAL A CG2 1 
ATOM   860  N N   . PHE A 1 127 ? -8.961  -1.866  -0.580  1.00 11.94 ? 446 PHE A N   1 
ATOM   861  C CA  . PHE A 1 127 ? -8.405  -1.216  -1.761  1.00 11.51 ? 446 PHE A CA  1 
ATOM   862  C C   . PHE A 1 127 ? -9.057  -1.663  -3.094  1.00 11.30 ? 446 PHE A C   1 
ATOM   863  O O   . PHE A 1 127 ? -9.450  -0.840  -3.911  1.00 10.40 ? 446 PHE A O   1 
ATOM   864  C CB  . PHE A 1 127 ? -6.883  -1.457  -1.869  1.00 11.50 ? 446 PHE A CB  1 
ATOM   865  C CG  . PHE A 1 127 ? -6.330  -1.061  -3.193  1.00 11.51 ? 446 PHE A CG  1 
ATOM   866  C CD1 . PHE A 1 127 ? -6.179  0.290   -3.525  1.00 12.23 ? 446 PHE A CD1 1 
ATOM   867  C CD2 . PHE A 1 127 ? -6.011  -2.039  -4.145  1.00 11.82 ? 446 PHE A CD2 1 
ATOM   868  C CE1 . PHE A 1 127 ? -5.758  0.646   -4.800  1.00 11.99 ? 446 PHE A CE1 1 
ATOM   869  C CE2 . PHE A 1 127 ? -5.554  -1.674  -5.417  1.00 12.73 ? 446 PHE A CE2 1 
ATOM   870  C CZ  . PHE A 1 127 ? -5.424  -0.334  -5.732  1.00 12.33 ? 446 PHE A CZ  1 
ATOM   871  N N   . GLU A 1 128 ? -9.129  -2.983  -3.311  1.00 11.21 ? 447 GLU A N   1 
ATOM   872  C CA  . GLU A 1 128 ? -9.537  -3.507  -4.620  1.00 11.70 ? 447 GLU A CA  1 
ATOM   873  C C   . GLU A 1 128 ? -10.967 -3.147  -4.881  1.00 11.37 ? 447 GLU A C   1 
ATOM   874  O O   . GLU A 1 128 ? -11.309 -2.824  -6.013  1.00 11.73 ? 447 GLU A O   1 
ATOM   875  C CB  . GLU A 1 128 ? -9.336  -5.017  -4.724  1.00 12.54 ? 447 GLU A CB  1 
ATOM   876  C CG  . GLU A 1 128 ? -7.876  -5.451  -4.703  1.00 13.76 ? 447 GLU A CG  1 
ATOM   877  C CD  . GLU A 1 128 ? -7.049  -5.154  -5.966  1.00 15.59 ? 447 GLU A CD  1 
ATOM   878  O OE1 . GLU A 1 128 ? -7.641  -4.833  -7.046  1.00 16.88 ? 447 GLU A OE1 1 
ATOM   879  O OE2 . GLU A 1 128 ? -5.784  -5.164  -5.852  1.00 14.50 ? 447 GLU A OE2 1 
ATOM   880  N N   . PHE A 1 129 ? -11.793 -3.185  -3.850  1.00 11.66 ? 448 PHE A N   1 
ATOM   881  C CA  . PHE A 1 129 ? -13.213 -2.944  -4.052  1.00 12.76 ? 448 PHE A CA  1 
ATOM   882  C C   . PHE A 1 129 ? -13.401 -1.461  -4.375  1.00 12.77 ? 448 PHE A C   1 
ATOM   883  O O   . PHE A 1 129 ? -14.064 -1.124  -5.353  1.00 12.88 ? 448 PHE A O   1 
ATOM   884  C CB  . PHE A 1 129 ? -14.057 -3.329  -2.843  1.00 14.20 ? 448 PHE A CB  1 
ATOM   885  C CG  . PHE A 1 129 ? -15.536 -3.350  -3.167  1.00 14.05 ? 448 PHE A CG  1 
ATOM   886  C CD1 . PHE A 1 129 ? -16.117 -4.451  -3.779  1.00 14.54 ? 448 PHE A CD1 1 
ATOM   887  C CD2 . PHE A 1 129 ? -16.329 -2.234  -2.894  1.00 15.49 ? 448 PHE A CD2 1 
ATOM   888  C CE1 . PHE A 1 129 ? -17.467 -4.448  -4.122  1.00 15.00 ? 448 PHE A CE1 1 
ATOM   889  C CE2 . PHE A 1 129 ? -17.658 -2.228  -3.225  1.00 15.42 ? 448 PHE A CE2 1 
ATOM   890  C CZ  . PHE A 1 129 ? -18.240 -3.339  -3.811  1.00 15.95 ? 448 PHE A CZ  1 
ATOM   891  N N   . ARG A 1 130 ? -12.786 -0.586  -3.585  1.00 14.23 ? 449 ARG A N   1 
ATOM   892  C CA  . ARG A 1 130 ? -12.905 0.864   -3.815  1.00 14.68 ? 449 ARG A CA  1 
ATOM   893  C C   . ARG A 1 130 ? -12.291 1.291   -5.135  1.00 13.26 ? 449 ARG A C   1 
ATOM   894  O O   . ARG A 1 130 ? -12.828 2.135   -5.867  1.00 12.53 ? 449 ARG A O   1 
ATOM   895  C CB  . ARG A 1 130 ? -12.258 1.655   -2.673  1.00 18.23 ? 449 ARG A CB  1 
ATOM   896  C CG  . ARG A 1 130 ? -12.933 1.555   -1.307  1.00 22.71 ? 449 ARG A CG  1 
ATOM   897  C CD  . ARG A 1 130 ? -14.122 2.535   -1.113  1.00 30.03 ? 449 ARG A CD  1 
ATOM   898  N NE  . ARG A 1 130 ? -14.032 3.803   -1.883  1.00 36.82 ? 449 ARG A NE  1 
ATOM   899  C CZ  . ARG A 1 130 ? -13.324 4.922   -1.588  1.00 39.80 ? 449 ARG A CZ  1 
ATOM   900  N NH1 . ARG A 1 130 ? -13.380 5.960   -2.433  1.00 42.99 ? 449 ARG A NH1 1 
ATOM   901  N NH2 . ARG A 1 130 ? -12.579 5.055   -0.479  1.00 36.13 ? 449 ARG A NH2 1 
ATOM   902  N N   . TYR A 1 131 ? -11.139 0.711   -5.486  1.00 12.08 ? 450 TYR A N   1 
ATOM   903  C CA  . TYR A 1 131 ? -10.482 1.044   -6.762  1.00 12.35 ? 450 TYR A CA  1 
ATOM   904  C C   . TYR A 1 131 ? -11.362 0.670   -7.972  1.00 12.18 ? 450 TYR A C   1 
ATOM   905  O O   . TYR A 1 131 ? -11.400 1.380   -8.972  1.00 12.84 ? 450 TYR A O   1 
ATOM   906  C CB  . TYR A 1 131 ? -9.109  0.327   -6.847  1.00 13.35 ? 450 TYR A CB  1 
ATOM   907  C CG  . TYR A 1 131 ? -8.355  0.706   -8.049  1.00 13.64 ? 450 TYR A CG  1 
ATOM   908  C CD1 . TYR A 1 131 ? -7.831  1.981   -8.163  1.00 13.88 ? 450 TYR A CD1 1 
ATOM   909  C CD2 . TYR A 1 131 ? -8.106  -0.200  -9.061  1.00 14.41 ? 450 TYR A CD2 1 
ATOM   910  C CE1 . TYR A 1 131 ? -7.126  2.348   -9.286  1.00 15.18 ? 450 TYR A CE1 1 
ATOM   911  C CE2 . TYR A 1 131 ? -7.400  0.175   -10.209 1.00 15.32 ? 450 TYR A CE2 1 
ATOM   912  C CZ  . TYR A 1 131 ? -6.929  1.451   -10.311 1.00 15.33 ? 450 TYR A CZ  1 
ATOM   913  O OH  . TYR A 1 131 ? -6.192  1.829   -11.419 1.00 17.32 ? 450 TYR A OH  1 
ATOM   914  N N   . ALA A 1 132 ? -12.066 -0.447  -7.864  1.00 11.77 ? 451 ALA A N   1 
ATOM   915  C CA  . ALA A 1 132 ? -12.977 -0.937  -8.918  1.00 12.67 ? 451 ALA A CA  1 
ATOM   916  C C   . ALA A 1 132 ? -14.124 0.012   -9.161  1.00 13.78 ? 451 ALA A C   1 
ATOM   917  O O   . ALA A 1 132 ? -14.682 0.050   -10.265 1.00 15.38 ? 451 ALA A O   1 
ATOM   918  C CB  . ALA A 1 132 ? -13.497 -2.335  -8.577  1.00 12.21 ? 451 ALA A CB  1 
ATOM   919  N N   . LYS A 1 133 ? -14.462 0.818   -8.150  1.00 13.53 ? 452 LYS A N   1 
ATOM   920  C CA  . LYS A 1 133 ? -15.545 1.799   -8.255  1.00 15.15 ? 452 LYS A CA  1 
ATOM   921  C C   . LYS A 1 133 ? -15.127 3.149   -8.770  1.00 18.19 ? 452 LYS A C   1 
ATOM   922  O O   . LYS A 1 133 ? -15.955 4.088   -8.825  1.00 19.63 ? 452 LYS A O   1 
ATOM   923  C CB  . LYS A 1 133 ? -16.225 1.964   -6.917  1.00 15.62 ? 452 LYS A CB  1 
ATOM   924  C CG  . LYS A 1 133 ? -16.874 0.734   -6.344  1.00 15.58 ? 452 LYS A CG  1 
ATOM   925  C CD  . LYS A 1 133 ? -18.051 0.195   -7.141  1.00 15.23 ? 452 LYS A CD  1 
ATOM   926  C CE  . LYS A 1 133 ? -18.642 -0.956  -6.354  1.00 15.00 ? 452 LYS A CE  1 
ATOM   927  N NZ  . LYS A 1 133 ? -19.783 -1.610  -7.091  1.00 14.84 ? 452 LYS A NZ  1 
ATOM   928  N N   . MET A 1 134 ? -13.872 3.261   -9.197  1.00 18.62 ? 453 MET A N   1 
ATOM   929  C CA  . MET A 1 134 ? -13.387 4.465   -9.889  1.00 20.59 ? 453 MET A CA  1 
ATOM   930  C C   . MET A 1 134 ? -14.232 4.759   -11.119 1.00 24.86 ? 453 MET A C   1 
ATOM   931  O O   . MET A 1 134 ? -14.460 3.878   -11.915 1.00 25.49 ? 453 MET A O   1 
ATOM   932  C CB  . MET A 1 134 ? -11.931 4.296   -10.283 1.00 20.26 ? 453 MET A CB  1 
ATOM   933  C CG  . MET A 1 134 ? -11.275 5.569   -10.759 1.00 21.74 ? 453 MET A CG  1 
ATOM   934  S SD  . MET A 1 134 ? -9.496  5.302   -10.822 1.00 21.96 ? 453 MET A SD  1 
ATOM   935  C CE  . MET A 1 134 ? -9.379  3.949   -11.998 1.00 22.25 ? 453 MET A CE  1 
ATOM   936  N N   . PRO A 1 135 ? -14.716 6.001   -11.253 1.00 31.85 ? 454 PRO A N   1 
ATOM   937  C CA  . PRO A 1 135 ? -15.367 6.416   -12.496 1.00 35.42 ? 454 PRO A CA  1 
ATOM   938  C C   . PRO A 1 135 ? -14.412 6.282   -13.674 1.00 40.49 ? 454 PRO A C   1 
ATOM   939  O O   . PRO A 1 135 ? -13.243 6.667   -13.579 1.00 32.75 ? 454 PRO A O   1 
ATOM   940  C CB  . PRO A 1 135 ? -15.696 7.884   -12.225 1.00 37.00 ? 454 PRO A CB  1 
ATOM   941  C CG  . PRO A 1 135 ? -15.976 7.900   -10.760 1.00 36.82 ? 454 PRO A CG  1 
ATOM   942  C CD  . PRO A 1 135 ? -14.874 7.028   -10.204 1.00 35.59 ? 454 PRO A CD  1 
ATOM   943  N N   . ASP A 1 136 ? -14.896 5.683   -14.758 1.00 45.19 ? 455 ASP A N   1 
ATOM   944  C CA  . ASP A 1 136 ? -14.093 5.537   -15.969 1.00 52.94 ? 455 ASP A CA  1 
ATOM   945  C C   . ASP A 1 136 ? -14.729 6.472   -16.967 1.00 55.88 ? 455 ASP A C   1 
ATOM   946  O O   . ASP A 1 136 ? -14.382 7.657   -16.999 1.00 57.15 ? 455 ASP A O   1 
ATOM   947  C CB  . ASP A 1 136 ? -14.029 4.082   -16.487 1.00 57.04 ? 455 ASP A CB  1 
ATOM   948  C CG  . ASP A 1 136 ? -15.366 3.369   -16.416 1.00 61.04 ? 455 ASP A CG  1 
ATOM   949  O OD1 . ASP A 1 136 ? -15.802 3.078   -15.283 1.00 68.58 ? 455 ASP A OD1 1 
ATOM   950  O OD2 . ASP A 1 136 ? -15.986 3.115   -17.473 1.00 64.38 ? 455 ASP A OD2 1 
ATOM   951  O OXT . ASP A 1 136 ? -15.620 6.068   -17.702 1.00 53.04 ? 455 ASP A OXT 1 
HETATM 952  F FBO A JGF B 2 .   ? 6.337   -7.784  12.829  0.50 20.33 ? 501 JGF A FBO 1 
HETATM 953  F FBO B JGF B 2 .   ? 1.690   -7.128  11.749  0.50 10.48 ? 501 JGF A FBO 1 
HETATM 954  C CBI A JGF B 2 .   ? 4.931   -8.096  12.874  0.50 17.22 ? 501 JGF A CBI 1 
HETATM 955  C CBI B JGF B 2 .   ? 2.641   -7.708  12.360  0.50 10.39 ? 501 JGF A CBI 1 
HETATM 956  C CBJ A JGF B 2 .   ? 4.447   -9.011  13.820  0.50 16.91 ? 501 JGF A CBJ 1 
HETATM 957  C CBJ B JGF B 2 .   ? 2.356   -8.644  13.340  0.50 10.62 ? 501 JGF A CBJ 1 
HETATM 958  C CBK A JGF B 2 .   ? 3.087   -9.330  13.846  0.50 17.20 ? 501 JGF A CBK 1 
HETATM 959  C CBK B JGF B 2 .   ? 3.404   -9.311  13.983  0.50 10.94 ? 501 JGF A CBK 1 
HETATM 960  F FBN A JGF B 2 .   ? 2.566   -10.242 14.828  0.50 17.01 ? 501 JGF A FBN 1 
HETATM 961  F FBN B JGF B 2 .   ? 3.089   -10.258 15.013  0.50 11.82 ? 501 JGF A FBN 1 
HETATM 962  C CBL A JGF B 2 .   ? 2.203   -8.752  12.949  0.50 16.50 ? 501 JGF A CBL 1 
HETATM 963  C CBL B JGF B 2 .   ? 4.732   -9.055  13.674  0.50 10.51 ? 501 JGF A CBL 1 
HETATM 964  C CBM A JGF B 2 .   ? 2.668   -7.854  12.006  0.50 16.30 ? 501 JGF A CBM 1 
HETATM 965  C CBM B JGF B 2 .   ? 5.024   -8.102  12.690  0.50 10.39 ? 501 JGF A CBM 1 
HETATM 966  C CAV A JGF B 2 .   ? 4.018   -7.513  11.995  0.50 15.48 ? 501 JGF A CAV 1 
HETATM 967  C CAV B JGF B 2 .   ? 3.975   -7.426  12.074  0.50 9.85  ? 501 JGF A CAV 1 
HETATM 968  O OAU A JGF B 2 .   ? 4.503   -6.692  11.019  0.50 13.67 ? 501 JGF A OAU 1 
HETATM 969  O OAU B JGF B 2 .   ? 4.198   -6.557  11.049  0.50 9.54  ? 501 JGF A OAU 1 
HETATM 970  C CAT A JGF B 2 .   ? 5.131   -5.531  11.269  0.50 12.15 ? 501 JGF A CAT 1 
HETATM 971  C CAT B JGF B 2 .   ? 4.982   -5.477  11.250  0.50 9.71  ? 501 JGF A CAT 1 
HETATM 972  C CAS A JGF B 2 .   ? 5.159   -4.927  12.516  0.50 11.98 ? 501 JGF A CAS 1 
HETATM 973  C CAS B JGF B 2 .   ? 5.036   -4.849  12.483  0.50 9.90  ? 501 JGF A CAS 1 
HETATM 974  C CAR A JGF B 2 .   ? 5.776   -3.696  12.660  0.50 12.06 ? 501 JGF A CAR 1 
HETATM 975  C CAR B JGF B 2 .   ? 5.782   -3.697  12.644  0.50 10.15 ? 501 JGF A CAR 1 
HETATM 976  C CAQ A JGF B 2 .   ? 6.377   -3.053  11.567  0.50 12.09 ? 501 JGF A CAQ 1 
HETATM 977  C CAQ B JGF B 2 .   ? 6.486   -3.145  11.565  0.50 10.36 ? 501 JGF A CAQ 1 
HETATM 978  N NAW A JGF B 2 .   ? 6.971   -1.840  11.806  0.50 12.36 ? 501 JGF A NAW 1 
HETATM 979  N NAW B JGF B 2 .   ? 7.209   -2.010  11.821  0.50 10.96 ? 501 JGF A NAW 1 
HETATM 980  S SAX A JGF B 2 .   ? 7.779   -1.023  10.581  0.50 12.97 ? 501 JGF A SAX 1 
HETATM 981  S SAX B JGF B 2 .   ? 7.811   -1.034  10.578  0.50 11.56 ? 501 JGF A SAX 1 
HETATM 982  O OAY A JGF B 2 .   ? 8.610   -2.001  9.824   0.50 13.46 ? 501 JGF A OAY 1 
HETATM 983  O OAY B JGF B 2 .   ? 8.768   -1.812  9.753   0.50 12.22 ? 501 JGF A OAY 1 
HETATM 984  O OAZ A JGF B 2 .   ? 8.586   0.085   11.229  0.50 14.95 ? 501 JGF A OAZ 1 
HETATM 985  O OAZ B JGF B 2 .   ? 8.411   0.197   11.240  0.50 13.23 ? 501 JGF A OAZ 1 
HETATM 986  C CBA A JGF B 2 .   ? 6.496   -0.315  9.509   0.50 13.08 ? 501 JGF A CBA 1 
HETATM 987  C CBA B JGF B 2 .   ? 6.420   -0.477  9.554   0.50 11.63 ? 501 JGF A CBA 1 
HETATM 988  C CBB A JGF B 2 .   ? 5.360   0.336   10.314  0.50 13.77 ? 501 JGF A CBB 1 
HETATM 989  C CBB B JGF B 2 .   ? 5.461   0.431   10.343  0.50 12.26 ? 501 JGF A CBB 1 
HETATM 990  C CAP A JGF B 2 .   ? 6.328   -3.693  10.323  0.50 11.63 ? 501 JGF A CAP 1 
HETATM 991  C CAP B JGF B 2 .   ? 6.405   -3.795  10.332  0.50 9.92  ? 501 JGF A CAP 1 
HETATM 992  C CAJ A JGF B 2 .   ? 5.688   -4.944  10.149  0.50 11.37 ? 501 JGF A CAJ 1 
HETATM 993  C CAJ B JGF B 2 .   ? 5.638   -4.970  10.144  0.50 9.53  ? 501 JGF A CAJ 1 
HETATM 994  C CAF A JGF B 2 .   ? 5.689   -5.607  8.883   0.50 11.14 ? 501 JGF A CAF 1 
HETATM 995  C CAF B JGF B 2 .   ? 5.642   -5.621  8.873   0.50 9.63  ? 501 JGF A CAF 1 
HETATM 996  C CAE A JGF B 2 .   ? 5.242   -4.974  7.741   0.50 10.44 ? 501 JGF A CAE 1 
HETATM 997  C CAE B JGF B 2 .   ? 5.201   -4.987  7.731   0.50 9.12  ? 501 JGF A CAE 1 
HETATM 998  N NAD A JGF B 2 .   ? 5.320   -5.642  6.511   0.50 10.66 ? 501 JGF A NAD 1 
HETATM 999  N NAD B JGF B 2 .   ? 5.296   -5.652  6.501   0.50 9.38  ? 501 JGF A NAD 1 
HETATM 1000 C CBC A JGF B 2 .   ? 4.799   -4.953  5.308   0.50 10.99 ? 501 JGF A CBC 1 
HETATM 1001 C CBC B JGF B 2 .   ? 4.773   -4.964  5.301   0.50 9.65  ? 501 JGF A CBC 1 
HETATM 1002 C CAC A JGF B 2 .   ? 5.806   -6.876  6.391   0.50 10.78 ? 501 JGF A CAC 1 
HETATM 1003 C CAC B JGF B 2 .   ? 5.796   -6.879  6.378   0.50 9.54  ? 501 JGF A CAC 1 
HETATM 1004 O OBD A JGF B 2 .   ? 5.808   -7.378  5.237   0.50 10.70 ? 501 JGF A OBD 1 
HETATM 1005 O OBD B JGF B 2 .   ? 5.811   -7.376  5.218   0.50 9.46  ? 501 JGF A OBD 1 
HETATM 1006 C CAB A JGF B 2 .   ? 6.250   -7.502  7.529   0.50 11.31 ? 501 JGF A CAB 1 
HETATM 1007 C CAB B JGF B 2 .   ? 6.243   -7.506  7.516   0.50 10.05 ? 501 JGF A CAB 1 
HETATM 1008 C CAI A JGF B 2 .   ? 6.800   -8.723  7.777   0.50 11.40 ? 501 JGF A CAI 1 
HETATM 1009 C CAI B JGF B 2 .   ? 6.808   -8.721  7.763   0.50 10.25 ? 501 JGF A CAI 1 
HETATM 1010 C CAA A JGF B 2 .   ? 6.181   -6.867  8.728   0.50 11.04 ? 501 JGF A CAA 1 
HETATM 1011 C CAA B JGF B 2 .   ? 6.154   -6.874  8.718   0.50 9.74  ? 501 JGF A CAA 1 
HETATM 1012 O OAG A JGF B 2 .   ? 6.713   -7.797  9.696   0.50 11.59 ? 501 JGF A OAG 1 
HETATM 1013 O OAG B JGF B 2 .   ? 6.696   -7.807  9.694   0.50 10.40 ? 501 JGF A OAG 1 
HETATM 1014 C CAH A JGF B 2 .   ? 7.062   -8.870  9.096   0.50 12.01 ? 501 JGF A CAH 1 
HETATM 1015 C CAH B JGF B 2 .   ? 7.056   -8.879  9.083   0.50 10.96 ? 501 JGF A CAH 1 
HETATM 1016 C CAK A JGF B 2 .   ? 7.550   -9.964  9.771   0.50 13.70 ? 501 JGF A CAK 1 
HETATM 1017 C CAK B JGF B 2 .   ? 7.572   -9.966  9.753   0.50 12.81 ? 501 JGF A CAK 1 
HETATM 1018 N NAO A JGF B 2 .   ? 7.701   -11.199 9.289   0.50 13.92 ? 501 JGF A NAO 1 
HETATM 1019 N NAO B JGF B 2 .   ? 7.911   -11.152 9.238   0.50 13.39 ? 501 JGF A NAO 1 
HETATM 1020 C CAL A JGF B 2 .   ? 7.862   -10.002 11.079  0.50 14.43 ? 501 JGF A CAL 1 
HETATM 1021 C CAL B JGF B 2 .   ? 7.768   -10.027 11.080  0.50 13.62 ? 501 JGF A CAL 1 
HETATM 1022 N NAM A JGF B 2 .   ? 8.269   -11.263 11.393  0.50 15.58 ? 501 JGF A NAM 1 
HETATM 1023 N NAM B JGF B 2 .   ? 8.271   -11.254 11.387  0.50 14.86 ? 501 JGF A NAM 1 
HETATM 1024 C CAN A JGF B 2 .   ? 8.185   -11.986 10.273  0.50 15.52 ? 501 JGF A CAN 1 
HETATM 1025 C CAN B JGF B 2 .   ? 8.377   -11.932 10.241  0.50 14.90 ? 501 JGF A CAN 1 
HETATM 1026 C CBE A JGF B 2 .   ? 8.535   -13.514 10.169  0.50 16.89 ? 501 JGF A CBE 1 
HETATM 1027 C CBE B JGF B 2 .   ? 8.918   -13.409 10.152  0.50 16.53 ? 501 JGF A CBE 1 
HETATM 1028 C CBF A JGF B 2 .   ? 9.994   -13.802 9.747   0.50 17.15 ? 501 JGF A CBF 1 
HETATM 1029 C CBF B JGF B 2 .   ? 10.190  -13.576 9.279   0.50 16.93 ? 501 JGF A CBF 1 
HETATM 1030 C CBG A JGF B 2 .   ? 9.408   -13.860 8.320   0.50 17.99 ? 501 JGF A CBG 1 
HETATM 1031 C CBG B JGF B 2 .   ? 9.548   -14.930 8.924   0.50 17.83 ? 501 JGF A CBG 1 
HETATM 1032 C CBH A JGF B 2 .   ? 8.055   -14.153 8.887   0.50 17.63 ? 501 JGF A CBH 1 
HETATM 1033 C CBH B JGF B 2 .   ? 8.188   -14.289 9.179   0.50 17.35 ? 501 JGF A CBH 1 
HETATM 1034 C C1  . EDO C 3 .   ? 17.410  -1.484  6.954   1.00 30.74 ? 502 EDO A C1  1 
HETATM 1035 O O1  . EDO C 3 .   ? 16.535  -1.786  8.060   1.00 29.98 ? 502 EDO A O1  1 
HETATM 1036 C C2  . EDO C 3 .   ? 18.676  -2.306  7.059   1.00 33.49 ? 502 EDO A C2  1 
HETATM 1037 O O2  . EDO C 3 .   ? 18.407  -3.676  6.795   1.00 38.42 ? 502 EDO A O2  1 
HETATM 1038 O O   . HOH D 4 .   ? 4.322   6.815   -11.105 1.00 32.60 ? 601 HOH A O   1 
HETATM 1039 O O   . HOH D 4 .   ? -7.440  -9.255  -0.606  1.00 56.02 ? 602 HOH A O   1 
HETATM 1040 O O   . HOH D 4 .   ? -10.022 -11.605 1.973   0.50 62.68 ? 603 HOH A O   1 
HETATM 1041 O O   . HOH D 4 .   ? 3.258   -20.814 7.121   1.00 41.64 ? 604 HOH A O   1 
HETATM 1042 O O   . HOH D 4 .   ? -2.202  -17.499 3.582   1.00 53.11 ? 605 HOH A O   1 
HETATM 1043 O O   . HOH D 4 .   ? 16.464  0.423   9.265   1.00 26.99 ? 606 HOH A O   1 
HETATM 1044 O O   . HOH D 4 .   ? 19.712  -10.066 5.766   1.00 33.63 ? 607 HOH A O   1 
HETATM 1045 O O   . HOH D 4 .   ? -16.044 3.624   -3.444  1.00 34.16 ? 608 HOH A O   1 
HETATM 1046 O O   . HOH D 4 .   ? -11.294 -5.960  4.270   1.00 35.30 ? 609 HOH A O   1 
HETATM 1047 O O   . HOH D 4 .   ? 8.243   7.313   3.127   1.00 29.56 ? 610 HOH A O   1 
HETATM 1048 O O   . HOH D 4 .   ? -5.582  2.959   8.612   1.00 13.56 ? 611 HOH A O   1 
HETATM 1049 O O   . HOH D 4 .   ? 17.169  -5.591  -3.914  1.00 31.61 ? 612 HOH A O   1 
HETATM 1050 O O   . HOH D 4 .   ? 6.736   -6.439  2.715   1.00 10.57 ? 613 HOH A O   1 
HETATM 1051 O O   . HOH D 4 .   ? 16.997  -12.119 11.354  1.00 23.13 ? 614 HOH A O   1 
HETATM 1052 O O   . HOH D 4 .   ? -7.014  9.195   6.704   1.00 25.20 ? 615 HOH A O   1 
HETATM 1053 O O   . HOH D 4 .   ? 6.671   -8.115  -4.999  1.00 18.44 ? 616 HOH A O   1 
HETATM 1054 O O   . HOH D 4 .   ? -5.672  10.510  -14.294 1.00 25.25 ? 617 HOH A O   1 
HETATM 1055 O O   . HOH D 4 .   ? 4.112   18.129  -8.677  1.00 31.44 ? 618 HOH A O   1 
HETATM 1056 O O   . HOH D 4 .   ? 4.412   10.579  3.343   1.00 21.07 ? 619 HOH A O   1 
HETATM 1057 O O   . HOH D 4 .   ? 2.788   -9.915  -7.165  1.00 33.62 ? 620 HOH A O   1 
HETATM 1058 O O   . HOH D 4 .   ? -6.055  7.905   -14.566 1.00 19.14 ? 621 HOH A O   1 
HETATM 1059 O O   . HOH D 4 .   ? -2.947  12.853  -0.320  1.00 28.98 ? 622 HOH A O   1 
HETATM 1060 O O   . HOH D 4 .   ? -13.277 11.756  -8.392  1.00 29.80 ? 623 HOH A O   1 
HETATM 1061 O O   . HOH D 4 .   ? 2.715   -3.574  -8.787  1.00 15.87 ? 624 HOH A O   1 
HETATM 1062 O O   . HOH D 4 .   ? -9.955  -8.179  -3.046  1.00 34.19 ? 625 HOH A O   1 
HETATM 1063 O O   . HOH D 4 .   ? 6.438   -0.448  14.059  1.00 17.44 ? 626 HOH A O   1 
HETATM 1064 O O   . HOH D 4 .   ? 15.007  -3.454  -1.203  1.00 14.03 ? 627 HOH A O   1 
HETATM 1065 O O   . HOH D 4 .   ? -11.874 8.753   1.875   1.00 28.22 ? 628 HOH A O   1 
HETATM 1066 O O   . HOH D 4 .   ? 0.451   -10.493 -5.775  1.00 13.62 ? 629 HOH A O   1 
HETATM 1067 O O   . HOH D 4 .   ? 7.029   2.894   -7.736  1.00 16.87 ? 630 HOH A O   1 
HETATM 1068 O O   . HOH D 4 .   ? 14.752  -1.738  6.011   1.00 10.21 ? 631 HOH A O   1 
HETATM 1069 O O   . HOH D 4 .   ? 5.519   -1.416  5.767   1.00 9.35  ? 632 HOH A O   1 
HETATM 1070 O O   . HOH D 4 .   ? 16.547  -2.958  -6.084  1.00 28.57 ? 633 HOH A O   1 
HETATM 1071 O O   . HOH D 4 .   ? -7.249  -11.762 6.382   1.00 25.37 ? 634 HOH A O   1 
HETATM 1072 O O   . HOH D 4 .   ? 0.431   3.908   -15.503 1.00 31.90 ? 635 HOH A O   1 
HETATM 1073 O O   . HOH D 4 .   ? 5.214   -4.294  1.826   1.00 8.66  ? 636 HOH A O   1 
HETATM 1074 O O   . HOH D 4 .   ? -8.422  -6.729  -8.889  1.00 17.59 ? 637 HOH A O   1 
HETATM 1075 O O   . HOH D 4 .   ? 2.605   1.921   12.216  1.00 13.14 ? 638 HOH A O   1 
HETATM 1076 O O   . HOH D 4 .   ? -10.632 0.638   -11.521 1.00 25.51 ? 639 HOH A O   1 
HETATM 1077 O O   . HOH D 4 .   ? 4.784   -2.035  3.263   1.00 11.24 ? 640 HOH A O   1 
HETATM 1078 O O   . HOH D 4 .   ? -7.720  -3.305  -11.551 1.00 23.03 ? 641 HOH A O   1 
HETATM 1079 O O   . HOH D 4 .   ? 8.733   1.361   1.410   1.00 10.78 ? 642 HOH A O   1 
HETATM 1080 O O   . HOH D 4 .   ? 4.812   0.425   -8.870  1.00 19.90 ? 643 HOH A O   1 
HETATM 1081 O O   . HOH D 4 .   ? 11.192  -15.136 2.318   1.00 32.03 ? 644 HOH A O   1 
HETATM 1082 O O   . HOH D 4 .   ? -5.563  7.359   11.177  1.00 37.64 ? 645 HOH A O   1 
HETATM 1083 O O   . HOH D 4 .   ? 10.401  2.560   9.018   1.00 31.03 ? 646 HOH A O   1 
HETATM 1084 O O   . HOH D 4 .   ? -3.619  -10.881 11.412  1.00 33.49 ? 647 HOH A O   1 
HETATM 1085 O O   . HOH D 4 .   ? 3.725   3.155   -9.825  1.00 22.44 ? 648 HOH A O   1 
HETATM 1086 O O   . HOH D 4 .   ? 7.697   -3.280  1.007   1.00 8.32  ? 649 HOH A O   1 
HETATM 1087 O O   . HOH D 4 .   ? 10.264  0.726   -4.851  1.00 21.99 ? 650 HOH A O   1 
HETATM 1088 O O   . HOH D 4 .   ? 18.597  -7.084  12.412  1.00 21.70 ? 651 HOH A O   1 
HETATM 1089 O O   . HOH D 4 .   ? 11.582  -1.304  3.293   1.00 11.53 ? 652 HOH A O   1 
HETATM 1090 O O   . HOH D 4 .   ? -0.472  -9.473  15.188  1.00 20.63 ? 653 HOH A O   1 
HETATM 1091 O O   . HOH D 4 .   ? 5.464   5.451   -9.476  1.00 28.07 ? 654 HOH A O   1 
HETATM 1092 O O   . HOH D 4 .   ? -2.116  -15.259 7.567   1.00 20.65 ? 655 HOH A O   1 
HETATM 1093 O O   . HOH D 4 .   ? -3.420  -12.975 -0.533  1.00 29.49 ? 656 HOH A O   1 
HETATM 1094 O O   . HOH D 4 .   ? 9.742   2.675   11.630  1.00 38.26 ? 657 HOH A O   1 
HETATM 1095 O O   . HOH D 4 .   ? 8.810   12.073  -7.449  1.00 34.94 ? 658 HOH A O   1 
HETATM 1096 O O   . HOH D 4 .   ? -11.974 22.218  -8.584  1.00 18.72 ? 659 HOH A O   1 
HETATM 1097 O O   . HOH D 4 .   ? -4.506  5.371   12.233  1.00 36.48 ? 660 HOH A O   1 
HETATM 1098 O O   . HOH D 4 .   ? 9.743   -5.878  -4.981  1.00 12.26 ? 661 HOH A O   1 
HETATM 1099 O O   . HOH D 4 .   ? 7.426   11.761  3.046   1.00 27.89 ? 662 HOH A O   1 
HETATM 1100 O O   . HOH D 4 .   ? -1.766  -0.739  -12.546 1.00 16.23 ? 663 HOH A O   1 
HETATM 1101 O O   . HOH D 4 .   ? 4.069   -17.257 10.403  1.00 37.37 ? 664 HOH A O   1 
HETATM 1102 O O   . HOH D 4 .   ? 11.546  1.830   -1.808  1.00 33.27 ? 665 HOH A O   1 
HETATM 1103 O O   . HOH D 4 .   ? -1.297  13.890  -9.997  1.00 21.22 ? 666 HOH A O   1 
HETATM 1104 O O   . HOH D 4 .   ? 12.881  0.497   -5.590  1.00 27.68 ? 667 HOH A O   1 
HETATM 1105 O O   . HOH D 4 .   ? -9.318  -0.314  12.849  1.00 24.63 ? 668 HOH A O   1 
HETATM 1106 O O   . HOH D 4 .   ? -22.064 0.141   -7.546  1.00 33.71 ? 669 HOH A O   1 
HETATM 1107 O O   . HOH D 4 .   ? -9.400  8.719   10.704  1.00 28.02 ? 670 HOH A O   1 
HETATM 1108 O O   . HOH D 4 .   ? -5.729  -9.417  10.668  1.00 35.12 ? 671 HOH A O   1 
HETATM 1109 O O   . HOH D 4 .   ? 8.792   -1.045  2.718   1.00 9.54  ? 672 HOH A O   1 
HETATM 1110 O O   . HOH D 4 .   ? 11.183  -8.351  -5.391  1.00 18.34 ? 673 HOH A O   1 
HETATM 1111 O O   . HOH D 4 .   ? 13.651  0.766   5.530   1.00 15.70 ? 674 HOH A O   1 
HETATM 1112 O O   . HOH D 4 .   ? 19.880  -5.152  -1.521  1.00 16.90 ? 675 HOH A O   1 
HETATM 1113 O O   . HOH D 4 .   ? -2.488  7.074   9.444   1.00 31.00 ? 676 HOH A O   1 
HETATM 1114 O O   . HOH D 4 .   ? -6.880  18.467  -6.659  1.00 23.55 ? 677 HOH A O   1 
HETATM 1115 O O   . HOH D 4 .   ? -9.873  11.237  -14.645 1.00 28.31 ? 678 HOH A O   1 
HETATM 1116 O O   . HOH D 4 .   ? -4.814  -1.581  -12.631 1.00 23.72 ? 679 HOH A O   1 
HETATM 1117 O O   . HOH D 4 .   ? -12.036 6.377   10.284  1.00 29.54 ? 680 HOH A O   1 
HETATM 1118 O O   . HOH D 4 .   ? -10.321 14.506  -14.926 1.00 28.18 ? 681 HOH A O   1 
HETATM 1119 O O   . HOH D 4 .   ? 7.223   -11.787 14.140  1.00 33.03 ? 682 HOH A O   1 
HETATM 1120 O O   . HOH D 4 .   ? 2.142   -14.275 13.097  1.00 21.96 ? 683 HOH A O   1 
HETATM 1121 O O   . HOH D 4 .   ? -1.400  -3.177  -11.012 1.00 13.12 ? 684 HOH A O   1 
HETATM 1122 O O   . HOH D 4 .   ? 13.919  -13.455 8.804   1.00 27.56 ? 685 HOH A O   1 
HETATM 1123 O O   . HOH D 4 .   ? 17.743  -6.933  4.275   1.00 19.80 ? 686 HOH A O   1 
HETATM 1124 O O   . HOH D 4 .   ? -3.631  0.612   14.958  1.00 22.15 ? 687 HOH A O   1 
HETATM 1125 O O   . HOH D 4 .   ? -0.757  12.405  -7.811  1.00 17.05 ? 688 HOH A O   1 
HETATM 1126 O O   . HOH D 4 .   ? 10.459  5.338   1.094   1.00 20.95 ? 689 HOH A O   1 
HETATM 1127 O O   . HOH D 4 .   ? -3.717  14.370  -11.818 1.00 28.80 ? 690 HOH A O   1 
HETATM 1128 O O   . HOH D 4 .   ? -6.395  -14.242 5.710   1.00 31.32 ? 691 HOH A O   1 
HETATM 1129 O O   . HOH D 4 .   ? 21.372  -6.679  -3.325  1.00 29.05 ? 692 HOH A O   1 
HETATM 1130 O O   . HOH D 4 .   ? 20.376  -5.670  10.769  1.00 32.05 ? 693 HOH A O   1 
HETATM 1131 O O   . HOH D 4 .   ? 16.810  -2.582  -2.964  1.00 18.05 ? 694 HOH A O   1 
HETATM 1132 O O   . HOH D 4 .   ? 20.708  -6.332  0.865   1.00 22.36 ? 695 HOH A O   1 
HETATM 1133 O O   . HOH D 4 .   ? -13.457 11.565  -5.610  1.00 38.48 ? 696 HOH A O   1 
HETATM 1134 O O   . HOH D 4 .   ? 3.473   -5.814  -7.653  1.00 27.55 ? 697 HOH A O   1 
HETATM 1135 O O   . HOH D 4 .   ? -11.782 8.402   4.707   1.00 39.66 ? 698 HOH A O   1 
HETATM 1136 O O   . HOH D 4 .   ? 2.906   -13.520 15.687  1.00 39.54 ? 699 HOH A O   1 
HETATM 1137 O O   . HOH D 4 .   ? 5.913   -6.845  -7.935  1.00 32.22 ? 700 HOH A O   1 
HETATM 1138 O O   . HOH D 4 .   ? 4.898   -2.157  -9.672  1.00 25.03 ? 701 HOH A O   1 
HETATM 1139 O O   . HOH D 4 .   ? -10.271 12.719  -0.316  1.00 36.67 ? 702 HOH A O   1 
HETATM 1140 O O   . HOH D 4 .   ? -17.145 1.673   -2.685  1.00 34.98 ? 703 HOH A O   1 
HETATM 1141 O O   . HOH D 4 .   ? -12.437 22.494  -14.493 1.00 39.74 ? 704 HOH A O   1 
HETATM 1142 O O   . HOH D 4 .   ? -4.011  -4.258  -14.243 1.00 16.55 ? 705 HOH A O   1 
HETATM 1143 O O   . HOH D 4 .   ? 0.196   7.045   8.953   1.00 37.43 ? 706 HOH A O   1 
HETATM 1144 O O   . HOH D 4 .   ? 12.942  1.069   2.741   1.00 13.67 ? 707 HOH A O   1 
HETATM 1145 O O   . HOH D 4 .   ? 8.838   0.774   -7.027  1.00 21.00 ? 708 HOH A O   1 
HETATM 1146 O O   . HOH D 4 .   ? 4.535   3.686   11.675  1.00 25.76 ? 709 HOH A O   1 
HETATM 1147 O O   . HOH D 4 .   ? 11.214  2.510   1.011   1.00 16.72 ? 710 HOH A O   1 
HETATM 1148 O O   . HOH D 4 .   ? 8.840   -5.730  -7.620  1.00 27.08 ? 711 HOH A O   1 
HETATM 1149 O O   . HOH D 4 .   ? -20.142 0.588   -3.000  1.00 36.03 ? 712 HOH A O   1 
# 
loop_
_pdbx_poly_seq_scheme.asym_id 
_pdbx_poly_seq_scheme.entity_id 
_pdbx_poly_seq_scheme.seq_id 
_pdbx_poly_seq_scheme.mon_id 
_pdbx_poly_seq_scheme.ndb_seq_num 
_pdbx_poly_seq_scheme.pdb_seq_num 
_pdbx_poly_seq_scheme.auth_seq_num 
_pdbx_poly_seq_scheme.pdb_mon_id 
_pdbx_poly_seq_scheme.auth_mon_id 
_pdbx_poly_seq_scheme.pdb_strand_id 
_pdbx_poly_seq_scheme.pdb_ins_code 
_pdbx_poly_seq_scheme.hetero 
A 1 1   GLU 1   320 ?   ?   ?   A . n 
A 1 2   GLY 2   321 ?   ?   ?   A . n 
A 1 3   ASP 3   322 ?   ?   ?   A . n 
A 1 4   ILE 4   323 ?   ?   ?   A . n 
A 1 5   HIS 5   324 ?   ?   ?   A . n 
A 1 6   MET 6   325 ?   ?   ?   A . n 
A 1 7   LYS 7   326 ?   ?   ?   A . n 
A 1 8   LYS 8   327 ?   ?   ?   A . n 
A 1 9   GLY 9   328 ?   ?   ?   A . n 
A 1 10  HIS 10  329 ?   ?   ?   A . n 
A 1 11  HIS 11  330 ?   ?   ?   A . n 
A 1 12  HIS 12  331 ?   ?   ?   A . n 
A 1 13  HIS 13  332 ?   ?   ?   A . n 
A 1 14  HIS 14  333 ?   ?   ?   A . n 
A 1 15  HIS 15  334 ?   ?   ?   A . n 
A 1 16  GLU 16  335 ?   ?   ?   A . n 
A 1 17  ASN 17  336 ?   ?   ?   A . n 
A 1 18  LEU 18  337 ?   ?   ?   A . n 
A 1 19  TYR 19  338 ?   ?   ?   A . n 
A 1 20  PHE 20  339 ?   ?   ?   A . n 
A 1 21  GLN 21  340 ?   ?   ?   A . n 
A 1 22  GLY 22  341 ?   ?   ?   A . n 
A 1 23  GLY 23  342 ?   ?   ?   A . n 
A 1 24  SER 24  343 ?   ?   ?   A . n 
A 1 25  GLY 25  344 344 GLY GLY A . n 
A 1 26  LYS 26  345 345 LYS LYS A . n 
A 1 27  LEU 27  346 346 LEU LEU A . n 
A 1 28  SER 28  347 347 SER SER A . n 
A 1 29  GLU 29  348 348 GLU GLU A . n 
A 1 30  GLN 30  349 349 GLN GLN A . n 
A 1 31  LEU 31  350 350 LEU LEU A . n 
A 1 32  LYS 32  351 351 LYS LYS A . n 
A 1 33  HIS 33  352 352 HIS HIS A . n 
A 1 34  CYS 34  353 353 CYS CYS A . n 
A 1 35  ASN 35  354 354 ASN ASN A . n 
A 1 36  GLY 36  355 355 GLY GLY A . n 
A 1 37  ILE 37  356 356 ILE ILE A . n 
A 1 38  LEU 38  357 357 LEU LEU A . n 
A 1 39  LYS 39  358 358 LYS LYS A . n 
A 1 40  GLU 40  359 359 GLU GLU A . n 
A 1 41  LEU 41  360 360 LEU LEU A . n 
A 1 42  LEU 42  361 361 LEU LEU A . n 
A 1 43  SER 43  362 362 SER SER A . n 
A 1 44  LYS 44  363 363 LYS LYS A . n 
A 1 45  LYS 45  364 364 LYS LYS A . n 
A 1 46  HIS 46  365 365 HIS HIS A . n 
A 1 47  ALA 47  366 366 ALA ALA A . n 
A 1 48  ALA 48  367 367 ALA ALA A . n 
A 1 49  TYR 49  368 368 TYR TYR A . n 
A 1 50  ALA 50  369 369 ALA ALA A . n 
A 1 51  TRP 51  370 370 TRP TRP A . n 
A 1 52  PRO 52  371 371 PRO PRO A . n 
A 1 53  PHE 53  372 372 PHE PHE A . n 
A 1 54  TYR 54  373 373 TYR TYR A . n 
A 1 55  LYS 55  374 374 LYS LYS A . n 
A 1 56  PRO 56  375 375 PRO PRO A . n 
A 1 57  VAL 57  376 376 VAL VAL A . n 
A 1 58  ASP 58  377 377 ASP ASP A . n 
A 1 59  ALA 59  378 378 ALA ALA A . n 
A 1 60  SER 60  379 379 SER SER A . n 
A 1 61  ALA 61  380 380 ALA ALA A . n 
A 1 62  LEU 62  381 381 LEU LEU A . n 
A 1 63  GLY 63  382 382 GLY GLY A . n 
A 1 64  LEU 64  383 383 LEU LEU A . n 
A 1 65  HIS 65  384 384 HIS HIS A . n 
A 1 66  ASP 66  385 385 ASP ASP A . n 
A 1 67  TYR 67  386 386 TYR TYR A . n 
A 1 68  HIS 68  387 387 HIS HIS A . n 
A 1 69  ASP 69  388 388 ASP ASP A . n 
A 1 70  ILE 70  389 389 ILE ILE A . n 
A 1 71  ILE 71  390 390 ILE ILE A . n 
A 1 72  LYS 72  391 391 LYS LYS A . n 
A 1 73  HIS 73  392 392 HIS HIS A . n 
A 1 74  PRO 74  393 393 PRO PRO A . n 
A 1 75  MET 75  394 394 MET MET A . n 
A 1 76  ASP 76  395 395 ASP ASP A . n 
A 1 77  LEU 77  396 396 LEU LEU A . n 
A 1 78  SER 78  397 397 SER SER A . n 
A 1 79  THR 79  398 398 THR THR A . n 
A 1 80  VAL 80  399 399 VAL VAL A . n 
A 1 81  LYS 81  400 400 LYS LYS A . n 
A 1 82  ARG 82  401 401 ARG ARG A . n 
A 1 83  LYS 83  402 402 LYS LYS A . n 
A 1 84  MET 84  403 403 MET MET A . n 
A 1 85  GLU 85  404 404 GLU GLU A . n 
A 1 86  ASN 86  405 405 ASN ASN A . n 
A 1 87  ARG 87  406 406 ARG ARG A . n 
A 1 88  ASP 88  407 407 ASP ASP A . n 
A 1 89  TYR 89  408 408 TYR TYR A . n 
A 1 90  ARG 90  409 409 ARG ARG A . n 
A 1 91  ASP 91  410 410 ASP ASP A . n 
A 1 92  ALA 92  411 411 ALA ALA A . n 
A 1 93  GLN 93  412 412 GLN GLN A . n 
A 1 94  GLU 94  413 413 GLU GLU A . n 
A 1 95  PHE 95  414 414 PHE PHE A . n 
A 1 96  ALA 96  415 415 ALA ALA A . n 
A 1 97  ALA 97  416 416 ALA ALA A . n 
A 1 98  ASP 98  417 417 ASP ASP A . n 
A 1 99  VAL 99  418 418 VAL VAL A . n 
A 1 100 ARG 100 419 419 ARG ARG A . n 
A 1 101 LEU 101 420 420 LEU LEU A . n 
A 1 102 MET 102 421 421 MET MET A . n 
A 1 103 PHE 103 422 422 PHE PHE A . n 
A 1 104 SER 104 423 423 SER SER A . n 
A 1 105 ASN 105 424 424 ASN ASN A . n 
A 1 106 CYS 106 425 425 CYS CYS A . n 
A 1 107 TYR 107 426 426 TYR TYR A . n 
A 1 108 LYS 108 427 427 LYS LYS A . n 
A 1 109 TYR 109 428 428 TYR TYR A . n 
A 1 110 ASN 110 429 429 ASN ASN A . n 
A 1 111 PRO 111 430 430 PRO PRO A . n 
A 1 112 PRO 112 431 431 PRO PRO A . n 
A 1 113 ASP 113 432 432 ASP ASP A . n 
A 1 114 HIS 114 433 433 HIS HIS A . n 
A 1 115 ASP 115 434 434 ASP ASP A . n 
A 1 116 VAL 116 435 435 VAL VAL A . n 
A 1 117 VAL 117 436 436 VAL VAL A . n 
A 1 118 ALA 118 437 437 ALA ALA A . n 
A 1 119 MET 119 438 438 MET MET A . n 
A 1 120 ALA 120 439 439 ALA ALA A . n 
A 1 121 ARG 121 440 440 ARG ARG A . n 
A 1 122 LYS 122 441 441 LYS LYS A . n 
A 1 123 LEU 123 442 442 LEU LEU A . n 
A 1 124 GLN 124 443 443 GLN GLN A . n 
A 1 125 ASP 125 444 444 ASP ASP A . n 
A 1 126 VAL 126 445 445 VAL VAL A . n 
A 1 127 PHE 127 446 446 PHE PHE A . n 
A 1 128 GLU 128 447 447 GLU GLU A . n 
A 1 129 PHE 129 448 448 PHE PHE A . n 
A 1 130 ARG 130 449 449 ARG ARG A . n 
A 1 131 TYR 131 450 450 TYR TYR A . n 
A 1 132 ALA 132 451 451 ALA ALA A . n 
A 1 133 LYS 133 452 452 LYS LYS A . n 
A 1 134 MET 134 453 453 MET MET A . n 
A 1 135 PRO 135 454 454 PRO PRO A . n 
A 1 136 ASP 136 455 455 ASP ASP A . n 
# 
_pdbx_contact_author.id                 3 
_pdbx_contact_author.email              xu_yong@gibh.ac.cn 
_pdbx_contact_author.name_first         Yong 
_pdbx_contact_author.name_last          Xu 
_pdbx_contact_author.name_mi            ? 
_pdbx_contact_author.role               'principal investigator/group leader' 
_pdbx_contact_author.identifier_ORCID   0000-0003-3601-0246 
# 
loop_
_pdbx_nonpoly_scheme.asym_id 
_pdbx_nonpoly_scheme.entity_id 
_pdbx_nonpoly_scheme.mon_id 
_pdbx_nonpoly_scheme.ndb_seq_num 
_pdbx_nonpoly_scheme.pdb_seq_num 
_pdbx_nonpoly_scheme.auth_seq_num 
_pdbx_nonpoly_scheme.pdb_mon_id 
_pdbx_nonpoly_scheme.auth_mon_id 
_pdbx_nonpoly_scheme.pdb_strand_id 
_pdbx_nonpoly_scheme.pdb_ins_code 
B 2 JGF 1   501 1   JGF JGF A . 
C 3 EDO 1   502 1   EDO EDO A . 
D 4 HOH 1   601 49  HOH HOH A . 
D 4 HOH 2   602 92  HOH HOH A . 
D 4 HOH 3   603 102 HOH HOH A . 
D 4 HOH 4   604 82  HOH HOH A . 
D 4 HOH 5   605 106 HOH HOH A . 
D 4 HOH 6   606 68  HOH HOH A . 
D 4 HOH 7   607 69  HOH HOH A . 
D 4 HOH 8   608 117 HOH HOH A . 
D 4 HOH 9   609 100 HOH HOH A . 
D 4 HOH 10  610 75  HOH HOH A . 
D 4 HOH 11  611 2   HOH HOH A . 
D 4 HOH 12  612 115 HOH HOH A . 
D 4 HOH 13  613 4   HOH HOH A . 
D 4 HOH 14  614 23  HOH HOH A . 
D 4 HOH 15  615 59  HOH HOH A . 
D 4 HOH 16  616 32  HOH HOH A . 
D 4 HOH 17  617 43  HOH HOH A . 
D 4 HOH 18  618 88  HOH HOH A . 
D 4 HOH 19  619 47  HOH HOH A . 
D 4 HOH 20  620 93  HOH HOH A . 
D 4 HOH 21  621 35  HOH HOH A . 
D 4 HOH 22  622 85  HOH HOH A . 
D 4 HOH 23  623 62  HOH HOH A . 
D 4 HOH 24  624 14  HOH HOH A . 
D 4 HOH 25  625 89  HOH HOH A . 
D 4 HOH 26  626 33  HOH HOH A . 
D 4 HOH 27  627 11  HOH HOH A . 
D 4 HOH 28  628 95  HOH HOH A . 
D 4 HOH 29  629 18  HOH HOH A . 
D 4 HOH 30  630 17  HOH HOH A . 
D 4 HOH 31  631 10  HOH HOH A . 
D 4 HOH 32  632 8   HOH HOH A . 
D 4 HOH 33  633 76  HOH HOH A . 
D 4 HOH 34  634 74  HOH HOH A . 
D 4 HOH 35  635 52  HOH HOH A . 
D 4 HOH 36  636 3   HOH HOH A . 
D 4 HOH 37  637 65  HOH HOH A . 
D 4 HOH 38  638 22  HOH HOH A . 
D 4 HOH 39  639 46  HOH HOH A . 
D 4 HOH 40  640 7   HOH HOH A . 
D 4 HOH 41  641 77  HOH HOH A . 
D 4 HOH 42  642 19  HOH HOH A . 
D 4 HOH 43  643 26  HOH HOH A . 
D 4 HOH 44  644 114 HOH HOH A . 
D 4 HOH 45  645 63  HOH HOH A . 
D 4 HOH 46  646 97  HOH HOH A . 
D 4 HOH 47  647 103 HOH HOH A . 
D 4 HOH 48  648 61  HOH HOH A . 
D 4 HOH 49  649 1   HOH HOH A . 
D 4 HOH 50  650 60  HOH HOH A . 
D 4 HOH 51  651 57  HOH HOH A . 
D 4 HOH 52  652 15  HOH HOH A . 
D 4 HOH 53  653 21  HOH HOH A . 
D 4 HOH 54  654 56  HOH HOH A . 
D 4 HOH 55  655 44  HOH HOH A . 
D 4 HOH 56  656 86  HOH HOH A . 
D 4 HOH 57  657 98  HOH HOH A . 
D 4 HOH 58  658 113 HOH HOH A . 
D 4 HOH 59  659 25  HOH HOH A . 
D 4 HOH 60  660 96  HOH HOH A . 
D 4 HOH 61  661 12  HOH HOH A . 
D 4 HOH 62  662 70  HOH HOH A . 
D 4 HOH 63  663 29  HOH HOH A . 
D 4 HOH 64  664 109 HOH HOH A . 
D 4 HOH 65  665 119 HOH HOH A . 
D 4 HOH 66  666 34  HOH HOH A . 
D 4 HOH 67  667 39  HOH HOH A . 
D 4 HOH 68  668 54  HOH HOH A . 
D 4 HOH 69  669 94  HOH HOH A . 
D 4 HOH 70  670 41  HOH HOH A . 
D 4 HOH 71  671 99  HOH HOH A . 
D 4 HOH 72  672 5   HOH HOH A . 
D 4 HOH 73  673 31  HOH HOH A . 
D 4 HOH 74  674 13  HOH HOH A . 
D 4 HOH 75  675 37  HOH HOH A . 
D 4 HOH 76  676 67  HOH HOH A . 
D 4 HOH 77  677 48  HOH HOH A . 
D 4 HOH 78  678 51  HOH HOH A . 
D 4 HOH 79  679 66  HOH HOH A . 
D 4 HOH 80  680 83  HOH HOH A . 
D 4 HOH 81  681 80  HOH HOH A . 
D 4 HOH 82  682 81  HOH HOH A . 
D 4 HOH 83  683 30  HOH HOH A . 
D 4 HOH 84  684 16  HOH HOH A . 
D 4 HOH 85  685 42  HOH HOH A . 
D 4 HOH 86  686 28  HOH HOH A . 
D 4 HOH 87  687 58  HOH HOH A . 
D 4 HOH 88  688 24  HOH HOH A . 
D 4 HOH 89  689 53  HOH HOH A . 
D 4 HOH 90  690 50  HOH HOH A . 
D 4 HOH 91  691 78  HOH HOH A . 
D 4 HOH 92  692 45  HOH HOH A . 
D 4 HOH 93  693 73  HOH HOH A . 
D 4 HOH 94  694 55  HOH HOH A . 
D 4 HOH 95  695 36  HOH HOH A . 
D 4 HOH 96  696 110 HOH HOH A . 
D 4 HOH 97  697 91  HOH HOH A . 
D 4 HOH 98  698 111 HOH HOH A . 
D 4 HOH 99  699 112 HOH HOH A . 
D 4 HOH 100 700 87  HOH HOH A . 
D 4 HOH 101 701 71  HOH HOH A . 
D 4 HOH 102 702 64  HOH HOH A . 
D 4 HOH 103 703 118 HOH HOH A . 
D 4 HOH 104 704 116 HOH HOH A . 
D 4 HOH 105 705 20  HOH HOH A . 
D 4 HOH 106 706 105 HOH HOH A . 
D 4 HOH 107 707 9   HOH HOH A . 
D 4 HOH 108 708 38  HOH HOH A . 
D 4 HOH 109 709 90  HOH HOH A . 
D 4 HOH 110 710 27  HOH HOH A . 
D 4 HOH 111 711 72  HOH HOH A . 
D 4 HOH 112 712 101 HOH HOH A . 
# 
_pdbx_struct_assembly.id                   1 
_pdbx_struct_assembly.details              author_and_software_defined_assembly 
_pdbx_struct_assembly.method_details       PISA 
_pdbx_struct_assembly.oligomeric_details   monomeric 
_pdbx_struct_assembly.oligomeric_count     1 
# 
_pdbx_struct_assembly_gen.assembly_id       1 
_pdbx_struct_assembly_gen.oper_expression   1 
_pdbx_struct_assembly_gen.asym_id_list      A,B,C,D 
# 
loop_
_pdbx_struct_assembly_prop.biol_id 
_pdbx_struct_assembly_prop.type 
_pdbx_struct_assembly_prop.value 
_pdbx_struct_assembly_prop.details 
1 'ABSA (A^2)' 150  ? 
1 MORE         1    ? 
1 'SSA (A^2)'  6690 ? 
# 
_pdbx_struct_oper_list.id                   1 
_pdbx_struct_oper_list.type                 'identity operation' 
_pdbx_struct_oper_list.name                 1_555 
_pdbx_struct_oper_list.symmetry_operation   x,y,z 
_pdbx_struct_oper_list.matrix[1][1]         1.0000000000 
_pdbx_struct_oper_list.matrix[1][2]         0.0000000000 
_pdbx_struct_oper_list.matrix[1][3]         0.0000000000 
_pdbx_struct_oper_list.vector[1]            0.0000000000 
_pdbx_struct_oper_list.matrix[2][1]         0.0000000000 
_pdbx_struct_oper_list.matrix[2][2]         1.0000000000 
_pdbx_struct_oper_list.matrix[2][3]         0.0000000000 
_pdbx_struct_oper_list.vector[2]            0.0000000000 
_pdbx_struct_oper_list.matrix[3][1]         0.0000000000 
_pdbx_struct_oper_list.matrix[3][2]         0.0000000000 
_pdbx_struct_oper_list.matrix[3][3]         1.0000000000 
_pdbx_struct_oper_list.vector[3]            0.0000000000 
# 
_pdbx_struct_special_symmetry.id              1 
_pdbx_struct_special_symmetry.PDB_model_num   1 
_pdbx_struct_special_symmetry.auth_asym_id    A 
_pdbx_struct_special_symmetry.auth_comp_id    HOH 
_pdbx_struct_special_symmetry.auth_seq_id     603 
_pdbx_struct_special_symmetry.PDB_ins_code    ? 
_pdbx_struct_special_symmetry.label_asym_id   D 
_pdbx_struct_special_symmetry.label_comp_id   HOH 
_pdbx_struct_special_symmetry.label_seq_id    . 
# 
loop_
_pdbx_audit_revision_history.ordinal 
_pdbx_audit_revision_history.data_content_type 
_pdbx_audit_revision_history.major_revision 
_pdbx_audit_revision_history.minor_revision 
_pdbx_audit_revision_history.revision_date 
1 'Structure model' 1 0 2022-08-10 
2 'Structure model' 1 1 2023-11-29 
# 
_pdbx_audit_revision_details.ordinal             1 
_pdbx_audit_revision_details.revision_ordinal    1 
_pdbx_audit_revision_details.data_content_type   'Structure model' 
_pdbx_audit_revision_details.provider            repository 
_pdbx_audit_revision_details.type                'Initial release' 
_pdbx_audit_revision_details.description         ? 
_pdbx_audit_revision_details.details             ? 
# 
loop_
_pdbx_audit_revision_group.ordinal 
_pdbx_audit_revision_group.revision_ordinal 
_pdbx_audit_revision_group.data_content_type 
_pdbx_audit_revision_group.group 
1 2 'Structure model' 'Data collection'        
2 2 'Structure model' 'Refinement description' 
# 
loop_
_pdbx_audit_revision_category.ordinal 
_pdbx_audit_revision_category.revision_ordinal 
_pdbx_audit_revision_category.data_content_type 
_pdbx_audit_revision_category.category 
1 2 'Structure model' chem_comp_atom                
2 2 'Structure model' chem_comp_bond                
3 2 'Structure model' pdbx_initial_refinement_model 
# 
loop_
_software.citation_id 
_software.classification 
_software.compiler_name 
_software.compiler_version 
_software.contact_author 
_software.contact_author_email 
_software.date 
_software.description 
_software.dependencies 
_software.hardware 
_software.language 
_software.location 
_software.mods 
_software.name 
_software.os 
_software.os_version 
_software.type 
_software.version 
_software.pdbx_ordinal 
? 'data scaling'    ? ? ? ? ? ? ? ? ? ? ? Aimless     ? ? ? 0.5.32   1 
? refinement        ? ? ? ? ? ? ? ? ? ? ? REFMAC      ? ? ? 5.8.0189 2 
? 'data extraction' ? ? ? ? ? ? ? ? ? ? ? PDB_EXTRACT ? ? ? 3.27     3 
? 'data reduction'  ? ? ? ? ? ? ? ? ? ? ? iMOSFLM     ? ? ? .        4 
? phasing           ? ? ? ? ? ? ? ? ? ? ? MOLREP      ? ? ? .        5 
# 
_pdbx_entry_details.entry_id                 7WMU 
_pdbx_entry_details.has_ligand_of_interest   Y 
_pdbx_entry_details.compound_details         ? 
_pdbx_entry_details.source_details           ? 
_pdbx_entry_details.nonpolymer_details       ? 
_pdbx_entry_details.sequence_details         ? 
# 
_pdbx_validate_rmsd_angle.id                         1 
_pdbx_validate_rmsd_angle.PDB_model_num              1 
_pdbx_validate_rmsd_angle.auth_atom_id_1             NE 
_pdbx_validate_rmsd_angle.auth_asym_id_1             A 
_pdbx_validate_rmsd_angle.auth_comp_id_1             ARG 
_pdbx_validate_rmsd_angle.auth_seq_id_1              449 
_pdbx_validate_rmsd_angle.PDB_ins_code_1             ? 
_pdbx_validate_rmsd_angle.label_alt_id_1             ? 
_pdbx_validate_rmsd_angle.auth_atom_id_2             CZ 
_pdbx_validate_rmsd_angle.auth_asym_id_2             A 
_pdbx_validate_rmsd_angle.auth_comp_id_2             ARG 
_pdbx_validate_rmsd_angle.auth_seq_id_2              449 
_pdbx_validate_rmsd_angle.PDB_ins_code_2             ? 
_pdbx_validate_rmsd_angle.label_alt_id_2             ? 
_pdbx_validate_rmsd_angle.auth_atom_id_3             NH2 
_pdbx_validate_rmsd_angle.auth_asym_id_3             A 
_pdbx_validate_rmsd_angle.auth_comp_id_3             ARG 
_pdbx_validate_rmsd_angle.auth_seq_id_3              449 
_pdbx_validate_rmsd_angle.PDB_ins_code_3             ? 
_pdbx_validate_rmsd_angle.label_alt_id_3             ? 
_pdbx_validate_rmsd_angle.angle_value                123.42 
_pdbx_validate_rmsd_angle.angle_target_value         120.30 
_pdbx_validate_rmsd_angle.angle_deviation            3.12 
_pdbx_validate_rmsd_angle.angle_standard_deviation   0.50 
_pdbx_validate_rmsd_angle.linker_flag                N 
# 
loop_
_pdbx_unobs_or_zero_occ_atoms.id 
_pdbx_unobs_or_zero_occ_atoms.PDB_model_num 
_pdbx_unobs_or_zero_occ_atoms.polymer_flag 
_pdbx_unobs_or_zero_occ_atoms.occupancy_flag 
_pdbx_unobs_or_zero_occ_atoms.auth_asym_id 
_pdbx_unobs_or_zero_occ_atoms.auth_comp_id 
_pdbx_unobs_or_zero_occ_atoms.auth_seq_id 
_pdbx_unobs_or_zero_occ_atoms.PDB_ins_code 
_pdbx_unobs_or_zero_occ_atoms.auth_atom_id 
_pdbx_unobs_or_zero_occ_atoms.label_alt_id 
_pdbx_unobs_or_zero_occ_atoms.label_asym_id 
_pdbx_unobs_or_zero_occ_atoms.label_comp_id 
_pdbx_unobs_or_zero_occ_atoms.label_seq_id 
_pdbx_unobs_or_zero_occ_atoms.label_atom_id 
1 1 Y 1 A ARG 409 ? CZ  ? A ARG 90 CZ  
2 1 Y 1 A ARG 409 ? NH1 ? A ARG 90 NH1 
3 1 Y 1 A ARG 409 ? NH2 ? A ARG 90 NH2 
# 
loop_
_pdbx_unobs_or_zero_occ_residues.id 
_pdbx_unobs_or_zero_occ_residues.PDB_model_num 
_pdbx_unobs_or_zero_occ_residues.polymer_flag 
_pdbx_unobs_or_zero_occ_residues.occupancy_flag 
_pdbx_unobs_or_zero_occ_residues.auth_asym_id 
_pdbx_unobs_or_zero_occ_residues.auth_comp_id 
_pdbx_unobs_or_zero_occ_residues.auth_seq_id 
_pdbx_unobs_or_zero_occ_residues.PDB_ins_code 
_pdbx_unobs_or_zero_occ_residues.label_asym_id 
_pdbx_unobs_or_zero_occ_residues.label_comp_id 
_pdbx_unobs_or_zero_occ_residues.label_seq_id 
1  1 Y 1 A GLU 320 ? A GLU 1  
2  1 Y 1 A GLY 321 ? A GLY 2  
3  1 Y 1 A ASP 322 ? A ASP 3  
4  1 Y 1 A ILE 323 ? A ILE 4  
5  1 Y 1 A HIS 324 ? A HIS 5  
6  1 Y 1 A MET 325 ? A MET 6  
7  1 Y 1 A LYS 326 ? A LYS 7  
8  1 Y 1 A LYS 327 ? A LYS 8  
9  1 Y 1 A GLY 328 ? A GLY 9  
10 1 Y 1 A HIS 329 ? A HIS 10 
11 1 Y 1 A HIS 330 ? A HIS 11 
12 1 Y 1 A HIS 331 ? A HIS 12 
13 1 Y 1 A HIS 332 ? A HIS 13 
14 1 Y 1 A HIS 333 ? A HIS 14 
15 1 Y 1 A HIS 334 ? A HIS 15 
16 1 Y 1 A GLU 335 ? A GLU 16 
17 1 Y 1 A ASN 336 ? A ASN 17 
18 1 Y 1 A LEU 337 ? A LEU 18 
19 1 Y 1 A TYR 338 ? A TYR 19 
20 1 Y 1 A PHE 339 ? A PHE 20 
21 1 Y 1 A GLN 340 ? A GLN 21 
22 1 Y 1 A GLY 341 ? A GLY 22 
23 1 Y 1 A GLY 342 ? A GLY 23 
24 1 Y 1 A SER 343 ? A SER 24 
# 
loop_
_chem_comp_atom.comp_id 
_chem_comp_atom.atom_id 
_chem_comp_atom.type_symbol 
_chem_comp_atom.pdbx_aromatic_flag 
_chem_comp_atom.pdbx_stereo_config 
_chem_comp_atom.pdbx_ordinal 
ALA N    N N N 1   
ALA CA   C N S 2   
ALA C    C N N 3   
ALA O    O N N 4   
ALA CB   C N N 5   
ALA OXT  O N N 6   
ALA H    H N N 7   
ALA H2   H N N 8   
ALA HA   H N N 9   
ALA HB1  H N N 10  
ALA HB2  H N N 11  
ALA HB3  H N N 12  
ALA HXT  H N N 13  
ARG N    N N N 14  
ARG CA   C N S 15  
ARG C    C N N 16  
ARG O    O N N 17  
ARG CB   C N N 18  
ARG CG   C N N 19  
ARG CD   C N N 20  
ARG NE   N N N 21  
ARG CZ   C N N 22  
ARG NH1  N N N 23  
ARG NH2  N N N 24  
ARG OXT  O N N 25  
ARG H    H N N 26  
ARG H2   H N N 27  
ARG HA   H N N 28  
ARG HB2  H N N 29  
ARG HB3  H N N 30  
ARG HG2  H N N 31  
ARG HG3  H N N 32  
ARG HD2  H N N 33  
ARG HD3  H N N 34  
ARG HE   H N N 35  
ARG HH11 H N N 36  
ARG HH12 H N N 37  
ARG HH21 H N N 38  
ARG HH22 H N N 39  
ARG HXT  H N N 40  
ASN N    N N N 41  
ASN CA   C N S 42  
ASN C    C N N 43  
ASN O    O N N 44  
ASN CB   C N N 45  
ASN CG   C N N 46  
ASN OD1  O N N 47  
ASN ND2  N N N 48  
ASN OXT  O N N 49  
ASN H    H N N 50  
ASN H2   H N N 51  
ASN HA   H N N 52  
ASN HB2  H N N 53  
ASN HB3  H N N 54  
ASN HD21 H N N 55  
ASN HD22 H N N 56  
ASN HXT  H N N 57  
ASP N    N N N 58  
ASP CA   C N S 59  
ASP C    C N N 60  
ASP O    O N N 61  
ASP CB   C N N 62  
ASP CG   C N N 63  
ASP OD1  O N N 64  
ASP OD2  O N N 65  
ASP OXT  O N N 66  
ASP H    H N N 67  
ASP H2   H N N 68  
ASP HA   H N N 69  
ASP HB2  H N N 70  
ASP HB3  H N N 71  
ASP HD2  H N N 72  
ASP HXT  H N N 73  
CYS N    N N N 74  
CYS CA   C N R 75  
CYS C    C N N 76  
CYS O    O N N 77  
CYS CB   C N N 78  
CYS SG   S N N 79  
CYS OXT  O N N 80  
CYS H    H N N 81  
CYS H2   H N N 82  
CYS HA   H N N 83  
CYS HB2  H N N 84  
CYS HB3  H N N 85  
CYS HG   H N N 86  
CYS HXT  H N N 87  
EDO C1   C N N 88  
EDO O1   O N N 89  
EDO C2   C N N 90  
EDO O2   O N N 91  
EDO H11  H N N 92  
EDO H12  H N N 93  
EDO HO1  H N N 94  
EDO H21  H N N 95  
EDO H22  H N N 96  
EDO HO2  H N N 97  
GLN N    N N N 98  
GLN CA   C N S 99  
GLN C    C N N 100 
GLN O    O N N 101 
GLN CB   C N N 102 
GLN CG   C N N 103 
GLN CD   C N N 104 
GLN OE1  O N N 105 
GLN NE2  N N N 106 
GLN OXT  O N N 107 
GLN H    H N N 108 
GLN H2   H N N 109 
GLN HA   H N N 110 
GLN HB2  H N N 111 
GLN HB3  H N N 112 
GLN HG2  H N N 113 
GLN HG3  H N N 114 
GLN HE21 H N N 115 
GLN HE22 H N N 116 
GLN HXT  H N N 117 
GLU N    N N N 118 
GLU CA   C N S 119 
GLU C    C N N 120 
GLU O    O N N 121 
GLU CB   C N N 122 
GLU CG   C N N 123 
GLU CD   C N N 124 
GLU OE1  O N N 125 
GLU OE2  O N N 126 
GLU OXT  O N N 127 
GLU H    H N N 128 
GLU H2   H N N 129 
GLU HA   H N N 130 
GLU HB2  H N N 131 
GLU HB3  H N N 132 
GLU HG2  H N N 133 
GLU HG3  H N N 134 
GLU HE2  H N N 135 
GLU HXT  H N N 136 
GLY N    N N N 137 
GLY CA   C N N 138 
GLY C    C N N 139 
GLY O    O N N 140 
GLY OXT  O N N 141 
GLY H    H N N 142 
GLY H2   H N N 143 
GLY HA2  H N N 144 
GLY HA3  H N N 145 
GLY HXT  H N N 146 
HIS N    N N N 147 
HIS CA   C N S 148 
HIS C    C N N 149 
HIS O    O N N 150 
HIS CB   C N N 151 
HIS CG   C Y N 152 
HIS ND1  N Y N 153 
HIS CD2  C Y N 154 
HIS CE1  C Y N 155 
HIS NE2  N Y N 156 
HIS OXT  O N N 157 
HIS H    H N N 158 
HIS H2   H N N 159 
HIS HA   H N N 160 
HIS HB2  H N N 161 
HIS HB3  H N N 162 
HIS HD1  H N N 163 
HIS HD2  H N N 164 
HIS HE1  H N N 165 
HIS HE2  H N N 166 
HIS HXT  H N N 167 
HOH O    O N N 168 
HOH H1   H N N 169 
HOH H2   H N N 170 
ILE N    N N N 171 
ILE CA   C N S 172 
ILE C    C N N 173 
ILE O    O N N 174 
ILE CB   C N S 175 
ILE CG1  C N N 176 
ILE CG2  C N N 177 
ILE CD1  C N N 178 
ILE OXT  O N N 179 
ILE H    H N N 180 
ILE H2   H N N 181 
ILE HA   H N N 182 
ILE HB   H N N 183 
ILE HG12 H N N 184 
ILE HG13 H N N 185 
ILE HG21 H N N 186 
ILE HG22 H N N 187 
ILE HG23 H N N 188 
ILE HD11 H N N 189 
ILE HD12 H N N 190 
ILE HD13 H N N 191 
ILE HXT  H N N 192 
JGF FBO  F N N 193 
JGF CBI  C Y N 194 
JGF CBJ  C Y N 195 
JGF CBK  C Y N 196 
JGF FBN  F N N 197 
JGF CBL  C Y N 198 
JGF CBM  C Y N 199 
JGF CAV  C Y N 200 
JGF OAU  O N N 201 
JGF CAT  C Y N 202 
JGF CAS  C Y N 203 
JGF CAR  C Y N 204 
JGF CAQ  C Y N 205 
JGF NAW  N N N 206 
JGF SAX  S N N 207 
JGF OAY  O N N 208 
JGF OAZ  O N N 209 
JGF CBA  C N N 210 
JGF CBB  C N N 211 
JGF CAP  C Y N 212 
JGF CAJ  C Y N 213 
JGF CAF  C N N 214 
JGF CAE  C N N 215 
JGF NAD  N N N 216 
JGF CBC  C N N 217 
JGF CAC  C N N 218 
JGF OBD  O N N 219 
JGF CAB  C Y N 220 
JGF CAI  C Y N 221 
JGF CAA  C Y N 222 
JGF OAG  O Y N 223 
JGF CAH  C Y N 224 
JGF CAK  C Y N 225 
JGF NAO  N Y N 226 
JGF CAL  C Y N 227 
JGF NAM  N Y N 228 
JGF CAN  C Y N 229 
JGF CBE  C N N 230 
JGF CBF  C N N 231 
JGF CBG  C N N 232 
JGF CBH  C N N 233 
JGF H1   H N N 234 
JGF H2   H N N 235 
JGF H3   H N N 236 
JGF H4   H N N 237 
JGF H5   H N N 238 
JGF H6   H N N 239 
JGF H7   H N N 240 
JGF H8   H N N 241 
JGF H9   H N N 242 
JGF H10  H N N 243 
JGF H11  H N N 244 
JGF H12  H N N 245 
JGF H13  H N N 246 
JGF H14  H N N 247 
JGF H15  H N N 248 
JGF H16  H N N 249 
JGF H17  H N N 250 
JGF H18  H N N 251 
JGF H19  H N N 252 
JGF H21  H N N 253 
JGF H22  H N N 254 
JGF H23  H N N 255 
JGF H24  H N N 256 
JGF H25  H N N 257 
JGF H26  H N N 258 
JGF H27  H N N 259 
LEU N    N N N 260 
LEU CA   C N S 261 
LEU C    C N N 262 
LEU O    O N N 263 
LEU CB   C N N 264 
LEU CG   C N N 265 
LEU CD1  C N N 266 
LEU CD2  C N N 267 
LEU OXT  O N N 268 
LEU H    H N N 269 
LEU H2   H N N 270 
LEU HA   H N N 271 
LEU HB2  H N N 272 
LEU HB3  H N N 273 
LEU HG   H N N 274 
LEU HD11 H N N 275 
LEU HD12 H N N 276 
LEU HD13 H N N 277 
LEU HD21 H N N 278 
LEU HD22 H N N 279 
LEU HD23 H N N 280 
LEU HXT  H N N 281 
LYS N    N N N 282 
LYS CA   C N S 283 
LYS C    C N N 284 
LYS O    O N N 285 
LYS CB   C N N 286 
LYS CG   C N N 287 
LYS CD   C N N 288 
LYS CE   C N N 289 
LYS NZ   N N N 290 
LYS OXT  O N N 291 
LYS H    H N N 292 
LYS H2   H N N 293 
LYS HA   H N N 294 
LYS HB2  H N N 295 
LYS HB3  H N N 296 
LYS HG2  H N N 297 
LYS HG3  H N N 298 
LYS HD2  H N N 299 
LYS HD3  H N N 300 
LYS HE2  H N N 301 
LYS HE3  H N N 302 
LYS HZ1  H N N 303 
LYS HZ2  H N N 304 
LYS HZ3  H N N 305 
LYS HXT  H N N 306 
MET N    N N N 307 
MET CA   C N S 308 
MET C    C N N 309 
MET O    O N N 310 
MET CB   C N N 311 
MET CG   C N N 312 
MET SD   S N N 313 
MET CE   C N N 314 
MET OXT  O N N 315 
MET H    H N N 316 
MET H2   H N N 317 
MET HA   H N N 318 
MET HB2  H N N 319 
MET HB3  H N N 320 
MET HG2  H N N 321 
MET HG3  H N N 322 
MET HE1  H N N 323 
MET HE2  H N N 324 
MET HE3  H N N 325 
MET HXT  H N N 326 
PHE N    N N N 327 
PHE CA   C N S 328 
PHE C    C N N 329 
PHE O    O N N 330 
PHE CB   C N N 331 
PHE CG   C Y N 332 
PHE CD1  C Y N 333 
PHE CD2  C Y N 334 
PHE CE1  C Y N 335 
PHE CE2  C Y N 336 
PHE CZ   C Y N 337 
PHE OXT  O N N 338 
PHE H    H N N 339 
PHE H2   H N N 340 
PHE HA   H N N 341 
PHE HB2  H N N 342 
PHE HB3  H N N 343 
PHE HD1  H N N 344 
PHE HD2  H N N 345 
PHE HE1  H N N 346 
PHE HE2  H N N 347 
PHE HZ   H N N 348 
PHE HXT  H N N 349 
PRO N    N N N 350 
PRO CA   C N S 351 
PRO C    C N N 352 
PRO O    O N N 353 
PRO CB   C N N 354 
PRO CG   C N N 355 
PRO CD   C N N 356 
PRO OXT  O N N 357 
PRO H    H N N 358 
PRO HA   H N N 359 
PRO HB2  H N N 360 
PRO HB3  H N N 361 
PRO HG2  H N N 362 
PRO HG3  H N N 363 
PRO HD2  H N N 364 
PRO HD3  H N N 365 
PRO HXT  H N N 366 
SER N    N N N 367 
SER CA   C N S 368 
SER C    C N N 369 
SER O    O N N 370 
SER CB   C N N 371 
SER OG   O N N 372 
SER OXT  O N N 373 
SER H    H N N 374 
SER H2   H N N 375 
SER HA   H N N 376 
SER HB2  H N N 377 
SER HB3  H N N 378 
SER HG   H N N 379 
SER HXT  H N N 380 
THR N    N N N 381 
THR CA   C N S 382 
THR C    C N N 383 
THR O    O N N 384 
THR CB   C N R 385 
THR OG1  O N N 386 
THR CG2  C N N 387 
THR OXT  O N N 388 
THR H    H N N 389 
THR H2   H N N 390 
THR HA   H N N 391 
THR HB   H N N 392 
THR HG1  H N N 393 
THR HG21 H N N 394 
THR HG22 H N N 395 
THR HG23 H N N 396 
THR HXT  H N N 397 
TRP N    N N N 398 
TRP CA   C N S 399 
TRP C    C N N 400 
TRP O    O N N 401 
TRP CB   C N N 402 
TRP CG   C Y N 403 
TRP CD1  C Y N 404 
TRP CD2  C Y N 405 
TRP NE1  N Y N 406 
TRP CE2  C Y N 407 
TRP CE3  C Y N 408 
TRP CZ2  C Y N 409 
TRP CZ3  C Y N 410 
TRP CH2  C Y N 411 
TRP OXT  O N N 412 
TRP H    H N N 413 
TRP H2   H N N 414 
TRP HA   H N N 415 
TRP HB2  H N N 416 
TRP HB3  H N N 417 
TRP HD1  H N N 418 
TRP HE1  H N N 419 
TRP HE3  H N N 420 
TRP HZ2  H N N 421 
TRP HZ3  H N N 422 
TRP HH2  H N N 423 
TRP HXT  H N N 424 
TYR N    N N N 425 
TYR CA   C N S 426 
TYR C    C N N 427 
TYR O    O N N 428 
TYR CB   C N N 429 
TYR CG   C Y N 430 
TYR CD1  C Y N 431 
TYR CD2  C Y N 432 
TYR CE1  C Y N 433 
TYR CE2  C Y N 434 
TYR CZ   C Y N 435 
TYR OH   O N N 436 
TYR OXT  O N N 437 
TYR H    H N N 438 
TYR H2   H N N 439 
TYR HA   H N N 440 
TYR HB2  H N N 441 
TYR HB3  H N N 442 
TYR HD1  H N N 443 
TYR HD2  H N N 444 
TYR HE1  H N N 445 
TYR HE2  H N N 446 
TYR HH   H N N 447 
TYR HXT  H N N 448 
VAL N    N N N 449 
VAL CA   C N S 450 
VAL C    C N N 451 
VAL O    O N N 452 
VAL CB   C N N 453 
VAL CG1  C N N 454 
VAL CG2  C N N 455 
VAL OXT  O N N 456 
VAL H    H N N 457 
VAL H2   H N N 458 
VAL HA   H N N 459 
VAL HB   H N N 460 
VAL HG11 H N N 461 
VAL HG12 H N N 462 
VAL HG13 H N N 463 
VAL HG21 H N N 464 
VAL HG22 H N N 465 
VAL HG23 H N N 466 
VAL HXT  H N N 467 
# 
loop_
_chem_comp_bond.comp_id 
_chem_comp_bond.atom_id_1 
_chem_comp_bond.atom_id_2 
_chem_comp_bond.value_order 
_chem_comp_bond.pdbx_aromatic_flag 
_chem_comp_bond.pdbx_stereo_config 
_chem_comp_bond.pdbx_ordinal 
ALA N   CA   sing N N 1   
ALA N   H    sing N N 2   
ALA N   H2   sing N N 3   
ALA CA  C    sing N N 4   
ALA CA  CB   sing N N 5   
ALA CA  HA   sing N N 6   
ALA C   O    doub N N 7   
ALA C   OXT  sing N N 8   
ALA CB  HB1  sing N N 9   
ALA CB  HB2  sing N N 10  
ALA CB  HB3  sing N N 11  
ALA OXT HXT  sing N N 12  
ARG N   CA   sing N N 13  
ARG N   H    sing N N 14  
ARG N   H2   sing N N 15  
ARG CA  C    sing N N 16  
ARG CA  CB   sing N N 17  
ARG CA  HA   sing N N 18  
ARG C   O    doub N N 19  
ARG C   OXT  sing N N 20  
ARG CB  CG   sing N N 21  
ARG CB  HB2  sing N N 22  
ARG CB  HB3  sing N N 23  
ARG CG  CD   sing N N 24  
ARG CG  HG2  sing N N 25  
ARG CG  HG3  sing N N 26  
ARG CD  NE   sing N N 27  
ARG CD  HD2  sing N N 28  
ARG CD  HD3  sing N N 29  
ARG NE  CZ   sing N N 30  
ARG NE  HE   sing N N 31  
ARG CZ  NH1  sing N N 32  
ARG CZ  NH2  doub N N 33  
ARG NH1 HH11 sing N N 34  
ARG NH1 HH12 sing N N 35  
ARG NH2 HH21 sing N N 36  
ARG NH2 HH22 sing N N 37  
ARG OXT HXT  sing N N 38  
ASN N   CA   sing N N 39  
ASN N   H    sing N N 40  
ASN N   H2   sing N N 41  
ASN CA  C    sing N N 42  
ASN CA  CB   sing N N 43  
ASN CA  HA   sing N N 44  
ASN C   O    doub N N 45  
ASN C   OXT  sing N N 46  
ASN CB  CG   sing N N 47  
ASN CB  HB2  sing N N 48  
ASN CB  HB3  sing N N 49  
ASN CG  OD1  doub N N 50  
ASN CG  ND2  sing N N 51  
ASN ND2 HD21 sing N N 52  
ASN ND2 HD22 sing N N 53  
ASN OXT HXT  sing N N 54  
ASP N   CA   sing N N 55  
ASP N   H    sing N N 56  
ASP N   H2   sing N N 57  
ASP CA  C    sing N N 58  
ASP CA  CB   sing N N 59  
ASP CA  HA   sing N N 60  
ASP C   O    doub N N 61  
ASP C   OXT  sing N N 62  
ASP CB  CG   sing N N 63  
ASP CB  HB2  sing N N 64  
ASP CB  HB3  sing N N 65  
ASP CG  OD1  doub N N 66  
ASP CG  OD2  sing N N 67  
ASP OD2 HD2  sing N N 68  
ASP OXT HXT  sing N N 69  
CYS N   CA   sing N N 70  
CYS N   H    sing N N 71  
CYS N   H2   sing N N 72  
CYS CA  C    sing N N 73  
CYS CA  CB   sing N N 74  
CYS CA  HA   sing N N 75  
CYS C   O    doub N N 76  
CYS C   OXT  sing N N 77  
CYS CB  SG   sing N N 78  
CYS CB  HB2  sing N N 79  
CYS CB  HB3  sing N N 80  
CYS SG  HG   sing N N 81  
CYS OXT HXT  sing N N 82  
EDO C1  O1   sing N N 83  
EDO C1  C2   sing N N 84  
EDO C1  H11  sing N N 85  
EDO C1  H12  sing N N 86  
EDO O1  HO1  sing N N 87  
EDO C2  O2   sing N N 88  
EDO C2  H21  sing N N 89  
EDO C2  H22  sing N N 90  
EDO O2  HO2  sing N N 91  
GLN N   CA   sing N N 92  
GLN N   H    sing N N 93  
GLN N   H2   sing N N 94  
GLN CA  C    sing N N 95  
GLN CA  CB   sing N N 96  
GLN CA  HA   sing N N 97  
GLN C   O    doub N N 98  
GLN C   OXT  sing N N 99  
GLN CB  CG   sing N N 100 
GLN CB  HB2  sing N N 101 
GLN CB  HB3  sing N N 102 
GLN CG  CD   sing N N 103 
GLN CG  HG2  sing N N 104 
GLN CG  HG3  sing N N 105 
GLN CD  OE1  doub N N 106 
GLN CD  NE2  sing N N 107 
GLN NE2 HE21 sing N N 108 
GLN NE2 HE22 sing N N 109 
GLN OXT HXT  sing N N 110 
GLU N   CA   sing N N 111 
GLU N   H    sing N N 112 
GLU N   H2   sing N N 113 
GLU CA  C    sing N N 114 
GLU CA  CB   sing N N 115 
GLU CA  HA   sing N N 116 
GLU C   O    doub N N 117 
GLU C   OXT  sing N N 118 
GLU CB  CG   sing N N 119 
GLU CB  HB2  sing N N 120 
GLU CB  HB3  sing N N 121 
GLU CG  CD   sing N N 122 
GLU CG  HG2  sing N N 123 
GLU CG  HG3  sing N N 124 
GLU CD  OE1  doub N N 125 
GLU CD  OE2  sing N N 126 
GLU OE2 HE2  sing N N 127 
GLU OXT HXT  sing N N 128 
GLY N   CA   sing N N 129 
GLY N   H    sing N N 130 
GLY N   H2   sing N N 131 
GLY CA  C    sing N N 132 
GLY CA  HA2  sing N N 133 
GLY CA  HA3  sing N N 134 
GLY C   O    doub N N 135 
GLY C   OXT  sing N N 136 
GLY OXT HXT  sing N N 137 
HIS N   CA   sing N N 138 
HIS N   H    sing N N 139 
HIS N   H2   sing N N 140 
HIS CA  C    sing N N 141 
HIS CA  CB   sing N N 142 
HIS CA  HA   sing N N 143 
HIS C   O    doub N N 144 
HIS C   OXT  sing N N 145 
HIS CB  CG   sing N N 146 
HIS CB  HB2  sing N N 147 
HIS CB  HB3  sing N N 148 
HIS CG  ND1  sing Y N 149 
HIS CG  CD2  doub Y N 150 
HIS ND1 CE1  doub Y N 151 
HIS ND1 HD1  sing N N 152 
HIS CD2 NE2  sing Y N 153 
HIS CD2 HD2  sing N N 154 
HIS CE1 NE2  sing Y N 155 
HIS CE1 HE1  sing N N 156 
HIS NE2 HE2  sing N N 157 
HIS OXT HXT  sing N N 158 
HOH O   H1   sing N N 159 
HOH O   H2   sing N N 160 
ILE N   CA   sing N N 161 
ILE N   H    sing N N 162 
ILE N   H2   sing N N 163 
ILE CA  C    sing N N 164 
ILE CA  CB   sing N N 165 
ILE CA  HA   sing N N 166 
ILE C   O    doub N N 167 
ILE C   OXT  sing N N 168 
ILE CB  CG1  sing N N 169 
ILE CB  CG2  sing N N 170 
ILE CB  HB   sing N N 171 
ILE CG1 CD1  sing N N 172 
ILE CG1 HG12 sing N N 173 
ILE CG1 HG13 sing N N 174 
ILE CG2 HG21 sing N N 175 
ILE CG2 HG22 sing N N 176 
ILE CG2 HG23 sing N N 177 
ILE CD1 HD11 sing N N 178 
ILE CD1 HD12 sing N N 179 
ILE CD1 HD13 sing N N 180 
ILE OXT HXT  sing N N 181 
JGF CBF CBE  sing N N 182 
JGF CBF CBG  sing N N 183 
JGF CBE CAN  sing N N 184 
JGF CBE CBH  sing N N 185 
JGF CBG CBH  sing N N 186 
JGF NAM CAN  doub Y N 187 
JGF NAM CAL  sing Y N 188 
JGF CAN NAO  sing Y N 189 
JGF CAL CAK  doub Y N 190 
JGF NAO CAK  sing Y N 191 
JGF OAZ SAX  doub N N 192 
JGF CAK CAH  sing N N 193 
JGF FBO CBI  sing N N 194 
JGF OAY SAX  doub N N 195 
JGF SAX NAW  sing N N 196 
JGF SAX CBA  sing N N 197 
JGF NAW CAQ  sing N N 198 
JGF CAH OAG  sing Y N 199 
JGF CAH CAI  doub Y N 200 
JGF CBJ CBI  sing Y N 201 
JGF CBJ CBK  doub Y N 202 
JGF OAG CAA  sing Y N 203 
JGF CAR CAQ  doub Y N 204 
JGF CAR CAS  sing Y N 205 
JGF CBI CAV  doub Y N 206 
JGF CAQ CAP  sing Y N 207 
JGF CAS CAT  doub Y N 208 
JGF CAI CAB  sing Y N 209 
JGF CAP CAJ  doub Y N 210 
JGF FBN CBK  sing N N 211 
JGF CAT CAJ  sing Y N 212 
JGF CAT OAU  sing N N 213 
JGF CAA CAB  doub Y N 214 
JGF CAA CAF  sing N N 215 
JGF CBK CBL  sing Y N 216 
JGF CAJ CAF  sing N N 217 
JGF CBA CBB  sing N N 218 
JGF CAV OAU  sing N N 219 
JGF CAV CBM  sing Y N 220 
JGF CAB CAC  sing N N 221 
JGF CAF CAE  doub N N 222 
JGF CBL CBM  doub Y N 223 
JGF CAC OBD  doub N N 224 
JGF CAC NAD  sing N N 225 
JGF CAE NAD  sing N N 226 
JGF NAD CBC  sing N N 227 
JGF CBJ H1   sing N N 228 
JGF CBL H2   sing N N 229 
JGF CBM H3   sing N N 230 
JGF CAS H4   sing N N 231 
JGF CAR H5   sing N N 232 
JGF NAW H6   sing N N 233 
JGF CBA H7   sing N N 234 
JGF CBA H8   sing N N 235 
JGF CBB H9   sing N N 236 
JGF CBB H10  sing N N 237 
JGF CBB H11  sing N N 238 
JGF CAP H12  sing N N 239 
JGF CAE H13  sing N N 240 
JGF CBC H14  sing N N 241 
JGF CBC H15  sing N N 242 
JGF CBC H16  sing N N 243 
JGF CAI H17  sing N N 244 
JGF NAO H18  sing N N 245 
JGF CAL H19  sing N N 246 
JGF CBE H21  sing N N 247 
JGF CBF H22  sing N N 248 
JGF CBF H23  sing N N 249 
JGF CBG H24  sing N N 250 
JGF CBG H25  sing N N 251 
JGF CBH H26  sing N N 252 
JGF CBH H27  sing N N 253 
LEU N   CA   sing N N 254 
LEU N   H    sing N N 255 
LEU N   H2   sing N N 256 
LEU CA  C    sing N N 257 
LEU CA  CB   sing N N 258 
LEU CA  HA   sing N N 259 
LEU C   O    doub N N 260 
LEU C   OXT  sing N N 261 
LEU CB  CG   sing N N 262 
LEU CB  HB2  sing N N 263 
LEU CB  HB3  sing N N 264 
LEU CG  CD1  sing N N 265 
LEU CG  CD2  sing N N 266 
LEU CG  HG   sing N N 267 
LEU CD1 HD11 sing N N 268 
LEU CD1 HD12 sing N N 269 
LEU CD1 HD13 sing N N 270 
LEU CD2 HD21 sing N N 271 
LEU CD2 HD22 sing N N 272 
LEU CD2 HD23 sing N N 273 
LEU OXT HXT  sing N N 274 
LYS N   CA   sing N N 275 
LYS N   H    sing N N 276 
LYS N   H2   sing N N 277 
LYS CA  C    sing N N 278 
LYS CA  CB   sing N N 279 
LYS CA  HA   sing N N 280 
LYS C   O    doub N N 281 
LYS C   OXT  sing N N 282 
LYS CB  CG   sing N N 283 
LYS CB  HB2  sing N N 284 
LYS CB  HB3  sing N N 285 
LYS CG  CD   sing N N 286 
LYS CG  HG2  sing N N 287 
LYS CG  HG3  sing N N 288 
LYS CD  CE   sing N N 289 
LYS CD  HD2  sing N N 290 
LYS CD  HD3  sing N N 291 
LYS CE  NZ   sing N N 292 
LYS CE  HE2  sing N N 293 
LYS CE  HE3  sing N N 294 
LYS NZ  HZ1  sing N N 295 
LYS NZ  HZ2  sing N N 296 
LYS NZ  HZ3  sing N N 297 
LYS OXT HXT  sing N N 298 
MET N   CA   sing N N 299 
MET N   H    sing N N 300 
MET N   H2   sing N N 301 
MET CA  C    sing N N 302 
MET CA  CB   sing N N 303 
MET CA  HA   sing N N 304 
MET C   O    doub N N 305 
MET C   OXT  sing N N 306 
MET CB  CG   sing N N 307 
MET CB  HB2  sing N N 308 
MET CB  HB3  sing N N 309 
MET CG  SD   sing N N 310 
MET CG  HG2  sing N N 311 
MET CG  HG3  sing N N 312 
MET SD  CE   sing N N 313 
MET CE  HE1  sing N N 314 
MET CE  HE2  sing N N 315 
MET CE  HE3  sing N N 316 
MET OXT HXT  sing N N 317 
PHE N   CA   sing N N 318 
PHE N   H    sing N N 319 
PHE N   H2   sing N N 320 
PHE CA  C    sing N N 321 
PHE CA  CB   sing N N 322 
PHE CA  HA   sing N N 323 
PHE C   O    doub N N 324 
PHE C   OXT  sing N N 325 
PHE CB  CG   sing N N 326 
PHE CB  HB2  sing N N 327 
PHE CB  HB3  sing N N 328 
PHE CG  CD1  doub Y N 329 
PHE CG  CD2  sing Y N 330 
PHE CD1 CE1  sing Y N 331 
PHE CD1 HD1  sing N N 332 
PHE CD2 CE2  doub Y N 333 
PHE CD2 HD2  sing N N 334 
PHE CE1 CZ   doub Y N 335 
PHE CE1 HE1  sing N N 336 
PHE CE2 CZ   sing Y N 337 
PHE CE2 HE2  sing N N 338 
PHE CZ  HZ   sing N N 339 
PHE OXT HXT  sing N N 340 
PRO N   CA   sing N N 341 
PRO N   CD   sing N N 342 
PRO N   H    sing N N 343 
PRO CA  C    sing N N 344 
PRO CA  CB   sing N N 345 
PRO CA  HA   sing N N 346 
PRO C   O    doub N N 347 
PRO C   OXT  sing N N 348 
PRO CB  CG   sing N N 349 
PRO CB  HB2  sing N N 350 
PRO CB  HB3  sing N N 351 
PRO CG  CD   sing N N 352 
PRO CG  HG2  sing N N 353 
PRO CG  HG3  sing N N 354 
PRO CD  HD2  sing N N 355 
PRO CD  HD3  sing N N 356 
PRO OXT HXT  sing N N 357 
SER N   CA   sing N N 358 
SER N   H    sing N N 359 
SER N   H2   sing N N 360 
SER CA  C    sing N N 361 
SER CA  CB   sing N N 362 
SER CA  HA   sing N N 363 
SER C   O    doub N N 364 
SER C   OXT  sing N N 365 
SER CB  OG   sing N N 366 
SER CB  HB2  sing N N 367 
SER CB  HB3  sing N N 368 
SER OG  HG   sing N N 369 
SER OXT HXT  sing N N 370 
THR N   CA   sing N N 371 
THR N   H    sing N N 372 
THR N   H2   sing N N 373 
THR CA  C    sing N N 374 
THR CA  CB   sing N N 375 
THR CA  HA   sing N N 376 
THR C   O    doub N N 377 
THR C   OXT  sing N N 378 
THR CB  OG1  sing N N 379 
THR CB  CG2  sing N N 380 
THR CB  HB   sing N N 381 
THR OG1 HG1  sing N N 382 
THR CG2 HG21 sing N N 383 
THR CG2 HG22 sing N N 384 
THR CG2 HG23 sing N N 385 
THR OXT HXT  sing N N 386 
TRP N   CA   sing N N 387 
TRP N   H    sing N N 388 
TRP N   H2   sing N N 389 
TRP CA  C    sing N N 390 
TRP CA  CB   sing N N 391 
TRP CA  HA   sing N N 392 
TRP C   O    doub N N 393 
TRP C   OXT  sing N N 394 
TRP CB  CG   sing N N 395 
TRP CB  HB2  sing N N 396 
TRP CB  HB3  sing N N 397 
TRP CG  CD1  doub Y N 398 
TRP CG  CD2  sing Y N 399 
TRP CD1 NE1  sing Y N 400 
TRP CD1 HD1  sing N N 401 
TRP CD2 CE2  doub Y N 402 
TRP CD2 CE3  sing Y N 403 
TRP NE1 CE2  sing Y N 404 
TRP NE1 HE1  sing N N 405 
TRP CE2 CZ2  sing Y N 406 
TRP CE3 CZ3  doub Y N 407 
TRP CE3 HE3  sing N N 408 
TRP CZ2 CH2  doub Y N 409 
TRP CZ2 HZ2  sing N N 410 
TRP CZ3 CH2  sing Y N 411 
TRP CZ3 HZ3  sing N N 412 
TRP CH2 HH2  sing N N 413 
TRP OXT HXT  sing N N 414 
TYR N   CA   sing N N 415 
TYR N   H    sing N N 416 
TYR N   H2   sing N N 417 
TYR CA  C    sing N N 418 
TYR CA  CB   sing N N 419 
TYR CA  HA   sing N N 420 
TYR C   O    doub N N 421 
TYR C   OXT  sing N N 422 
TYR CB  CG   sing N N 423 
TYR CB  HB2  sing N N 424 
TYR CB  HB3  sing N N 425 
TYR CG  CD1  doub Y N 426 
TYR CG  CD2  sing Y N 427 
TYR CD1 CE1  sing Y N 428 
TYR CD1 HD1  sing N N 429 
TYR CD2 CE2  doub Y N 430 
TYR CD2 HD2  sing N N 431 
TYR CE1 CZ   doub Y N 432 
TYR CE1 HE1  sing N N 433 
TYR CE2 CZ   sing Y N 434 
TYR CE2 HE2  sing N N 435 
TYR CZ  OH   sing N N 436 
TYR OH  HH   sing N N 437 
TYR OXT HXT  sing N N 438 
VAL N   CA   sing N N 439 
VAL N   H    sing N N 440 
VAL N   H2   sing N N 441 
VAL CA  C    sing N N 442 
VAL CA  CB   sing N N 443 
VAL CA  HA   sing N N 444 
VAL C   O    doub N N 445 
VAL C   OXT  sing N N 446 
VAL CB  CG1  sing N N 447 
VAL CB  CG2  sing N N 448 
VAL CB  HB   sing N N 449 
VAL CG1 HG11 sing N N 450 
VAL CG1 HG12 sing N N 451 
VAL CG1 HG13 sing N N 452 
VAL CG2 HG21 sing N N 453 
VAL CG2 HG22 sing N N 454 
VAL CG2 HG23 sing N N 455 
VAL OXT HXT  sing N N 456 
# 
_pdbx_audit_support.funding_organization   'National Natural Science Foundation of China (NSFC)' 
_pdbx_audit_support.country                China 
_pdbx_audit_support.grant_number           81673357 
_pdbx_audit_support.ordinal                1 
# 
_pdbx_entity_instance_feature.ordinal        1 
_pdbx_entity_instance_feature.comp_id        JGF 
_pdbx_entity_instance_feature.asym_id        ? 
_pdbx_entity_instance_feature.seq_num        ? 
_pdbx_entity_instance_feature.auth_comp_id   JGF 
_pdbx_entity_instance_feature.auth_asym_id   ? 
_pdbx_entity_instance_feature.auth_seq_num   ? 
_pdbx_entity_instance_feature.feature_type   'SUBJECT OF INVESTIGATION' 
_pdbx_entity_instance_feature.details        ? 
# 
loop_
_pdbx_entity_nonpoly.entity_id 
_pdbx_entity_nonpoly.name 
_pdbx_entity_nonpoly.comp_id 
2 
;~{N}-[4-[2,4-bis(fluoranyl)phenoxy]-3-[2-(2-cyclobutyl-1~{H}-imidazol-5-yl)-5-methyl-4-oxidanylidene-furo[3,2-c]pyridin-7-yl]phenyl]ethanesulfonamide
;
JGF 
3 1,2-ETHANEDIOL EDO 
4 water HOH 
# 
_pdbx_initial_refinement_model.id               1 
_pdbx_initial_refinement_model.entity_id_list   ? 
_pdbx_initial_refinement_model.type             'experimental model' 
_pdbx_initial_refinement_model.source_name      PDB 
_pdbx_initial_refinement_model.accession_code   4QEW 
_pdbx_initial_refinement_model.details          ? 
# 
_pdbx_struct_assembly_auth_evidence.id                     1 
_pdbx_struct_assembly_auth_evidence.assembly_id            1 
_pdbx_struct_assembly_auth_evidence.experimental_support   none 
_pdbx_struct_assembly_auth_evidence.details                ? 
# 
